data_6EJ4
#
_entry.id   6EJ4
#
_cell.length_a   88.150
_cell.length_b   88.190
_cell.length_c   229.200
_cell.angle_alpha   90.00
_cell.angle_beta   90.00
_cell.angle_gamma   90.00
#
_symmetry.space_group_name_H-M   'P 21 21 21'
#
loop_
_entity.id
_entity.type
_entity.pdbx_description
1 polymer 'Dual specificity tyrosine-phosphorylation-regulated kinase 1A'
2 non-polymer 3-(3-pyridin-3-yl-1~{H}-pyrrolo[2,3-b]pyridin-5-yl)aniline
3 water water
#
_entity_poly.entity_id   1
_entity_poly.type   'polypeptide(L)'
_entity_poly.pdbx_seq_one_letter_code
;GASDSSHKKERKVYNDGYDDDNYDYIVKNGEKWMDRYEIDSLIGKGSFGQVVKAYDRVEQEWVAIKIIKNKKAFLNQAQI
EVRLLELMNKHDTEMKYYIVHLKRHFMFRNHLCLVFEMLSYNLYDLLRNTNFRGVSLNLTRKFAQQMCTALLFLATPELS
IIHCDLKPENILLCNPKRSAIKIVDFGSSCQLGQRIYQ(PTR)IQSRFYRSPEVLLGMPYDLAIDMWSLGCILVEMHTGE
PLFSGANEVDQMNKIVEVLGIPPAHILDQAPKARKFFEKLPDGTWNLKKTKDGKREYKPPGTRKLHNILGVETGGPGGRR
AGESGHTVADYLKFKDLILRMLDYDPKTRIQPYYALQHSFFKKTADEGTNTS
;
_entity_poly.pdbx_strand_id   A,B,C,D
#
loop_
_chem_comp.id
_chem_comp.type
_chem_comp.name
_chem_comp.formula
B7W non-polymer 3-(3-pyridin-3-yl-1~{H}-pyrrolo[2,3-b]pyridin-5-yl)aniline 'C18 H14 N4'
#
# COMPACT_ATOMS: atom_id res chain seq x y z
N LYS A 12 -33.37 10.72 -10.68
CA LYS A 12 -34.37 9.75 -11.21
C LYS A 12 -33.71 8.39 -11.51
N VAL A 13 -33.10 8.25 -12.69
CA VAL A 13 -32.53 6.97 -13.15
C VAL A 13 -30.99 7.01 -13.05
N TYR A 14 -30.43 6.08 -12.27
CA TYR A 14 -28.98 6.07 -11.94
C TYR A 14 -28.27 4.91 -12.62
N ASN A 15 -27.15 5.22 -13.30
CA ASN A 15 -26.30 4.26 -14.00
C ASN A 15 -27.06 3.63 -15.17
N ASP A 16 -27.61 4.51 -16.01
CA ASP A 16 -28.49 4.13 -17.14
C ASP A 16 -29.68 3.23 -16.70
N GLY A 17 -30.20 3.46 -15.50
CA GLY A 17 -31.32 2.67 -14.96
C GLY A 17 -31.06 1.20 -14.67
N TYR A 18 -29.80 0.84 -14.47
CA TYR A 18 -29.42 -0.50 -14.01
C TYR A 18 -29.42 -0.57 -12.47
N ASP A 19 -29.14 0.55 -11.79
CA ASP A 19 -28.99 0.58 -10.34
C ASP A 19 -30.15 1.27 -9.63
N ASP A 20 -30.38 0.88 -8.38
CA ASP A 20 -31.40 1.51 -7.52
C ASP A 20 -30.79 2.49 -6.50
N ASP A 21 -31.67 3.20 -5.79
CA ASP A 21 -31.35 4.14 -4.69
C ASP A 21 -30.19 3.74 -3.75
N ASN A 22 -30.02 2.44 -3.51
CA ASN A 22 -28.87 1.93 -2.71
C ASN A 22 -27.64 1.55 -3.53
N TYR A 23 -27.54 2.05 -4.78
CA TYR A 23 -26.44 1.72 -5.69
C TYR A 23 -26.31 0.22 -6.02
N ASP A 24 -27.35 -0.57 -5.75
CA ASP A 24 -27.33 -2.02 -5.96
C ASP A 24 -27.84 -2.30 -7.37
N TYR A 25 -27.23 -3.26 -8.06
CA TYR A 25 -27.72 -3.71 -9.36
C TYR A 25 -29.06 -4.42 -9.16
N ILE A 26 -30.10 -3.98 -9.88
CA ILE A 26 -31.40 -4.65 -9.80
C ILE A 26 -31.33 -6.00 -10.53
N VAL A 27 -31.61 -7.08 -9.81
CA VAL A 27 -31.52 -8.41 -10.39
C VAL A 27 -32.79 -8.73 -11.21
N LYS A 28 -32.58 -9.35 -12.37
CA LYS A 28 -33.64 -9.83 -13.25
C LYS A 28 -33.41 -11.32 -13.50
N ASN A 29 -34.22 -12.15 -12.86
CA ASN A 29 -34.13 -13.62 -12.99
C ASN A 29 -34.26 -14.02 -14.46
N GLY A 30 -33.22 -14.67 -15.01
CA GLY A 30 -33.20 -15.10 -16.41
C GLY A 30 -32.20 -14.36 -17.28
N GLU A 31 -31.91 -13.10 -16.93
CA GLU A 31 -30.93 -12.29 -17.65
C GLU A 31 -29.56 -12.99 -17.76
N LYS A 32 -29.08 -13.10 -19.00
CA LYS A 32 -27.77 -13.63 -19.31
C LYS A 32 -26.77 -12.49 -19.31
N TRP A 33 -25.56 -12.72 -18.78
CA TRP A 33 -24.44 -11.76 -18.90
C TRP A 33 -23.31 -12.31 -19.77
N MET A 34 -22.71 -11.44 -20.60
CA MET A 34 -21.46 -11.70 -21.35
C MET A 34 -21.40 -13.02 -22.13
N ASP A 35 -22.55 -13.46 -22.64
CA ASP A 35 -22.66 -14.78 -23.27
C ASP A 35 -22.00 -15.87 -22.41
N ARG A 36 -22.19 -15.78 -21.09
CA ARG A 36 -21.55 -16.70 -20.13
C ARG A 36 -22.47 -17.09 -18.96
N TYR A 37 -22.72 -16.15 -18.04
CA TYR A 37 -23.47 -16.41 -16.82
C TYR A 37 -24.98 -16.27 -17.07
N GLU A 38 -25.76 -17.18 -16.52
CA GLU A 38 -27.22 -17.20 -16.67
C GLU A 38 -27.83 -17.05 -15.27
N ILE A 39 -28.35 -15.86 -14.96
CA ILE A 39 -28.77 -15.53 -13.58
C ILE A 39 -30.10 -16.21 -13.21
N ASP A 40 -30.04 -17.13 -12.25
CA ASP A 40 -31.21 -17.81 -11.71
C ASP A 40 -32.05 -16.87 -10.85
N SER A 41 -31.48 -16.40 -9.76
CA SER A 41 -32.20 -15.51 -8.83
C SER A 41 -31.24 -14.82 -7.86
N LEU A 42 -31.81 -13.99 -6.98
CA LEU A 42 -31.13 -13.43 -5.81
C LEU A 42 -31.31 -14.37 -4.60
N ILE A 43 -30.26 -14.51 -3.78
CA ILE A 43 -30.30 -15.38 -2.58
C ILE A 43 -29.84 -14.75 -1.27
N GLY A 44 -28.97 -13.75 -1.34
CA GLY A 44 -28.69 -12.89 -0.19
C GLY A 44 -28.34 -11.47 -0.60
N LYS A 45 -28.55 -10.54 0.31
CA LYS A 45 -28.00 -9.19 0.20
C LYS A 45 -27.29 -8.82 1.50
N GLY A 46 -26.58 -7.68 1.50
CA GLY A 46 -25.81 -7.25 2.67
C GLY A 46 -25.42 -5.78 2.58
N SER A 47 -24.47 -5.37 3.41
CA SER A 47 -23.89 -4.04 3.28
C SER A 47 -23.12 -3.97 1.96
N PHE A 48 -22.22 -4.94 1.76
CA PHE A 48 -21.42 -5.08 0.54
C PHE A 48 -22.17 -4.92 -0.78
N GLY A 49 -23.41 -5.44 -0.85
CA GLY A 49 -24.23 -5.39 -2.07
C GLY A 49 -25.22 -6.55 -2.14
N GLN A 50 -24.99 -7.49 -3.07
CA GLN A 50 -25.89 -8.63 -3.30
C GLN A 50 -25.18 -9.90 -3.79
N VAL A 51 -25.81 -11.05 -3.54
CA VAL A 51 -25.28 -12.36 -3.92
C VAL A 51 -26.37 -13.13 -4.67
N VAL A 52 -26.11 -13.42 -5.94
CA VAL A 52 -27.08 -14.06 -6.83
C VAL A 52 -26.76 -15.53 -7.01
N LYS A 53 -27.68 -16.26 -7.63
CA LYS A 53 -27.47 -17.64 -8.08
C LYS A 53 -27.39 -17.59 -9.60
N ALA A 54 -26.41 -18.29 -10.19
CA ALA A 54 -26.18 -18.18 -11.62
C ALA A 54 -25.39 -19.35 -12.17
N TYR A 55 -25.85 -19.89 -13.31
CA TYR A 55 -25.18 -20.98 -14.03
C TYR A 55 -24.09 -20.38 -14.92
N ASP A 56 -22.90 -21.01 -14.93
CA ASP A 56 -21.77 -20.60 -15.78
C ASP A 56 -21.72 -21.59 -16.94
N ARG A 57 -21.85 -21.11 -18.18
CA ARG A 57 -21.85 -22.00 -19.36
C ARG A 57 -20.47 -22.41 -19.87
N VAL A 58 -19.41 -21.72 -19.44
CA VAL A 58 -18.06 -22.06 -19.91
C VAL A 58 -17.53 -23.27 -19.14
N GLU A 59 -17.65 -23.22 -17.82
CA GLU A 59 -17.25 -24.35 -16.96
C GLU A 59 -18.40 -25.33 -16.80
N GLN A 60 -19.62 -24.83 -16.85
CA GLN A 60 -20.82 -25.64 -16.72
C GLN A 60 -20.93 -26.10 -15.29
N GLU A 61 -21.32 -25.15 -14.45
CA GLU A 61 -21.80 -25.43 -13.11
C GLU A 61 -22.58 -24.25 -12.58
N TRP A 62 -23.19 -24.44 -11.42
CA TRP A 62 -23.78 -23.36 -10.68
C TRP A 62 -22.69 -22.62 -9.94
N VAL A 63 -22.78 -21.29 -9.95
CA VAL A 63 -21.88 -20.44 -9.15
C VAL A 63 -22.69 -19.38 -8.42
N ALA A 64 -22.16 -18.91 -7.30
CA ALA A 64 -22.68 -17.76 -6.59
C ALA A 64 -21.80 -16.57 -6.95
N ILE A 65 -22.40 -15.55 -7.58
CA ILE A 65 -21.69 -14.31 -7.94
C ILE A 65 -22.04 -13.20 -6.94
N LYS A 66 -21.05 -12.77 -6.16
CA LYS A 66 -21.22 -11.64 -5.24
C LYS A 66 -21.20 -10.32 -6.04
N ILE A 67 -22.36 -9.68 -6.19
CA ILE A 67 -22.45 -8.38 -6.86
C ILE A 67 -22.16 -7.29 -5.84
N ILE A 68 -21.14 -6.47 -6.12
CA ILE A 68 -20.77 -5.36 -5.24
C ILE A 68 -21.49 -4.11 -5.71
N LYS A 69 -21.85 -3.23 -4.78
CA LYS A 69 -22.56 -1.99 -5.10
C LYS A 69 -21.68 -1.05 -5.92
N ASN A 70 -22.29 -0.37 -6.90
CA ASN A 70 -21.60 0.62 -7.73
C ASN A 70 -21.38 1.87 -6.89
N LYS A 71 -20.36 1.81 -6.05
CA LYS A 71 -19.94 2.96 -5.26
C LYS A 71 -18.55 2.70 -4.74
N LYS A 72 -17.76 3.78 -4.66
CA LYS A 72 -16.32 3.68 -4.49
C LYS A 72 -15.90 2.98 -3.19
N ALA A 73 -16.58 3.29 -2.08
CA ALA A 73 -16.23 2.71 -0.78
C ALA A 73 -16.39 1.19 -0.76
N PHE A 74 -17.50 0.72 -1.33
CA PHE A 74 -17.79 -0.72 -1.43
C PHE A 74 -16.91 -1.41 -2.47
N LEU A 75 -16.66 -0.73 -3.59
CA LEU A 75 -15.70 -1.19 -4.60
C LEU A 75 -14.30 -1.38 -4.02
N ASN A 76 -13.88 -0.46 -3.14
CA ASN A 76 -12.55 -0.52 -2.53
C ASN A 76 -12.34 -1.69 -1.58
N GLN A 77 -13.27 -1.90 -0.64
CA GLN A 77 -13.09 -2.98 0.35
C GLN A 77 -13.31 -4.37 -0.28
N ALA A 78 -14.18 -4.44 -1.28
CA ALA A 78 -14.33 -5.64 -2.09
C ALA A 78 -13.04 -5.97 -2.83
N GLN A 79 -12.31 -4.93 -3.24
CA GLN A 79 -11.00 -5.08 -3.89
C GLN A 79 -9.93 -5.63 -2.91
N ILE A 80 -9.99 -5.24 -1.64
CA ILE A 80 -9.11 -5.83 -0.61
C ILE A 80 -9.41 -7.33 -0.45
N GLU A 81 -10.69 -7.66 -0.33
CA GLU A 81 -11.13 -9.03 -0.19
C GLU A 81 -10.67 -9.89 -1.37
N VAL A 82 -10.78 -9.36 -2.58
CA VAL A 82 -10.32 -10.05 -3.79
C VAL A 82 -8.82 -10.30 -3.75
N ARG A 83 -8.08 -9.34 -3.21
CA ARG A 83 -6.65 -9.51 -2.98
C ARG A 83 -6.42 -10.70 -2.05
N LEU A 84 -7.08 -10.70 -0.90
CA LEU A 84 -6.86 -11.72 0.14
C LEU A 84 -7.23 -13.14 -0.25
N LEU A 85 -8.32 -13.28 -1.00
CA LEU A 85 -8.80 -14.58 -1.51
C LEU A 85 -7.84 -15.15 -2.53
N GLU A 86 -7.52 -14.36 -3.56
CA GLU A 86 -6.51 -14.74 -4.56
C GLU A 86 -5.24 -15.24 -3.87
N LEU A 87 -4.77 -14.47 -2.89
CA LEU A 87 -3.60 -14.80 -2.05
C LEU A 87 -3.69 -16.18 -1.36
N MET A 88 -4.89 -16.52 -0.87
CA MET A 88 -5.17 -17.85 -0.30
C MET A 88 -5.22 -18.96 -1.36
N ASN A 89 -5.65 -18.62 -2.57
CA ASN A 89 -5.64 -19.58 -3.69
C ASN A 89 -4.21 -19.93 -4.16
N LYS A 90 -3.22 -19.09 -3.86
CA LYS A 90 -1.79 -19.39 -4.13
C LYS A 90 -1.26 -20.52 -3.23
N HIS A 91 -1.60 -20.48 -1.94
CA HIS A 91 -1.26 -21.56 -1.02
C HIS A 91 -2.19 -22.75 -1.21
N ASP A 92 -3.50 -22.47 -1.12
CA ASP A 92 -4.55 -23.50 -1.25
C ASP A 92 -4.64 -24.03 -2.70
N THR A 93 -4.07 -25.22 -2.92
CA THR A 93 -3.96 -25.84 -4.25
C THR A 93 -5.03 -26.92 -4.49
N GLU A 94 -5.27 -27.76 -3.48
CA GLU A 94 -6.17 -28.92 -3.58
C GLU A 94 -7.47 -28.72 -2.79
N MET A 95 -7.92 -27.47 -2.63
CA MET A 95 -9.11 -27.10 -1.82
C MET A 95 -9.36 -27.99 -0.59
N LYS A 96 -8.37 -28.03 0.29
CA LYS A 96 -8.36 -28.91 1.46
C LYS A 96 -8.08 -28.17 2.76
N TYR A 97 -8.34 -26.84 2.79
CA TYR A 97 -8.29 -26.05 4.03
C TYR A 97 -9.59 -25.25 4.27
N TYR A 98 -10.70 -25.74 3.69
CA TYR A 98 -12.06 -25.32 4.07
C TYR A 98 -12.31 -23.80 4.02
N ILE A 99 -11.82 -23.19 2.94
CA ILE A 99 -12.12 -21.80 2.58
C ILE A 99 -12.95 -21.83 1.30
N VAL A 100 -13.91 -20.91 1.17
CA VAL A 100 -14.70 -20.82 -0.06
C VAL A 100 -13.85 -20.25 -1.20
N HIS A 101 -13.91 -20.94 -2.35
CA HIS A 101 -13.01 -20.68 -3.46
C HIS A 101 -13.50 -19.52 -4.32
N LEU A 102 -12.65 -18.50 -4.46
CA LEU A 102 -12.84 -17.45 -5.46
C LEU A 102 -12.36 -18.02 -6.80
N LYS A 103 -13.22 -17.96 -7.82
CA LYS A 103 -12.96 -18.63 -9.10
C LYS A 103 -12.37 -17.63 -10.09
N ARG A 104 -13.09 -16.54 -10.29
CA ARG A 104 -12.61 -15.40 -11.07
C ARG A 104 -13.41 -14.17 -10.68
N HIS A 105 -13.04 -13.02 -11.25
CA HIS A 105 -13.73 -11.75 -11.01
C HIS A 105 -13.63 -10.86 -12.24
N PHE A 106 -14.69 -10.09 -12.47
CA PHE A 106 -14.83 -9.25 -13.65
C PHE A 106 -15.71 -8.06 -13.30
N MET A 107 -15.72 -7.09 -14.22
CA MET A 107 -16.57 -5.90 -14.13
C MET A 107 -17.78 -6.05 -15.06
N PHE A 108 -18.97 -5.87 -14.51
CA PHE A 108 -20.19 -5.90 -15.30
C PHE A 108 -21.05 -4.69 -14.94
N ARG A 109 -21.19 -3.77 -15.90
CA ARG A 109 -22.04 -2.60 -15.77
C ARG A 109 -21.64 -1.77 -14.53
N ASN A 110 -20.34 -1.53 -14.39
CA ASN A 110 -19.75 -0.79 -13.26
C ASN A 110 -20.03 -1.43 -11.90
N HIS A 111 -19.88 -2.76 -11.82
CA HIS A 111 -19.91 -3.47 -10.54
C HIS A 111 -18.80 -4.50 -10.53
N LEU A 112 -18.04 -4.56 -9.43
CA LEU A 112 -17.12 -5.67 -9.20
C LEU A 112 -17.97 -6.89 -8.90
N CYS A 113 -17.81 -7.95 -9.69
CA CYS A 113 -18.52 -9.20 -9.47
C CYS A 113 -17.52 -10.26 -9.10
N LEU A 114 -17.77 -10.97 -8.01
CA LEU A 114 -16.90 -12.07 -7.58
C LEU A 114 -17.65 -13.38 -7.82
N VAL A 115 -17.09 -14.28 -8.62
CA VAL A 115 -17.68 -15.61 -8.84
C VAL A 115 -17.05 -16.58 -7.85
N PHE A 116 -17.91 -17.18 -7.02
CA PHE A 116 -17.51 -18.20 -6.03
C PHE A 116 -18.05 -19.56 -6.43
N GLU A 117 -17.63 -20.60 -5.71
CA GLU A 117 -18.27 -21.92 -5.84
C GLU A 117 -19.59 -21.91 -5.06
N MET A 118 -20.61 -22.54 -5.64
CA MET A 118 -21.98 -22.51 -5.10
C MET A 118 -22.09 -23.53 -3.98
N LEU A 119 -22.84 -23.17 -2.94
CA LEU A 119 -22.86 -23.98 -1.71
C LEU A 119 -24.26 -24.09 -1.12
N SER A 120 -24.44 -25.06 -0.22
CA SER A 120 -25.71 -25.23 0.47
C SER A 120 -25.85 -24.21 1.59
N TYR A 121 -27.02 -24.18 2.21
CA TYR A 121 -27.35 -23.29 3.34
C TYR A 121 -26.27 -23.10 4.44
N ASN A 122 -26.27 -21.91 5.07
CA ASN A 122 -25.38 -21.62 6.20
C ASN A 122 -25.79 -22.33 7.49
N LEU A 123 -24.91 -22.30 8.49
CA LEU A 123 -25.16 -23.01 9.76
C LEU A 123 -26.25 -22.35 10.61
N TYR A 124 -26.57 -21.09 10.34
CA TYR A 124 -27.73 -20.46 10.96
C TYR A 124 -29.04 -21.10 10.43
N ASP A 125 -29.07 -21.49 9.15
CA ASP A 125 -30.21 -22.24 8.59
C ASP A 125 -30.31 -23.64 9.20
N LEU A 126 -29.16 -24.31 9.34
CA LEU A 126 -29.12 -25.65 9.95
C LEU A 126 -29.65 -25.63 11.38
N LEU A 127 -29.18 -24.67 12.18
CA LEU A 127 -29.72 -24.43 13.53
C LEU A 127 -31.22 -24.17 13.53
N ARG A 128 -31.68 -23.34 12.61
CA ARG A 128 -33.10 -23.03 12.49
C ARG A 128 -33.92 -24.26 12.11
N ASN A 129 -33.38 -25.12 11.25
CA ASN A 129 -34.11 -26.32 10.82
C ASN A 129 -34.37 -27.31 11.96
N THR A 130 -33.57 -27.25 13.03
CA THR A 130 -33.84 -27.99 14.29
C THR A 130 -34.59 -27.15 15.36
N ASN A 131 -35.16 -26.01 14.94
CA ASN A 131 -35.80 -25.04 15.84
C ASN A 131 -35.01 -24.74 17.08
N PHE A 132 -33.78 -24.28 16.83
CA PHE A 132 -32.84 -23.78 17.83
C PHE A 132 -32.65 -24.70 19.03
N ARG A 133 -32.32 -25.94 18.71
CA ARG A 133 -32.00 -26.97 19.70
C ARG A 133 -30.78 -27.81 19.29
N GLY A 134 -29.99 -27.33 18.33
CA GLY A 134 -28.68 -27.89 18.03
C GLY A 134 -28.68 -29.25 17.36
N VAL A 135 -27.48 -29.77 17.15
CA VAL A 135 -27.27 -31.07 16.51
C VAL A 135 -26.22 -31.89 17.24
N SER A 136 -26.09 -33.16 16.85
CA SER A 136 -25.15 -34.12 17.46
C SER A 136 -23.79 -33.54 17.83
N LEU A 137 -23.32 -33.99 18.98
CA LEU A 137 -21.94 -33.82 19.39
C LEU A 137 -21.01 -34.36 18.30
N ASN A 138 -21.38 -35.50 17.74
CA ASN A 138 -20.66 -36.14 16.63
C ASN A 138 -20.42 -35.20 15.45
N LEU A 139 -21.48 -34.47 15.08
CA LEU A 139 -21.38 -33.45 14.05
C LEU A 139 -20.58 -32.21 14.55
N THR A 140 -20.87 -31.73 15.76
CA THR A 140 -20.09 -30.63 16.34
C THR A 140 -18.55 -30.88 16.30
N ARG A 141 -18.13 -32.11 16.58
CA ARG A 141 -16.73 -32.52 16.40
C ARG A 141 -16.24 -32.42 14.95
N LYS A 142 -17.02 -32.92 13.98
CA LYS A 142 -16.66 -32.81 12.57
C LYS A 142 -16.47 -31.34 12.17
N PHE A 143 -17.44 -30.48 12.50
CA PHE A 143 -17.36 -29.04 12.19
C PHE A 143 -16.18 -28.36 12.86
N ALA A 144 -15.84 -28.76 14.09
CA ALA A 144 -14.75 -28.14 14.82
C ALA A 144 -13.41 -28.48 14.18
N GLN A 145 -13.16 -29.77 13.98
CA GLN A 145 -11.95 -30.25 13.30
C GLN A 145 -11.72 -29.45 12.02
N GLN A 146 -12.75 -29.44 11.15
CA GLN A 146 -12.74 -28.72 9.87
C GLN A 146 -12.47 -27.20 10.02
N MET A 147 -13.10 -26.58 11.01
CA MET A 147 -12.87 -25.16 11.34
C MET A 147 -11.52 -24.90 12.05
N CYS A 148 -11.05 -25.85 12.84
CA CYS A 148 -9.71 -25.70 13.42
C CYS A 148 -8.67 -25.66 12.27
N THR A 149 -8.75 -26.57 11.30
CA THR A 149 -7.72 -26.63 10.24
C THR A 149 -7.77 -25.33 9.40
N ALA A 150 -8.98 -24.90 9.05
CA ALA A 150 -9.16 -23.63 8.33
C ALA A 150 -8.42 -22.49 9.02
N LEU A 151 -8.51 -22.44 10.35
CA LEU A 151 -7.82 -21.41 11.15
C LEU A 151 -6.32 -21.60 11.08
N LEU A 152 -5.86 -22.82 11.38
CA LEU A 152 -4.45 -23.23 11.19
C LEU A 152 -3.90 -22.70 9.86
N PHE A 153 -4.67 -22.87 8.79
CA PHE A 153 -4.27 -22.42 7.44
C PHE A 153 -4.15 -20.89 7.39
N LEU A 154 -5.15 -20.18 7.93
CA LEU A 154 -5.12 -18.71 8.02
C LEU A 154 -3.90 -18.17 8.80
N ALA A 155 -3.43 -18.96 9.77
CA ALA A 155 -2.28 -18.60 10.59
C ALA A 155 -0.91 -18.97 10.00
N THR A 156 -0.87 -19.56 8.79
CA THR A 156 0.42 -19.69 8.09
C THR A 156 0.99 -18.27 7.98
N PRO A 157 2.29 -18.12 8.29
CA PRO A 157 2.83 -16.74 8.45
C PRO A 157 2.63 -15.79 7.27
N GLU A 158 2.65 -16.32 6.03
CA GLU A 158 2.54 -15.50 4.82
C GLU A 158 1.17 -14.89 4.69
N LEU A 159 0.19 -15.59 5.26
CA LEU A 159 -1.19 -15.18 5.20
C LEU A 159 -1.46 -14.34 6.43
N SER A 160 -1.44 -14.95 7.62
CA SER A 160 -1.77 -14.27 8.90
C SER A 160 -3.07 -13.48 8.80
N ILE A 161 -4.10 -14.13 8.25
CA ILE A 161 -5.37 -13.46 7.96
C ILE A 161 -6.35 -13.67 9.11
N ILE A 162 -6.88 -12.57 9.63
CA ILE A 162 -7.94 -12.61 10.64
C ILE A 162 -9.27 -12.39 9.97
N HIS A 163 -10.16 -13.38 10.05
CA HIS A 163 -11.48 -13.25 9.48
C HIS A 163 -12.24 -12.04 10.08
N CYS A 164 -12.23 -11.95 11.41
CA CYS A 164 -12.86 -10.84 12.15
C CYS A 164 -14.42 -10.84 12.13
N ASP A 165 -15.05 -11.96 11.72
CA ASP A 165 -16.52 -12.05 11.69
C ASP A 165 -17.08 -13.49 11.56
N LEU A 166 -16.54 -14.44 12.33
CA LEU A 166 -17.07 -15.81 12.31
C LEU A 166 -18.35 -15.92 13.17
N LYS A 167 -19.41 -16.35 12.52
CA LYS A 167 -20.68 -16.67 13.17
C LYS A 167 -21.34 -17.75 12.32
N PRO A 168 -22.40 -18.40 12.83
CA PRO A 168 -23.13 -19.36 11.99
C PRO A 168 -23.46 -18.84 10.59
N GLU A 169 -23.82 -17.56 10.51
CA GLU A 169 -24.10 -16.85 9.25
C GLU A 169 -23.00 -16.97 8.16
N ASN A 170 -21.73 -17.10 8.56
CA ASN A 170 -20.58 -17.11 7.61
C ASN A 170 -19.90 -18.49 7.40
N ILE A 171 -20.56 -19.57 7.82
CA ILE A 171 -20.05 -20.94 7.61
C ILE A 171 -21.10 -21.76 6.83
N LEU A 172 -20.81 -22.10 5.57
CA LEU A 172 -21.73 -22.89 4.73
C LEU A 172 -21.36 -24.35 4.62
N LEU A 173 -22.36 -25.16 4.30
CA LEU A 173 -22.17 -26.56 3.96
C LEU A 173 -21.90 -26.67 2.46
N CYS A 174 -20.99 -27.58 2.08
CA CYS A 174 -20.76 -27.85 0.65
C CYS A 174 -21.98 -28.53 0.07
N ASN A 175 -22.19 -29.79 0.45
CA ASN A 175 -23.32 -30.59 -0.03
C ASN A 175 -24.44 -30.48 1.02
N PRO A 176 -25.72 -30.52 0.58
CA PRO A 176 -26.81 -30.57 1.56
C PRO A 176 -26.99 -31.95 2.24
N LYS A 177 -26.39 -33.00 1.65
CA LYS A 177 -26.36 -34.35 2.25
C LYS A 177 -24.93 -34.74 2.71
N ARG A 178 -24.12 -33.75 3.07
CA ARG A 178 -22.75 -34.02 3.54
C ARG A 178 -22.27 -32.93 4.51
N SER A 179 -21.44 -33.31 5.47
CA SER A 179 -20.99 -32.43 6.56
C SER A 179 -19.76 -31.57 6.24
N ALA A 180 -19.28 -31.60 4.99
CA ALA A 180 -18.10 -30.83 4.59
C ALA A 180 -18.44 -29.34 4.45
N ILE A 181 -17.83 -28.51 5.29
CA ILE A 181 -18.13 -27.07 5.33
C ILE A 181 -17.05 -26.19 4.70
N LYS A 182 -17.36 -24.90 4.57
CA LYS A 182 -16.41 -23.86 4.13
C LYS A 182 -16.75 -22.57 4.86
N ILE A 183 -15.85 -21.59 4.80
CA ILE A 183 -16.01 -20.27 5.44
C ILE A 183 -16.20 -19.23 4.34
N VAL A 184 -17.01 -18.20 4.59
CA VAL A 184 -17.16 -17.04 3.68
C VAL A 184 -17.05 -15.70 4.38
N ASP A 185 -17.07 -14.65 3.56
CA ASP A 185 -17.16 -13.25 3.95
C ASP A 185 -15.85 -12.79 4.54
N PHE A 186 -14.89 -12.56 3.66
CA PHE A 186 -13.60 -11.96 4.01
C PHE A 186 -13.59 -10.46 3.70
N GLY A 187 -14.76 -9.87 3.56
CA GLY A 187 -14.89 -8.46 3.23
C GLY A 187 -14.58 -7.53 4.38
N SER A 188 -14.76 -8.00 5.61
CA SER A 188 -14.37 -7.24 6.82
C SER A 188 -13.25 -7.99 7.57
N SER A 189 -12.24 -8.43 6.82
CA SER A 189 -11.18 -9.30 7.34
C SER A 189 -9.82 -8.72 6.97
N CYS A 190 -9.00 -8.46 7.97
CA CYS A 190 -7.68 -7.83 7.82
C CYS A 190 -6.56 -8.82 8.09
N GLN A 191 -5.33 -8.43 7.79
CA GLN A 191 -4.15 -9.22 8.18
C GLN A 191 -3.57 -8.67 9.49
N LEU A 192 -2.73 -9.47 10.13
CA LEU A 192 -2.04 -9.09 11.37
C LEU A 192 -1.21 -7.81 11.15
N GLY A 193 -1.23 -6.92 12.12
CA GLY A 193 -0.61 -5.60 11.97
C GLY A 193 -1.12 -4.58 12.97
N GLN A 194 -0.54 -3.39 12.92
CA GLN A 194 -0.95 -2.25 13.76
C GLN A 194 -2.47 -2.03 13.76
N ARG A 195 -3.01 -1.67 14.92
CA ARG A 195 -4.47 -1.65 15.14
C ARG A 195 -5.20 -0.49 14.41
N ILE A 196 -5.95 -0.83 13.35
CA ILE A 196 -6.71 0.15 12.56
C ILE A 196 -8.11 0.39 13.14
N TYR A 197 -8.89 -0.70 13.28
CA TYR A 197 -10.26 -0.63 13.83
C TYR A 197 -10.30 -1.09 15.30
N GLN A 198 -11.29 -0.64 16.06
CA GLN A 198 -11.65 -1.24 17.36
C GLN A 198 -13.00 -1.97 17.41
N PTR A 199 -14.02 -1.42 16.74
CA PTR A 199 -15.37 -2.03 16.71
C PTR A 199 -15.43 -3.11 15.66
O PTR A 199 -15.90 -2.87 14.53
CB PTR A 199 -16.37 -0.91 16.40
CG PTR A 199 -17.81 -1.28 16.70
CD1 PTR A 199 -18.22 -1.34 18.03
CD2 PTR A 199 -18.74 -1.51 15.67
CE1 PTR A 199 -19.55 -1.67 18.33
CE2 PTR A 199 -20.08 -1.82 15.97
CZ PTR A 199 -20.47 -1.91 17.32
OH PTR A 199 -21.76 -2.21 17.67
P PTR A 199 -22.21 -3.75 17.91
O1P PTR A 199 -21.40 -4.10 19.13
O2P PTR A 199 -23.69 -3.64 18.18
O3P PTR A 199 -21.83 -4.48 16.64
N ILE A 200 -15.01 -4.33 16.04
CA ILE A 200 -15.00 -5.48 15.12
C ILE A 200 -15.75 -6.71 15.65
N GLN A 201 -16.01 -7.66 14.76
CA GLN A 201 -16.73 -8.92 15.07
C GLN A 201 -18.21 -8.71 15.37
N SER A 202 -19.03 -9.74 15.17
CA SER A 202 -20.44 -9.69 15.58
C SER A 202 -20.49 -9.85 17.10
N ARG A 203 -21.37 -9.10 17.77
CA ARG A 203 -21.35 -8.94 19.25
C ARG A 203 -21.42 -10.26 20.03
N PHE A 204 -22.36 -11.11 19.63
CA PHE A 204 -22.55 -12.46 20.19
C PHE A 204 -21.28 -13.32 20.20
N TYR A 205 -20.31 -12.96 19.36
CA TYR A 205 -19.12 -13.75 19.10
C TYR A 205 -17.85 -12.89 19.17
N ARG A 206 -17.93 -11.82 19.96
CA ARG A 206 -16.84 -10.85 20.13
C ARG A 206 -16.06 -11.20 21.36
N SER A 207 -14.73 -11.09 21.28
CA SER A 207 -13.81 -11.55 22.36
C SER A 207 -13.59 -10.46 23.43
N PRO A 208 -13.02 -10.85 24.59
CA PRO A 208 -12.82 -9.87 25.66
C PRO A 208 -11.76 -8.82 25.32
N GLU A 209 -10.64 -9.25 24.75
CA GLU A 209 -9.64 -8.31 24.25
C GLU A 209 -10.20 -7.17 23.38
N VAL A 210 -11.21 -7.46 22.53
CA VAL A 210 -11.85 -6.44 21.68
C VAL A 210 -12.77 -5.54 22.50
N LEU A 211 -13.70 -6.15 23.24
CA LEU A 211 -14.65 -5.42 24.10
C LEU A 211 -13.93 -4.43 25.02
N LEU A 212 -12.79 -4.88 25.56
CA LEU A 212 -11.93 -4.09 26.46
C LEU A 212 -10.99 -3.15 25.70
N GLY A 213 -10.77 -3.41 24.42
CA GLY A 213 -10.06 -2.48 23.55
C GLY A 213 -8.57 -2.60 23.68
N MET A 214 -8.07 -3.83 23.56
CA MET A 214 -6.64 -4.11 23.70
C MET A 214 -6.13 -4.71 22.39
N PRO A 215 -4.78 -4.88 22.25
CA PRO A 215 -4.22 -5.43 21.00
C PRO A 215 -4.78 -6.80 20.62
N TYR A 216 -5.44 -6.87 19.46
CA TYR A 216 -6.02 -8.13 18.97
C TYR A 216 -5.21 -8.72 17.83
N ASP A 217 -5.08 -10.04 17.85
CA ASP A 217 -4.35 -10.80 16.83
C ASP A 217 -5.22 -12.04 16.48
N LEU A 218 -4.64 -13.06 15.86
CA LEU A 218 -5.41 -14.22 15.37
C LEU A 218 -6.23 -14.99 16.41
N ALA A 219 -6.04 -14.72 17.70
CA ALA A 219 -6.78 -15.41 18.75
C ALA A 219 -8.25 -14.99 18.82
N ILE A 220 -8.60 -13.80 18.31
CA ILE A 220 -10.01 -13.38 18.29
C ILE A 220 -10.94 -14.33 17.53
N ASP A 221 -10.47 -14.89 16.40
CA ASP A 221 -11.28 -15.86 15.66
C ASP A 221 -11.47 -17.16 16.48
N MET A 222 -10.45 -17.53 17.26
CA MET A 222 -10.57 -18.72 18.13
C MET A 222 -11.61 -18.56 19.23
N TRP A 223 -11.77 -17.35 19.75
CA TRP A 223 -12.84 -17.07 20.72
C TRP A 223 -14.20 -17.25 20.09
N SER A 224 -14.35 -16.72 18.88
CA SER A 224 -15.58 -16.81 18.10
C SER A 224 -15.92 -18.27 17.93
N LEU A 225 -15.00 -19.07 17.37
CA LEU A 225 -15.25 -20.49 17.17
C LEU A 225 -15.73 -21.14 18.46
N GLY A 226 -15.01 -20.87 19.54
CA GLY A 226 -15.38 -21.34 20.87
C GLY A 226 -16.84 -21.11 21.22
N CYS A 227 -17.31 -19.89 20.99
CA CYS A 227 -18.74 -19.56 21.12
C CYS A 227 -19.63 -20.27 20.08
N ILE A 228 -19.10 -20.45 18.87
CA ILE A 228 -19.86 -21.06 17.76
C ILE A 228 -20.16 -22.54 17.96
N LEU A 229 -19.19 -23.28 18.49
CA LEU A 229 -19.35 -24.73 18.65
C LEU A 229 -20.39 -25.09 19.70
N VAL A 230 -20.40 -24.35 20.80
CA VAL A 230 -21.39 -24.58 21.88
C VAL A 230 -22.81 -24.37 21.33
N GLU A 231 -22.98 -23.30 20.56
CA GLU A 231 -24.24 -22.94 19.91
C GLU A 231 -24.77 -23.99 18.91
N MET A 232 -23.85 -24.61 18.18
CA MET A 232 -24.20 -25.70 17.25
C MET A 232 -24.72 -26.97 17.96
N HIS A 233 -24.36 -27.17 19.23
CA HIS A 233 -24.84 -28.31 20.01
C HIS A 233 -26.05 -27.96 20.89
N THR A 234 -26.08 -26.75 21.44
CA THR A 234 -27.16 -26.31 22.33
C THR A 234 -28.35 -25.78 21.56
N GLY A 235 -28.08 -25.07 20.47
CA GLY A 235 -29.12 -24.42 19.67
C GLY A 235 -29.04 -22.90 19.74
N GLU A 236 -28.90 -22.38 20.97
CA GLU A 236 -28.87 -20.92 21.21
C GLU A 236 -27.46 -20.39 21.44
N PRO A 237 -27.23 -19.09 21.17
CA PRO A 237 -25.95 -18.45 21.46
C PRO A 237 -25.49 -18.62 22.89
N LEU A 238 -24.18 -18.75 23.09
CA LEU A 238 -23.61 -18.84 24.43
C LEU A 238 -23.68 -17.47 25.11
N PHE A 239 -23.31 -16.40 24.40
CA PHE A 239 -23.39 -15.04 24.92
C PHE A 239 -24.18 -14.17 23.94
N SER A 240 -25.40 -13.80 24.32
CA SER A 240 -26.38 -13.15 23.43
C SER A 240 -26.60 -11.65 23.73
N GLY A 241 -25.56 -10.94 24.14
CA GLY A 241 -25.71 -9.58 24.73
C GLY A 241 -26.43 -8.54 23.88
N ALA A 242 -27.31 -7.75 24.51
CA ALA A 242 -28.00 -6.63 23.84
C ALA A 242 -27.04 -5.53 23.37
N ASN A 243 -26.02 -5.28 24.19
CA ASN A 243 -25.04 -4.22 23.99
C ASN A 243 -23.73 -4.75 24.55
N GLU A 244 -22.63 -4.00 24.40
CA GLU A 244 -21.33 -4.48 24.95
C GLU A 244 -21.36 -4.67 26.47
N VAL A 245 -22.13 -3.85 27.19
CA VAL A 245 -22.22 -3.98 28.66
C VAL A 245 -22.90 -5.29 29.08
N ASP A 246 -23.93 -5.69 28.34
CA ASP A 246 -24.65 -6.94 28.62
C ASP A 246 -23.73 -8.10 28.24
N GLN A 247 -23.16 -8.04 27.02
CA GLN A 247 -22.24 -9.07 26.51
C GLN A 247 -21.14 -9.44 27.51
N MET A 248 -20.41 -8.42 27.98
CA MET A 248 -19.35 -8.65 28.95
C MET A 248 -19.89 -9.35 30.17
N ASN A 249 -20.97 -8.81 30.72
CA ASN A 249 -21.62 -9.39 31.90
C ASN A 249 -21.97 -10.86 31.68
N LYS A 250 -22.59 -11.17 30.54
CA LYS A 250 -22.92 -12.56 30.19
C LYS A 250 -21.71 -13.50 30.02
N ILE A 251 -20.55 -12.96 29.61
CA ILE A 251 -19.27 -13.69 29.64
C ILE A 251 -18.83 -13.91 31.08
N VAL A 252 -18.94 -12.87 31.90
CA VAL A 252 -18.61 -12.94 33.33
C VAL A 252 -19.61 -13.85 34.12
N GLU A 253 -20.84 -13.98 33.66
CA GLU A 253 -21.75 -15.01 34.20
C GLU A 253 -21.09 -16.41 34.18
N VAL A 254 -20.39 -16.72 33.08
CA VAL A 254 -19.85 -18.06 32.80
C VAL A 254 -18.37 -18.26 33.16
N LEU A 255 -17.51 -17.35 32.71
CA LEU A 255 -16.06 -17.50 32.87
C LEU A 255 -15.44 -16.78 34.08
N GLY A 256 -16.26 -15.99 34.79
CA GLY A 256 -15.81 -15.25 35.96
C GLY A 256 -15.30 -13.88 35.55
N ILE A 257 -14.85 -13.10 36.54
CA ILE A 257 -14.25 -11.79 36.27
C ILE A 257 -12.92 -12.11 35.56
N PRO A 258 -12.51 -11.30 34.56
CA PRO A 258 -11.21 -11.57 33.92
C PRO A 258 -10.01 -11.24 34.83
N PRO A 259 -8.81 -11.77 34.49
CA PRO A 259 -7.66 -11.60 35.40
C PRO A 259 -7.26 -10.14 35.56
N ALA A 260 -6.71 -9.80 36.72
CA ALA A 260 -6.43 -8.41 37.07
C ALA A 260 -5.45 -7.76 36.08
N HIS A 261 -4.37 -8.48 35.76
CA HIS A 261 -3.33 -7.97 34.84
C HIS A 261 -3.83 -7.60 33.44
N ILE A 262 -4.93 -8.23 33.00
CA ILE A 262 -5.57 -7.87 31.72
C ILE A 262 -6.45 -6.63 31.89
N LEU A 263 -7.22 -6.57 32.99
CA LEU A 263 -8.08 -5.40 33.27
C LEU A 263 -7.32 -4.12 33.60
N ASP A 264 -6.20 -4.25 34.35
CA ASP A 264 -5.27 -3.13 34.60
C ASP A 264 -4.75 -2.50 33.29
N GLN A 265 -4.59 -3.30 32.23
CA GLN A 265 -4.19 -2.81 30.92
C GLN A 265 -5.31 -2.25 30.03
N ALA A 266 -6.55 -2.68 30.26
CA ALA A 266 -7.64 -2.39 29.31
C ALA A 266 -8.10 -0.94 29.32
N PRO A 267 -8.01 -0.24 28.16
CA PRO A 267 -8.62 1.09 28.03
C PRO A 267 -10.12 1.15 28.38
N LYS A 268 -10.92 0.23 27.86
CA LYS A 268 -12.38 0.18 28.15
C LYS A 268 -12.77 -0.67 29.37
N ALA A 269 -11.85 -0.88 30.32
CA ALA A 269 -12.16 -1.69 31.51
C ALA A 269 -13.16 -1.02 32.46
N ARG A 270 -13.36 0.29 32.35
CA ARG A 270 -14.36 1.00 33.17
C ARG A 270 -15.74 1.09 32.56
N LYS A 271 -15.90 0.61 31.32
CA LYS A 271 -17.22 0.50 30.71
C LYS A 271 -18.03 -0.61 31.40
N PHE A 272 -17.34 -1.68 31.82
CA PHE A 272 -17.97 -2.87 32.42
C PHE A 272 -17.63 -3.11 33.90
N PHE A 273 -16.47 -2.63 34.37
CA PHE A 273 -15.96 -2.87 35.74
C PHE A 273 -15.59 -1.58 36.48
N GLU A 274 -15.35 -1.72 37.78
CA GLU A 274 -14.73 -0.68 38.62
C GLU A 274 -13.63 -1.33 39.42
N LYS A 275 -12.51 -0.61 39.55
CA LYS A 275 -11.38 -1.02 40.39
C LYS A 275 -11.64 -0.59 41.83
N LEU A 276 -11.74 -1.56 42.73
CA LEU A 276 -11.97 -1.28 44.17
C LEU A 276 -10.73 -0.69 44.87
N PRO A 277 -10.89 -0.09 46.07
CA PRO A 277 -9.72 0.44 46.81
C PRO A 277 -8.60 -0.58 47.19
N ASP A 278 -8.90 -1.87 47.14
CA ASP A 278 -7.98 -2.94 47.56
C ASP A 278 -7.30 -3.72 46.42
N GLY A 279 -7.16 -3.12 45.24
CA GLY A 279 -6.46 -3.75 44.12
C GLY A 279 -7.29 -4.53 43.11
N THR A 280 -8.35 -5.19 43.58
CA THR A 280 -9.15 -6.10 42.73
C THR A 280 -10.12 -5.35 41.86
N TRP A 281 -10.64 -6.04 40.86
CA TRP A 281 -11.72 -5.54 40.02
C TRP A 281 -13.05 -6.21 40.36
N ASN A 282 -14.09 -5.40 40.42
CA ASN A 282 -15.46 -5.84 40.61
C ASN A 282 -16.33 -5.42 39.42
N LEU A 283 -17.53 -5.99 39.34
CA LEU A 283 -18.50 -5.54 38.35
C LEU A 283 -19.11 -4.21 38.76
N LYS A 284 -19.59 -3.47 37.77
CA LYS A 284 -20.41 -2.28 37.97
C LYS A 284 -21.87 -2.67 37.85
N LYS A 285 -22.68 -2.23 38.81
CA LYS A 285 -24.13 -2.36 38.75
C LYS A 285 -24.64 -1.63 37.52
N THR A 286 -25.90 -1.89 37.17
CA THR A 286 -26.45 -1.54 35.86
C THR A 286 -27.83 -0.88 36.00
N LYS A 287 -28.40 -0.48 34.86
CA LYS A 287 -29.74 0.14 34.81
C LYS A 287 -30.86 -0.83 35.23
N ASP A 288 -31.14 -1.83 34.39
CA ASP A 288 -32.21 -2.81 34.66
C ASP A 288 -32.12 -4.04 33.77
N GLU A 292 -30.74 -8.37 36.18
CA GLU A 292 -30.47 -9.42 37.17
C GLU A 292 -29.64 -10.55 36.56
N TYR A 293 -28.34 -10.56 36.89
CA TYR A 293 -27.39 -11.59 36.44
C TYR A 293 -27.17 -12.64 37.51
N LYS A 294 -26.30 -13.62 37.22
CA LYS A 294 -25.76 -14.54 38.23
C LYS A 294 -24.36 -14.06 38.70
N PRO A 295 -23.89 -14.56 39.87
CA PRO A 295 -22.54 -14.16 40.30
C PRO A 295 -21.45 -14.71 39.37
N PRO A 296 -20.27 -14.06 39.34
CA PRO A 296 -19.22 -14.46 38.40
C PRO A 296 -18.94 -15.96 38.40
N GLY A 297 -18.77 -16.53 37.20
CA GLY A 297 -18.42 -17.95 37.05
C GLY A 297 -19.30 -18.93 37.81
N THR A 298 -20.62 -18.72 37.79
CA THR A 298 -21.59 -19.61 38.46
C THR A 298 -22.58 -20.31 37.52
N ARG A 299 -22.76 -19.84 36.28
CA ARG A 299 -23.39 -20.72 35.28
C ARG A 299 -22.24 -21.40 34.54
N LYS A 300 -21.89 -22.58 35.04
CA LYS A 300 -20.72 -23.31 34.58
C LYS A 300 -21.11 -24.05 33.30
N LEU A 301 -20.16 -24.08 32.37
CA LEU A 301 -20.32 -24.72 31.05
C LEU A 301 -20.67 -26.20 31.17
N HIS A 302 -20.10 -26.84 32.19
CA HIS A 302 -20.45 -28.21 32.59
C HIS A 302 -21.95 -28.43 32.59
N ASN A 303 -22.68 -27.51 33.23
CA ASN A 303 -24.15 -27.57 33.31
C ASN A 303 -24.84 -26.96 32.08
N ILE A 304 -24.22 -25.98 31.42
CA ILE A 304 -24.76 -25.46 30.16
C ILE A 304 -24.83 -26.58 29.13
N LEU A 305 -23.70 -27.24 28.89
CA LEU A 305 -23.66 -28.40 28.03
C LEU A 305 -24.38 -29.61 28.65
N GLY A 306 -24.42 -29.68 29.97
CA GLY A 306 -25.12 -30.76 30.66
C GLY A 306 -24.38 -32.08 30.49
N VAL A 307 -23.15 -32.12 30.98
CA VAL A 307 -22.27 -33.26 30.74
C VAL A 307 -22.63 -34.48 31.60
N GLU A 308 -23.37 -34.27 32.70
CA GLU A 308 -23.88 -35.34 33.57
C GLU A 308 -25.39 -35.58 33.45
N THR A 309 -26.10 -34.74 32.68
CA THR A 309 -27.59 -34.76 32.59
C THR A 309 -28.13 -35.11 31.20
N GLY A 310 -27.40 -35.90 30.43
CA GLY A 310 -27.80 -36.27 29.08
C GLY A 310 -27.81 -35.14 28.06
N GLY A 311 -26.84 -34.23 28.16
CA GLY A 311 -26.68 -33.18 27.15
C GLY A 311 -27.66 -32.03 27.27
N PRO A 312 -27.54 -31.02 26.39
CA PRO A 312 -28.35 -29.80 26.37
C PRO A 312 -29.88 -29.96 26.55
N GLY A 313 -30.34 -29.76 27.78
CA GLY A 313 -31.76 -29.91 28.13
C GLY A 313 -32.24 -31.35 28.05
N GLY A 314 -31.36 -32.28 28.45
CA GLY A 314 -31.66 -33.70 28.50
C GLY A 314 -31.82 -34.45 27.19
N ARG A 315 -31.82 -33.76 26.04
CA ARG A 315 -32.35 -34.37 24.81
C ARG A 315 -31.36 -35.27 24.05
N ARG A 316 -30.18 -35.48 24.61
CA ARG A 316 -29.21 -36.41 24.02
C ARG A 316 -28.95 -37.66 24.88
N ALA A 317 -29.63 -37.76 26.03
CA ALA A 317 -29.56 -38.95 26.88
C ALA A 317 -29.77 -40.23 26.06
N GLY A 318 -28.83 -41.16 26.18
CA GLY A 318 -28.93 -42.47 25.54
C GLY A 318 -28.36 -42.58 24.14
N GLU A 319 -28.12 -41.46 23.46
CA GLU A 319 -27.59 -41.47 22.10
C GLU A 319 -26.10 -41.79 22.10
N SER A 320 -25.65 -42.51 21.06
CA SER A 320 -24.24 -42.94 20.97
C SER A 320 -23.30 -41.73 20.93
N GLY A 321 -22.15 -41.85 21.59
CA GLY A 321 -21.16 -40.79 21.57
C GLY A 321 -21.62 -39.52 22.27
N HIS A 322 -22.29 -39.68 23.42
CA HIS A 322 -22.75 -38.54 24.25
C HIS A 322 -22.61 -38.87 25.73
N THR A 323 -21.58 -39.66 26.05
CA THR A 323 -21.28 -40.06 27.42
C THR A 323 -20.61 -38.91 28.17
N VAL A 324 -20.64 -38.98 29.49
CA VAL A 324 -19.84 -38.08 30.33
C VAL A 324 -18.38 -38.01 29.82
N ALA A 325 -17.83 -39.17 29.45
CA ALA A 325 -16.48 -39.25 28.87
C ALA A 325 -16.31 -38.33 27.67
N ASP A 326 -17.27 -38.39 26.73
CA ASP A 326 -17.21 -37.59 25.50
C ASP A 326 -17.54 -36.11 25.71
N TYR A 327 -18.49 -35.83 26.59
CA TYR A 327 -18.86 -34.46 26.91
C TYR A 327 -17.74 -33.70 27.64
N LEU A 328 -17.01 -34.40 28.52
CA LEU A 328 -15.85 -33.80 29.22
C LEU A 328 -14.72 -33.36 28.28
N LYS A 329 -14.48 -34.11 27.20
CA LYS A 329 -13.46 -33.75 26.21
C LYS A 329 -13.91 -32.46 25.50
N PHE A 330 -15.20 -32.37 25.22
CA PHE A 330 -15.77 -31.22 24.52
C PHE A 330 -15.87 -29.98 25.40
N LYS A 331 -16.10 -30.16 26.70
CA LYS A 331 -15.98 -29.04 27.65
C LYS A 331 -14.53 -28.55 27.76
N ASP A 332 -13.58 -29.50 27.77
CA ASP A 332 -12.17 -29.13 27.96
C ASP A 332 -11.65 -28.26 26.82
N LEU A 333 -11.88 -28.67 25.57
CA LEU A 333 -11.46 -27.89 24.40
C LEU A 333 -12.18 -26.56 24.32
N ILE A 334 -13.44 -26.52 24.70
CA ILE A 334 -14.24 -25.30 24.57
C ILE A 334 -13.79 -24.29 25.61
N LEU A 335 -13.64 -24.72 26.86
CA LEU A 335 -13.01 -23.86 27.89
C LEU A 335 -11.60 -23.41 27.52
N ARG A 336 -10.84 -24.28 26.85
CA ARG A 336 -9.48 -23.94 26.39
C ARG A 336 -9.45 -22.89 25.26
N MET A 337 -10.50 -22.90 24.41
CA MET A 337 -10.69 -21.87 23.39
C MET A 337 -11.16 -20.55 23.98
N LEU A 338 -12.07 -20.62 24.95
CA LEU A 338 -12.63 -19.42 25.60
C LEU A 338 -11.72 -18.79 26.66
N ASP A 339 -10.49 -19.29 26.82
CA ASP A 339 -9.44 -18.63 27.61
C ASP A 339 -9.47 -17.09 27.41
N TYR A 340 -9.64 -16.36 28.52
CA TYR A 340 -9.60 -14.89 28.51
C TYR A 340 -8.30 -14.28 27.98
N ASP A 341 -7.20 -15.01 28.12
CA ASP A 341 -5.89 -14.48 27.79
C ASP A 341 -5.52 -14.83 26.34
N PRO A 342 -5.34 -13.81 25.47
CA PRO A 342 -5.02 -14.11 24.07
C PRO A 342 -3.69 -14.82 23.76
N LYS A 343 -2.76 -14.89 24.70
CA LYS A 343 -1.43 -15.48 24.44
C LYS A 343 -1.30 -16.95 24.90
N THR A 344 -2.00 -17.31 25.98
CA THR A 344 -2.10 -18.69 26.46
C THR A 344 -3.29 -19.46 25.88
N ARG A 345 -4.30 -18.74 25.37
CA ARG A 345 -5.42 -19.37 24.63
C ARG A 345 -4.90 -20.37 23.60
N ILE A 346 -5.69 -21.40 23.34
CA ILE A 346 -5.23 -22.47 22.49
C ILE A 346 -5.23 -22.02 21.06
N GLN A 347 -4.30 -22.57 20.30
CA GLN A 347 -4.07 -22.27 18.90
C GLN A 347 -4.41 -23.53 18.10
N PRO A 348 -4.64 -23.39 16.78
CA PRO A 348 -5.20 -24.48 15.98
C PRO A 348 -4.37 -25.78 15.93
N TYR A 349 -3.04 -25.68 15.96
CA TYR A 349 -2.17 -26.87 15.90
C TYR A 349 -2.28 -27.76 17.14
N TYR A 350 -2.55 -27.15 18.30
CA TYR A 350 -2.78 -27.92 19.52
C TYR A 350 -4.23 -28.36 19.63
N ALA A 351 -5.15 -27.56 19.09
CA ALA A 351 -6.59 -27.93 19.01
C ALA A 351 -6.80 -29.28 18.35
N LEU A 352 -6.15 -29.48 17.19
CA LEU A 352 -6.30 -30.73 16.45
C LEU A 352 -5.70 -31.94 17.17
N GLN A 353 -4.67 -31.69 18.00
CA GLN A 353 -4.06 -32.73 18.85
C GLN A 353 -4.98 -33.18 20.00
N HIS A 354 -5.77 -32.24 20.53
CA HIS A 354 -6.71 -32.47 21.65
C HIS A 354 -7.46 -33.82 21.60
N SER A 355 -7.75 -34.37 22.77
CA SER A 355 -8.39 -35.70 22.89
C SER A 355 -9.83 -35.79 22.34
N PHE A 356 -10.37 -34.67 21.88
CA PHE A 356 -11.74 -34.63 21.41
C PHE A 356 -11.86 -35.18 19.98
N PHE A 357 -10.81 -35.04 19.17
CA PHE A 357 -10.78 -35.56 17.79
C PHE A 357 -10.13 -36.96 17.68
N LYS A 358 -10.54 -37.91 18.51
CA LYS A 358 -9.90 -39.24 18.60
C LYS A 358 -10.92 -40.35 18.78
N ARG B 11 -36.27 -4.26 18.94
CA ARG B 11 -35.33 -4.16 20.10
C ARG B 11 -33.86 -3.93 19.69
N LYS B 12 -33.43 -4.62 18.62
CA LYS B 12 -32.01 -4.77 18.27
C LYS B 12 -31.24 -3.44 18.06
N VAL B 13 -30.65 -2.94 19.14
CA VAL B 13 -29.84 -1.70 19.13
C VAL B 13 -28.50 -1.87 18.42
N TYR B 14 -28.01 -0.78 17.82
CA TYR B 14 -26.72 -0.76 17.12
C TYR B 14 -25.77 0.20 17.84
N ASN B 15 -24.59 -0.31 18.21
CA ASN B 15 -23.56 0.44 18.94
C ASN B 15 -24.09 0.98 20.29
N ASP B 16 -24.72 0.10 21.08
CA ASP B 16 -25.34 0.47 22.38
C ASP B 16 -26.38 1.60 22.29
N GLY B 17 -27.13 1.62 21.17
CA GLY B 17 -28.19 2.60 20.93
C GLY B 17 -27.78 3.90 20.25
N TYR B 18 -26.49 4.08 20.00
CA TYR B 18 -25.95 5.35 19.51
C TYR B 18 -26.14 5.54 18.03
N ASP B 19 -26.07 4.44 17.27
CA ASP B 19 -26.21 4.48 15.81
C ASP B 19 -27.64 4.13 15.39
N ASP B 20 -28.08 4.72 14.28
CA ASP B 20 -29.31 4.29 13.60
C ASP B 20 -29.00 3.03 12.76
N ASP B 21 -30.05 2.35 12.28
CA ASP B 21 -29.85 1.11 11.51
C ASP B 21 -28.90 1.26 10.32
N ASN B 22 -28.91 2.44 9.67
CA ASN B 22 -28.04 2.68 8.51
C ASN B 22 -26.56 3.07 8.87
N TYR B 23 -26.10 2.70 10.07
CA TYR B 23 -24.71 2.93 10.54
C TYR B 23 -24.36 4.41 10.88
N ASP B 24 -25.35 5.30 10.87
CA ASP B 24 -25.16 6.73 11.12
C ASP B 24 -25.34 7.01 12.62
N TYR B 25 -24.52 7.90 13.16
CA TYR B 25 -24.64 8.35 14.56
C TYR B 25 -25.91 9.21 14.70
N ILE B 26 -26.75 8.88 15.68
CA ILE B 26 -27.94 9.67 16.00
C ILE B 26 -27.49 10.97 16.65
N VAL B 27 -27.57 12.07 15.89
CA VAL B 27 -27.22 13.38 16.43
C VAL B 27 -28.38 13.94 17.27
N LYS B 28 -28.21 13.93 18.59
CA LYS B 28 -29.07 14.70 19.49
C LYS B 28 -28.49 16.11 19.64
N ASN B 29 -29.36 17.09 19.83
CA ASN B 29 -28.91 18.49 19.98
C ASN B 29 -28.41 18.79 21.40
N GLY B 30 -27.33 19.57 21.48
CA GLY B 30 -26.74 19.98 22.75
C GLY B 30 -25.78 19.00 23.41
N GLU B 31 -25.46 17.91 22.72
CA GLU B 31 -24.60 16.85 23.29
C GLU B 31 -23.15 17.33 23.30
N LYS B 32 -22.48 17.21 24.43
CA LYS B 32 -21.08 17.65 24.56
C LYS B 32 -20.14 16.47 24.36
N TRP B 33 -19.23 16.55 23.39
CA TRP B 33 -18.29 15.47 23.10
C TRP B 33 -16.90 15.81 23.62
N MET B 34 -16.30 14.88 24.36
CA MET B 34 -14.93 14.97 24.85
C MET B 34 -14.66 16.23 25.69
N ASP B 35 -15.70 16.70 26.39
CA ASP B 35 -15.67 17.98 27.12
C ASP B 35 -15.23 19.19 26.28
N ARG B 36 -15.49 19.14 24.97
CA ARG B 36 -14.95 20.09 24.00
C ARG B 36 -15.99 20.54 22.97
N TYR B 37 -16.47 19.61 22.15
CA TYR B 37 -17.34 19.95 21.03
C TYR B 37 -18.80 19.95 21.47
N GLU B 38 -19.43 21.13 21.36
CA GLU B 38 -20.79 21.33 21.81
C GLU B 38 -21.68 21.32 20.57
N ILE B 39 -22.30 20.17 20.30
CA ILE B 39 -23.05 19.97 19.05
C ILE B 39 -24.31 20.82 19.10
N ASP B 40 -24.43 21.73 18.15
CA ASP B 40 -25.59 22.60 18.04
C ASP B 40 -26.70 21.89 17.27
N SER B 41 -26.37 21.41 16.07
CA SER B 41 -27.37 21.08 15.06
C SER B 41 -26.84 20.22 13.91
N LEU B 42 -27.74 19.46 13.30
CA LEU B 42 -27.49 18.73 12.05
C LEU B 42 -27.64 19.68 10.87
N ILE B 43 -26.71 19.65 9.92
CA ILE B 43 -26.76 20.53 8.73
C ILE B 43 -26.67 19.82 7.37
N GLY B 44 -25.81 18.80 7.26
CA GLY B 44 -25.69 18.02 6.03
C GLY B 44 -25.79 16.53 6.29
N LYS B 45 -26.21 15.81 5.24
CA LYS B 45 -26.23 14.36 5.23
C LYS B 45 -25.69 13.88 3.87
N GLY B 46 -25.18 12.66 3.84
CA GLY B 46 -24.66 12.06 2.61
C GLY B 46 -24.54 10.56 2.72
N SER B 47 -23.75 9.96 1.83
CA SER B 47 -23.48 8.51 1.88
C SER B 47 -22.38 8.22 2.90
N PHE B 48 -21.32 9.03 2.89
CA PHE B 48 -20.23 9.00 3.88
C PHE B 48 -20.71 8.94 5.33
N GLY B 49 -21.76 9.70 5.62
CA GLY B 49 -22.31 9.81 6.97
C GLY B 49 -23.04 11.12 7.18
N GLN B 50 -22.60 11.91 8.16
CA GLN B 50 -23.30 13.14 8.55
C GLN B 50 -22.36 14.32 8.76
N VAL B 51 -22.93 15.52 8.71
CA VAL B 51 -22.19 16.77 8.90
C VAL B 51 -23.01 17.67 9.80
N VAL B 52 -22.38 18.15 10.88
CA VAL B 52 -23.07 18.91 11.93
C VAL B 52 -22.47 20.31 12.06
N LYS B 53 -23.06 21.10 12.96
CA LYS B 53 -22.54 22.40 13.36
C LYS B 53 -22.24 22.29 14.85
N ALA B 54 -21.00 22.62 15.24
CA ALA B 54 -20.56 22.48 16.65
C ALA B 54 -19.57 23.56 17.09
N TYR B 55 -19.49 23.77 18.40
CA TYR B 55 -18.65 24.82 19.01
C TYR B 55 -17.51 24.20 19.81
N ASP B 56 -16.33 24.78 19.71
CA ASP B 56 -15.10 24.25 20.33
C ASP B 56 -14.66 25.13 21.53
N ARG B 57 -15.06 24.71 22.74
CA ARG B 57 -14.82 25.47 23.98
C ARG B 57 -13.37 25.97 24.20
N VAL B 58 -12.38 25.10 24.04
CA VAL B 58 -10.98 25.49 24.23
C VAL B 58 -10.44 26.39 23.08
N GLU B 59 -11.06 26.32 21.90
CA GLU B 59 -10.70 27.17 20.75
C GLU B 59 -11.61 28.38 20.55
N GLN B 60 -12.71 28.47 21.31
CA GLN B 60 -13.70 29.55 21.21
C GLN B 60 -14.09 29.81 19.74
N GLU B 61 -14.68 28.81 19.10
CA GLU B 61 -14.92 28.84 17.65
C GLU B 61 -15.97 27.83 17.20
N TRP B 62 -16.73 28.18 16.16
CA TRP B 62 -17.65 27.26 15.48
C TRP B 62 -16.90 26.41 14.48
N VAL B 63 -17.18 25.10 14.48
CA VAL B 63 -16.54 24.14 13.56
C VAL B 63 -17.53 23.11 13.03
N ALA B 64 -17.35 22.69 11.78
CA ALA B 64 -18.14 21.60 11.19
C ALA B 64 -17.39 20.26 11.37
N ILE B 65 -18.09 19.28 11.92
CA ILE B 65 -17.54 17.94 12.14
C ILE B 65 -18.22 16.93 11.21
N LYS B 66 -17.47 16.40 10.24
CA LYS B 66 -17.99 15.32 9.41
C LYS B 66 -17.91 14.03 10.23
N ILE B 67 -19.08 13.45 10.53
CA ILE B 67 -19.17 12.18 11.26
C ILE B 67 -19.37 11.07 10.22
N ILE B 68 -18.36 10.22 10.07
CA ILE B 68 -18.41 9.11 9.13
C ILE B 68 -19.20 8.01 9.82
N LYS B 69 -19.87 7.18 9.02
CA LYS B 69 -20.62 6.02 9.53
C LYS B 69 -19.68 5.03 10.22
N ASN B 70 -20.25 4.22 11.13
CA ASN B 70 -19.51 3.16 11.85
C ASN B 70 -19.46 1.87 11.02
N LYS B 71 -18.72 1.89 9.92
CA LYS B 71 -18.48 0.70 9.07
C LYS B 71 -17.04 0.70 8.57
N LYS B 72 -16.52 -0.50 8.29
CA LYS B 72 -15.15 -0.64 7.76
C LYS B 72 -14.98 0.11 6.43
N ALA B 73 -15.99 0.04 5.56
CA ALA B 73 -15.87 0.57 4.19
C ALA B 73 -15.82 2.10 4.14
N PHE B 74 -16.67 2.75 4.92
CA PHE B 74 -16.69 4.22 5.00
C PHE B 74 -15.54 4.76 5.84
N LEU B 75 -15.19 4.04 6.92
CA LEU B 75 -14.04 4.40 7.73
C LEU B 75 -12.79 4.51 6.86
N ASN B 76 -12.52 3.46 6.11
CA ASN B 76 -11.33 3.42 5.24
C ASN B 76 -11.43 4.47 4.12
N GLN B 77 -12.61 4.59 3.49
CA GLN B 77 -12.82 5.59 2.43
C GLN B 77 -12.56 7.01 2.95
N ALA B 78 -12.96 7.26 4.20
CA ALA B 78 -12.59 8.50 4.90
C ALA B 78 -11.10 8.56 5.20
N GLN B 79 -10.50 7.49 5.73
CA GLN B 79 -9.05 7.48 6.03
C GLN B 79 -8.16 7.92 4.85
N ILE B 80 -8.61 7.63 3.62
CA ILE B 80 -7.95 8.14 2.41
C ILE B 80 -8.05 9.66 2.35
N GLU B 81 -9.28 10.18 2.54
CA GLU B 81 -9.56 11.63 2.47
C GLU B 81 -8.66 12.41 3.40
N VAL B 82 -8.51 11.93 4.62
CA VAL B 82 -7.62 12.54 5.63
C VAL B 82 -6.19 12.68 5.10
N ARG B 83 -5.62 11.60 4.58
CA ARG B 83 -4.27 11.67 3.98
C ARG B 83 -4.19 12.76 2.93
N LEU B 84 -5.10 12.73 1.96
CA LEU B 84 -5.13 13.74 0.89
C LEU B 84 -5.25 15.16 1.45
N LEU B 85 -6.05 15.34 2.50
CA LEU B 85 -6.19 16.64 3.17
C LEU B 85 -4.97 17.00 4.01
N GLU B 86 -4.41 16.03 4.72
CA GLU B 86 -3.20 16.21 5.53
C GLU B 86 -1.97 16.54 4.68
N LEU B 87 -1.88 15.92 3.51
CA LEU B 87 -0.79 16.17 2.57
C LEU B 87 -0.90 17.57 1.94
N MET B 88 -2.12 18.05 1.77
CA MET B 88 -2.36 19.44 1.35
C MET B 88 -2.00 20.47 2.43
N ASN B 89 -2.16 20.11 3.70
CA ASN B 89 -1.84 21.01 4.82
C ASN B 89 -0.38 21.45 4.84
N LYS B 90 0.54 20.48 4.86
CA LYS B 90 1.97 20.79 5.01
C LYS B 90 2.57 21.50 3.79
N HIS B 91 2.05 21.20 2.60
CA HIS B 91 2.34 22.00 1.39
C HIS B 91 1.91 23.46 1.56
N ASP B 92 0.72 23.65 2.13
CA ASP B 92 0.13 24.96 2.35
C ASP B 92 0.59 25.54 3.70
N THR B 93 1.86 25.96 3.76
CA THR B 93 2.44 26.52 4.99
C THR B 93 1.76 27.81 5.45
N GLU B 94 1.31 28.62 4.50
CA GLU B 94 0.74 29.95 4.78
C GLU B 94 -0.76 30.07 4.43
N MET B 95 -1.52 28.97 4.61
CA MET B 95 -2.99 28.98 4.73
C MET B 95 -3.83 29.35 3.48
N LYS B 96 -3.60 30.53 2.90
CA LYS B 96 -4.45 31.07 1.82
C LYS B 96 -4.27 30.36 0.46
N TYR B 97 -4.94 29.21 0.30
CA TYR B 97 -4.86 28.43 -0.94
C TYR B 97 -6.16 27.69 -1.38
N TYR B 98 -7.32 28.22 -1.00
CA TYR B 98 -8.62 27.86 -1.60
C TYR B 98 -9.08 26.40 -1.44
N ILE B 99 -8.55 25.69 -0.44
CA ILE B 99 -8.93 24.31 -0.15
C ILE B 99 -9.35 24.20 1.31
N VAL B 100 -10.43 23.46 1.55
CA VAL B 100 -11.07 23.40 2.87
C VAL B 100 -10.11 22.82 3.92
N HIS B 101 -9.98 23.51 5.04
CA HIS B 101 -8.95 23.22 6.03
C HIS B 101 -9.45 22.22 7.06
N LEU B 102 -8.92 21.01 6.99
CA LEU B 102 -9.06 20.02 8.08
C LEU B 102 -8.29 20.49 9.32
N LYS B 103 -9.04 20.91 10.35
CA LYS B 103 -8.45 21.46 11.57
C LYS B 103 -7.90 20.38 12.49
N ARG B 104 -8.64 19.28 12.60
CA ARG B 104 -8.32 18.16 13.50
C ARG B 104 -9.18 16.94 13.16
N HIS B 105 -8.64 15.74 13.32
CA HIS B 105 -9.42 14.50 13.20
C HIS B 105 -9.31 13.65 14.46
N PHE B 106 -10.36 12.89 14.74
CA PHE B 106 -10.45 12.08 15.95
C PHE B 106 -11.57 11.06 15.85
N MET B 107 -11.71 10.23 16.87
CA MET B 107 -12.79 9.25 16.92
C MET B 107 -13.59 9.29 18.21
N PHE B 108 -14.85 8.90 18.09
CA PHE B 108 -15.83 9.12 19.13
C PHE B 108 -17.00 8.17 18.90
N ARG B 109 -17.18 7.24 19.85
CA ARG B 109 -18.25 6.26 19.79
C ARG B 109 -18.16 5.42 18.51
N ASN B 110 -16.93 5.08 18.12
CA ASN B 110 -16.64 4.29 16.91
C ASN B 110 -17.00 4.96 15.57
N HIS B 111 -16.90 6.29 15.52
CA HIS B 111 -17.08 7.07 14.29
C HIS B 111 -15.84 7.93 14.05
N LEU B 112 -15.33 7.92 12.83
CA LEU B 112 -14.28 8.86 12.42
C LEU B 112 -14.88 10.25 12.26
N CYS B 113 -14.34 11.21 13.03
CA CYS B 113 -14.83 12.59 13.01
C CYS B 113 -13.77 13.51 12.45
N LEU B 114 -14.09 14.14 11.32
CA LEU B 114 -13.20 15.09 10.65
C LEU B 114 -13.68 16.52 10.92
N VAL B 115 -12.91 17.27 11.70
CA VAL B 115 -13.25 18.65 12.05
C VAL B 115 -12.69 19.62 11.01
N PHE B 116 -13.59 20.18 10.19
CA PHE B 116 -13.26 21.21 9.21
C PHE B 116 -13.62 22.58 9.75
N GLU B 117 -13.11 23.61 9.09
CA GLU B 117 -13.56 25.00 9.32
C GLU B 117 -15.01 25.19 8.88
N MET B 118 -15.70 26.12 9.54
CA MET B 118 -17.10 26.41 9.23
C MET B 118 -17.22 27.33 8.00
N LEU B 119 -17.76 26.77 6.92
CA LEU B 119 -18.09 27.53 5.71
C LEU B 119 -19.57 27.94 5.69
N SER B 120 -19.95 28.71 4.67
CA SER B 120 -21.32 29.18 4.46
C SER B 120 -21.96 28.48 3.25
N TYR B 121 -23.14 28.94 2.85
CA TYR B 121 -23.92 28.26 1.80
C TYR B 121 -23.22 28.08 0.44
N ASN B 122 -23.57 27.00 -0.26
CA ASN B 122 -22.84 26.53 -1.45
C ASN B 122 -23.29 27.20 -2.76
N LEU B 123 -22.61 26.88 -3.86
CA LEU B 123 -22.86 27.56 -5.13
C LEU B 123 -24.14 27.09 -5.83
N TYR B 124 -24.61 25.87 -5.53
CA TYR B 124 -25.97 25.46 -5.94
C TYR B 124 -27.04 26.28 -5.21
N ASP B 125 -26.78 26.57 -3.93
CA ASP B 125 -27.71 27.35 -3.11
C ASP B 125 -27.77 28.80 -3.60
N LEU B 126 -26.67 29.31 -4.13
CA LEU B 126 -26.66 30.65 -4.76
C LEU B 126 -27.47 30.66 -6.05
N LEU B 127 -27.27 29.65 -6.90
CA LEU B 127 -28.08 29.51 -8.12
C LEU B 127 -29.58 29.38 -7.83
N ARG B 128 -29.94 28.81 -6.68
CA ARG B 128 -31.32 28.90 -6.17
C ARG B 128 -31.68 30.33 -5.77
N ASN B 129 -30.79 31.01 -5.03
CA ASN B 129 -31.03 32.40 -4.62
C ASN B 129 -31.15 33.39 -5.79
N THR B 130 -30.61 33.03 -6.96
CA THR B 130 -30.86 33.78 -8.21
C THR B 130 -32.19 33.40 -8.88
N ASN B 131 -32.90 32.42 -8.34
CA ASN B 131 -34.03 31.75 -9.03
C ASN B 131 -33.58 31.12 -10.37
N PHE B 132 -32.36 30.58 -10.37
CA PHE B 132 -31.69 30.02 -11.55
C PHE B 132 -31.50 31.00 -12.72
N ARG B 133 -31.33 32.27 -12.41
CA ARG B 133 -30.97 33.30 -13.39
C ARG B 133 -29.44 33.39 -13.53
N GLY B 134 -28.72 32.98 -12.49
CA GLY B 134 -27.27 33.09 -12.43
C GLY B 134 -26.79 34.40 -11.83
N VAL B 135 -25.50 34.43 -11.48
CA VAL B 135 -24.83 35.66 -11.02
C VAL B 135 -24.14 36.34 -12.21
N SER B 136 -23.51 37.48 -11.93
CA SER B 136 -22.84 38.29 -12.97
C SER B 136 -21.59 37.63 -13.58
N LEU B 137 -21.17 38.18 -14.71
CA LEU B 137 -19.89 37.80 -15.33
C LEU B 137 -18.69 38.28 -14.52
N ASN B 138 -18.83 39.41 -13.82
CA ASN B 138 -17.79 39.94 -12.93
C ASN B 138 -17.52 39.00 -11.76
N LEU B 139 -18.60 38.42 -11.22
CA LEU B 139 -18.53 37.49 -10.09
C LEU B 139 -18.15 36.07 -10.53
N THR B 140 -18.49 35.69 -11.77
CA THR B 140 -18.06 34.40 -12.30
C THR B 140 -16.56 34.40 -12.57
N ARG B 141 -16.02 35.55 -13.01
CA ARG B 141 -14.56 35.75 -13.08
C ARG B 141 -13.86 35.47 -11.74
N LYS B 142 -14.45 35.97 -10.66
CA LYS B 142 -13.88 35.78 -9.32
C LYS B 142 -13.74 34.29 -9.02
N PHE B 143 -14.84 33.55 -9.20
CA PHE B 143 -14.85 32.11 -8.90
C PHE B 143 -13.95 31.31 -9.84
N ALA B 144 -13.94 31.68 -11.12
CA ALA B 144 -13.02 31.10 -12.08
C ALA B 144 -11.54 31.32 -11.71
N GLN B 145 -11.22 32.51 -11.20
CA GLN B 145 -9.83 32.86 -10.84
C GLN B 145 -9.31 31.99 -9.68
N GLN B 146 -10.13 31.83 -8.64
CA GLN B 146 -9.71 31.03 -7.46
C GLN B 146 -9.90 29.52 -7.62
N MET B 147 -10.74 29.10 -8.57
CA MET B 147 -10.84 27.68 -8.93
C MET B 147 -9.64 27.21 -9.75
N CYS B 148 -9.22 28.04 -10.71
CA CYS B 148 -8.04 27.75 -11.52
C CYS B 148 -6.74 27.81 -10.71
N THR B 149 -6.72 28.63 -9.66
CA THR B 149 -5.58 28.67 -8.73
C THR B 149 -5.52 27.41 -7.86
N ALA B 150 -6.68 26.86 -7.53
CA ALA B 150 -6.78 25.59 -6.81
C ALA B 150 -6.45 24.39 -7.69
N LEU B 151 -6.93 24.37 -8.93
CA LEU B 151 -6.59 23.30 -9.87
C LEU B 151 -5.10 23.28 -10.19
N LEU B 152 -4.45 24.45 -10.12
CA LEU B 152 -2.98 24.57 -10.17
C LEU B 152 -2.32 23.90 -8.95
N PHE B 153 -2.83 24.22 -7.77
CA PHE B 153 -2.34 23.62 -6.51
C PHE B 153 -2.45 22.09 -6.51
N LEU B 154 -3.53 21.56 -7.07
CA LEU B 154 -3.69 20.10 -7.27
C LEU B 154 -2.67 19.52 -8.26
N ALA B 155 -2.41 20.24 -9.33
CA ALA B 155 -1.45 19.81 -10.36
C ALA B 155 0.01 19.94 -9.95
N THR B 156 0.28 20.50 -8.75
CA THR B 156 1.59 20.37 -8.09
C THR B 156 1.99 18.88 -8.11
N PRO B 157 3.03 18.54 -8.91
CA PRO B 157 3.29 17.13 -9.31
C PRO B 157 3.39 16.11 -8.18
N GLU B 158 3.84 16.54 -6.99
CA GLU B 158 3.92 15.67 -5.82
C GLU B 158 2.52 15.20 -5.38
N LEU B 159 1.55 16.10 -5.53
CA LEU B 159 0.17 15.83 -5.14
C LEU B 159 -0.56 15.11 -6.27
N SER B 160 -0.63 15.76 -7.43
CA SER B 160 -1.40 15.27 -8.58
C SER B 160 -2.77 14.73 -8.14
N ILE B 161 -3.43 15.49 -7.26
CA ILE B 161 -4.71 15.08 -6.70
C ILE B 161 -5.80 15.50 -7.66
N ILE B 162 -6.49 14.52 -8.24
CA ILE B 162 -7.72 14.79 -8.96
C ILE B 162 -8.76 14.86 -7.86
N HIS B 163 -9.54 15.93 -7.82
CA HIS B 163 -10.66 16.05 -6.86
C HIS B 163 -11.72 15.01 -7.20
N CYS B 164 -12.08 14.94 -8.48
CA CYS B 164 -12.77 13.78 -9.07
C CYS B 164 -14.26 13.62 -8.72
N ASP B 165 -14.95 14.73 -8.42
CA ASP B 165 -16.41 14.76 -8.23
C ASP B 165 -16.92 16.22 -8.17
N LEU B 166 -16.43 17.05 -9.07
CA LEU B 166 -16.56 18.50 -8.95
C LEU B 166 -17.91 19.00 -9.51
N LYS B 167 -18.67 19.68 -8.64
CA LYS B 167 -19.99 20.23 -8.97
C LYS B 167 -20.25 21.48 -8.11
N PRO B 168 -21.33 22.24 -8.41
CA PRO B 168 -21.68 23.39 -7.56
C PRO B 168 -21.96 23.06 -6.09
N GLU B 169 -22.36 21.83 -5.77
CA GLU B 169 -22.57 21.41 -4.37
C GLU B 169 -21.26 21.34 -3.55
N ASN B 170 -20.14 21.10 -4.24
CA ASN B 170 -18.82 20.93 -3.60
C ASN B 170 -17.92 22.19 -3.69
N ILE B 171 -18.52 23.37 -3.91
CA ILE B 171 -17.83 24.66 -3.74
C ILE B 171 -18.66 25.50 -2.78
N LEU B 172 -18.12 25.81 -1.59
CA LEU B 172 -18.83 26.64 -0.60
C LEU B 172 -18.11 27.96 -0.34
N LEU B 173 -18.88 29.02 -0.11
CA LEU B 173 -18.32 30.34 0.21
C LEU B 173 -17.91 30.37 1.68
N CYS B 174 -16.87 31.15 1.99
CA CYS B 174 -16.39 31.32 3.37
C CYS B 174 -17.45 32.05 4.20
N ASN B 175 -17.81 33.25 3.74
CA ASN B 175 -18.87 34.06 4.35
C ASN B 175 -19.88 34.44 3.27
N PRO B 176 -21.16 34.66 3.65
CA PRO B 176 -22.21 34.80 2.63
C PRO B 176 -22.25 36.14 1.87
N LYS B 177 -21.51 37.14 2.36
CA LYS B 177 -21.38 38.45 1.70
C LYS B 177 -20.14 38.54 0.81
N ARG B 178 -19.02 38.03 1.31
CA ARG B 178 -17.71 38.17 0.64
C ARG B 178 -17.53 37.22 -0.54
N SER B 179 -16.43 37.41 -1.27
CA SER B 179 -16.17 36.75 -2.55
C SER B 179 -15.53 35.35 -2.47
N ALA B 180 -14.86 35.05 -1.35
CA ALA B 180 -14.01 33.86 -1.24
C ALA B 180 -14.79 32.55 -1.26
N ILE B 181 -14.17 31.52 -1.85
CA ILE B 181 -14.73 30.16 -1.90
C ILE B 181 -13.64 29.11 -1.64
N LYS B 182 -14.09 27.92 -1.25
CA LYS B 182 -13.21 26.82 -0.84
C LYS B 182 -13.83 25.51 -1.30
N ILE B 183 -13.02 24.65 -1.93
CA ILE B 183 -13.50 23.37 -2.44
C ILE B 183 -13.62 22.39 -1.28
N VAL B 184 -14.71 21.61 -1.24
CA VAL B 184 -14.96 20.62 -0.19
C VAL B 184 -15.19 19.21 -0.76
N ASP B 185 -15.19 18.23 0.14
CA ASP B 185 -15.42 16.81 -0.17
C ASP B 185 -14.41 16.20 -1.13
N PHE B 186 -13.36 15.61 -0.57
CA PHE B 186 -12.38 14.83 -1.32
C PHE B 186 -12.62 13.32 -1.15
N GLY B 187 -13.76 12.93 -0.57
CA GLY B 187 -14.10 11.52 -0.36
C GLY B 187 -14.08 10.65 -1.61
N SER B 188 -14.39 11.26 -2.76
CA SER B 188 -14.40 10.59 -4.07
C SER B 188 -13.09 10.77 -4.86
N SER B 189 -12.05 11.35 -4.24
CA SER B 189 -10.79 11.68 -4.93
C SER B 189 -9.84 10.49 -5.10
N CYS B 190 -8.77 10.73 -5.85
CA CYS B 190 -7.68 9.79 -6.02
C CYS B 190 -6.45 10.57 -6.49
N GLN B 191 -5.26 10.08 -6.15
CA GLN B 191 -4.02 10.62 -6.73
C GLN B 191 -3.85 10.08 -8.15
N LEU B 192 -3.06 10.80 -8.95
CA LEU B 192 -2.88 10.45 -10.35
C LEU B 192 -2.06 9.18 -10.46
N GLY B 193 -2.43 8.30 -11.38
CA GLY B 193 -1.63 7.13 -11.72
C GLY B 193 -2.39 6.06 -12.51
N GLN B 194 -2.58 4.90 -11.89
CA GLN B 194 -3.14 3.73 -12.57
C GLN B 194 -4.65 3.89 -12.71
N ARG B 195 -5.19 3.43 -13.84
CA ARG B 195 -6.63 3.50 -14.08
C ARG B 195 -7.34 2.32 -13.39
N ILE B 196 -7.89 2.59 -12.20
CA ILE B 196 -8.67 1.60 -11.43
C ILE B 196 -10.18 1.84 -11.57
N TYR B 197 -10.61 3.10 -11.56
CA TYR B 197 -12.03 3.49 -11.55
C TYR B 197 -12.42 4.12 -12.88
N GLN B 198 -13.56 3.72 -13.43
CA GLN B 198 -14.06 4.26 -14.70
C GLN B 198 -15.39 5.01 -14.58
N PTR B 199 -16.31 4.49 -13.76
CA PTR B 199 -17.53 5.23 -13.37
C PTR B 199 -17.07 6.24 -12.37
O PTR B 199 -16.62 5.88 -11.28
CB PTR B 199 -18.58 4.29 -12.77
CG PTR B 199 -19.99 4.83 -12.78
CD1 PTR B 199 -20.75 4.82 -13.97
CD2 PTR B 199 -20.57 5.32 -11.61
CE1 PTR B 199 -22.06 5.29 -13.98
CE2 PTR B 199 -21.89 5.79 -11.62
CZ PTR B 199 -22.64 5.79 -12.80
OH PTR B 199 -23.94 6.24 -12.79
P PTR B 199 -24.39 7.76 -13.05
O1P PTR B 199 -25.80 7.81 -12.54
O2P PTR B 199 -24.24 7.88 -14.55
O3P PTR B 199 -23.43 8.60 -12.25
N ILE B 200 -17.13 7.51 -12.73
CA ILE B 200 -16.40 8.56 -12.02
C ILE B 200 -16.94 9.95 -12.40
N GLN B 201 -16.85 10.89 -11.45
CA GLN B 201 -17.46 12.23 -11.56
C GLN B 201 -19.00 12.21 -11.52
N SER B 202 -19.60 13.39 -11.51
CA SER B 202 -21.06 13.56 -11.54
C SER B 202 -21.57 13.68 -12.98
N ARG B 203 -22.76 13.14 -13.25
CA ARG B 203 -23.20 12.87 -14.63
C ARG B 203 -23.31 14.08 -15.56
N PHE B 204 -23.70 15.24 -15.03
CA PHE B 204 -23.70 16.47 -15.82
C PHE B 204 -22.25 16.91 -16.12
N TYR B 205 -21.38 16.74 -15.13
CA TYR B 205 -20.02 17.30 -15.15
C TYR B 205 -18.95 16.28 -15.56
N ARG B 206 -19.38 15.15 -16.12
CA ARG B 206 -18.49 14.07 -16.56
C ARG B 206 -17.75 14.47 -17.84
N SER B 207 -16.59 13.85 -18.07
CA SER B 207 -15.67 14.27 -19.14
C SER B 207 -15.62 13.31 -20.34
N PRO B 208 -15.30 13.81 -21.55
CA PRO B 208 -15.08 13.00 -22.76
C PRO B 208 -14.23 11.74 -22.59
N GLU B 209 -13.18 11.83 -21.79
CA GLU B 209 -12.30 10.69 -21.53
C GLU B 209 -13.07 9.60 -20.77
N VAL B 210 -13.73 10.03 -19.70
CA VAL B 210 -14.55 9.14 -18.88
C VAL B 210 -15.71 8.58 -19.70
N LEU B 211 -16.44 9.48 -20.37
CA LEU B 211 -17.48 9.12 -21.34
C LEU B 211 -17.12 7.91 -22.19
N LEU B 212 -15.96 7.99 -22.85
CA LEU B 212 -15.50 6.97 -23.81
C LEU B 212 -14.57 5.88 -23.23
N GLY B 213 -13.97 6.12 -22.07
CA GLY B 213 -13.16 5.11 -21.36
C GLY B 213 -11.67 5.16 -21.63
N MET B 214 -11.11 6.37 -21.70
CA MET B 214 -9.69 6.59 -21.98
C MET B 214 -8.88 6.60 -20.68
N PRO B 215 -7.55 6.82 -20.80
CA PRO B 215 -6.80 7.36 -19.66
C PRO B 215 -7.26 8.77 -19.30
N TYR B 216 -7.32 9.05 -18.00
CA TYR B 216 -7.67 10.39 -17.51
C TYR B 216 -6.65 10.87 -16.47
N ASP B 217 -6.33 12.16 -16.52
CA ASP B 217 -5.45 12.82 -15.55
C ASP B 217 -6.22 13.97 -14.88
N LEU B 218 -5.52 15.05 -14.48
CA LEU B 218 -6.12 16.18 -13.76
C LEU B 218 -6.89 17.17 -14.65
N ALA B 219 -6.77 17.01 -15.97
CA ALA B 219 -7.57 17.81 -16.91
C ALA B 219 -9.07 17.46 -16.90
N ILE B 220 -9.44 16.35 -16.27
CA ILE B 220 -10.84 15.90 -16.18
C ILE B 220 -11.68 16.75 -15.17
N ASP B 221 -10.99 17.39 -14.22
CA ASP B 221 -11.61 18.44 -13.39
C ASP B 221 -11.83 19.75 -14.17
N MET B 222 -10.89 20.09 -15.05
CA MET B 222 -11.00 21.28 -15.90
C MET B 222 -12.20 21.24 -16.83
N TRP B 223 -12.60 20.06 -17.28
CA TRP B 223 -13.87 19.88 -17.99
C TRP B 223 -15.05 20.25 -17.08
N SER B 224 -15.05 19.72 -15.86
CA SER B 224 -16.10 20.02 -14.89
C SER B 224 -16.20 21.53 -14.64
N LEU B 225 -15.05 22.17 -14.41
CA LEU B 225 -14.99 23.63 -14.17
C LEU B 225 -15.54 24.45 -15.34
N GLY B 226 -15.39 23.93 -16.55
CA GLY B 226 -16.01 24.53 -17.74
C GLY B 226 -17.52 24.51 -17.61
N CYS B 227 -18.08 23.32 -17.40
CA CYS B 227 -19.53 23.14 -17.23
C CYS B 227 -20.11 23.82 -15.99
N ILE B 228 -19.25 24.06 -14.98
CA ILE B 228 -19.63 24.77 -13.74
C ILE B 228 -19.67 26.28 -13.96
N LEU B 229 -18.58 26.83 -14.47
CA LEU B 229 -18.47 28.29 -14.69
C LEU B 229 -19.49 28.83 -15.68
N VAL B 230 -19.96 28.02 -16.62
CA VAL B 230 -21.06 28.41 -17.50
C VAL B 230 -22.35 28.56 -16.69
N GLU B 231 -22.69 27.54 -15.88
CA GLU B 231 -23.93 27.59 -15.11
C GLU B 231 -23.91 28.54 -13.91
N MET B 232 -22.75 29.08 -13.54
CA MET B 232 -22.69 30.18 -12.57
C MET B 232 -23.22 31.49 -13.18
N HIS B 233 -22.82 31.79 -14.42
CA HIS B 233 -23.35 32.95 -15.15
C HIS B 233 -24.74 32.68 -15.77
N THR B 234 -24.91 31.53 -16.42
CA THR B 234 -26.15 31.18 -17.12
C THR B 234 -27.29 30.86 -16.15
N GLY B 235 -27.04 29.89 -15.26
CA GLY B 235 -28.00 29.47 -14.24
C GLY B 235 -28.41 28.01 -14.36
N GLU B 236 -28.64 27.57 -15.60
CA GLU B 236 -29.16 26.21 -15.88
C GLU B 236 -27.98 25.24 -16.06
N PRO B 237 -28.15 23.95 -15.70
CA PRO B 237 -27.09 22.97 -15.98
C PRO B 237 -26.80 22.84 -17.48
N LEU B 238 -25.53 23.04 -17.85
CA LEU B 238 -25.10 23.05 -19.26
C LEU B 238 -25.43 21.74 -19.99
N PHE B 239 -24.98 20.63 -19.42
CA PHE B 239 -25.22 19.28 -19.95
C PHE B 239 -26.05 18.50 -18.93
N SER B 240 -27.39 18.55 -19.07
CA SER B 240 -28.31 18.09 -18.01
C SER B 240 -28.84 16.67 -18.22
N GLY B 241 -27.99 15.77 -18.69
CA GLY B 241 -28.44 14.45 -19.15
C GLY B 241 -29.00 13.54 -18.08
N ALA B 242 -30.16 12.94 -18.39
CA ALA B 242 -30.86 12.03 -17.48
C ALA B 242 -30.17 10.66 -17.37
N ASN B 243 -29.64 10.16 -18.49
CA ASN B 243 -28.77 8.97 -18.52
C ASN B 243 -27.44 9.30 -19.20
N GLU B 244 -26.57 8.31 -19.43
CA GLU B 244 -25.22 8.58 -19.92
C GLU B 244 -25.17 8.90 -21.42
N VAL B 245 -25.84 8.11 -22.24
CA VAL B 245 -25.92 8.39 -23.69
C VAL B 245 -26.70 9.67 -24.01
N ASP B 246 -27.71 9.97 -23.19
CA ASP B 246 -28.46 11.22 -23.31
C ASP B 246 -27.55 12.42 -23.10
N GLN B 247 -26.75 12.38 -22.02
CA GLN B 247 -25.86 13.51 -21.70
C GLN B 247 -24.80 13.70 -22.79
N MET B 248 -24.28 12.58 -23.32
CA MET B 248 -23.32 12.63 -24.43
C MET B 248 -23.93 13.25 -25.70
N ASN B 249 -25.22 13.02 -25.94
CA ASN B 249 -25.94 13.67 -27.04
C ASN B 249 -26.09 15.18 -26.80
N LYS B 250 -26.20 15.59 -25.53
CA LYS B 250 -26.20 17.01 -25.15
C LYS B 250 -24.81 17.67 -25.17
N ILE B 251 -23.73 16.88 -25.18
CA ILE B 251 -22.36 17.38 -25.39
C ILE B 251 -22.18 17.72 -26.87
N VAL B 252 -22.48 16.75 -27.74
CA VAL B 252 -22.31 16.89 -29.19
C VAL B 252 -23.32 17.87 -29.82
N GLU B 253 -24.37 18.24 -29.09
CA GLU B 253 -25.21 19.38 -29.45
C GLU B 253 -24.39 20.67 -29.41
N VAL B 254 -23.80 20.95 -28.26
CA VAL B 254 -23.09 22.22 -28.02
C VAL B 254 -21.73 22.23 -28.72
N LEU B 255 -20.89 21.25 -28.39
CA LEU B 255 -19.63 21.05 -29.10
C LEU B 255 -19.90 20.46 -30.49
N GLY B 256 -18.86 20.46 -31.32
CA GLY B 256 -18.91 19.78 -32.61
C GLY B 256 -18.86 18.27 -32.43
N ILE B 257 -18.46 17.56 -33.47
CA ILE B 257 -18.35 16.10 -33.42
C ILE B 257 -17.07 15.76 -32.64
N PRO B 258 -17.11 14.69 -31.80
CA PRO B 258 -15.87 14.17 -31.22
C PRO B 258 -14.86 13.80 -32.32
N PRO B 259 -13.58 14.23 -32.19
CA PRO B 259 -12.65 14.05 -33.31
C PRO B 259 -12.22 12.61 -33.61
N ALA B 260 -11.54 12.42 -34.73
CA ALA B 260 -11.11 11.10 -35.20
C ALA B 260 -10.03 10.48 -34.32
N HIS B 261 -9.08 11.29 -33.86
CA HIS B 261 -8.00 10.83 -32.98
C HIS B 261 -8.50 10.23 -31.66
N ILE B 262 -9.61 10.74 -31.15
CA ILE B 262 -10.24 10.22 -29.93
C ILE B 262 -10.93 8.89 -30.22
N LEU B 263 -11.96 8.93 -31.08
CA LEU B 263 -12.83 7.76 -31.31
C LEU B 263 -12.17 6.53 -31.96
N ASP B 264 -10.94 6.67 -32.48
CA ASP B 264 -10.18 5.50 -32.96
C ASP B 264 -9.68 4.65 -31.78
N GLN B 265 -9.15 5.31 -30.74
CA GLN B 265 -8.69 4.64 -29.53
C GLN B 265 -9.77 4.42 -28.46
N ALA B 266 -10.98 4.95 -28.67
CA ALA B 266 -12.08 4.87 -27.69
C ALA B 266 -12.63 3.46 -27.51
N PRO B 267 -12.55 2.90 -26.28
CA PRO B 267 -13.16 1.59 -26.07
C PRO B 267 -14.68 1.53 -26.29
N LYS B 268 -15.44 2.34 -25.55
CA LYS B 268 -16.91 2.29 -25.60
C LYS B 268 -17.51 3.42 -26.45
N ALA B 269 -16.92 3.64 -27.62
CA ALA B 269 -17.48 4.55 -28.63
C ALA B 269 -18.74 3.95 -29.23
N ARG B 270 -18.73 2.63 -29.42
CA ARG B 270 -19.83 1.89 -30.08
C ARG B 270 -21.26 2.10 -29.54
N LYS B 271 -21.38 2.55 -28.29
CA LYS B 271 -22.69 2.86 -27.70
C LYS B 271 -23.18 4.23 -28.17
N PHE B 272 -22.31 5.23 -28.05
CA PHE B 272 -22.66 6.61 -28.43
C PHE B 272 -22.64 6.81 -29.94
N PHE B 273 -21.68 6.16 -30.60
CA PHE B 273 -21.39 6.38 -32.02
C PHE B 273 -21.41 5.12 -32.88
N GLU B 274 -21.68 5.35 -34.16
CA GLU B 274 -21.73 4.32 -35.21
C GLU B 274 -20.72 4.71 -36.29
N LYS B 275 -20.26 3.74 -37.07
CA LYS B 275 -19.38 3.99 -38.22
C LYS B 275 -20.09 3.75 -39.56
N LEU B 276 -20.19 4.80 -40.37
CA LEU B 276 -20.75 4.74 -41.73
C LEU B 276 -19.72 5.31 -42.73
N PRO B 277 -19.05 4.42 -43.50
CA PRO B 277 -18.00 4.85 -44.46
C PRO B 277 -18.42 5.97 -45.42
N THR B 280 -15.85 7.26 -41.10
CA THR B 280 -16.25 8.50 -40.43
C THR B 280 -17.46 8.29 -39.52
N TRP B 281 -17.46 8.94 -38.35
CA TRP B 281 -18.36 8.60 -37.23
C TRP B 281 -19.69 9.36 -37.22
N ASN B 282 -20.78 8.63 -36.95
CA ASN B 282 -22.16 9.16 -37.05
C ASN B 282 -23.06 8.53 -35.96
N LEU B 283 -24.13 9.23 -35.60
CA LEU B 283 -25.09 8.78 -34.58
C LEU B 283 -26.29 8.02 -35.16
N LYS B 284 -27.00 7.29 -34.28
CA LYS B 284 -28.31 6.72 -34.60
C LYS B 284 -29.28 7.06 -33.48
N TYR B 293 -35.18 13.33 -30.77
CA TYR B 293 -33.79 13.77 -30.89
C TYR B 293 -33.65 15.11 -31.61
N LYS B 294 -32.77 15.96 -31.10
CA LYS B 294 -32.43 17.26 -31.71
C LYS B 294 -31.10 17.16 -32.47
N PRO B 295 -30.81 18.13 -33.37
CA PRO B 295 -29.67 17.98 -34.30
C PRO B 295 -28.29 18.26 -33.70
N PRO B 296 -27.20 17.77 -34.36
CA PRO B 296 -25.85 17.88 -33.82
C PRO B 296 -25.12 19.17 -34.23
N GLY B 297 -24.37 19.76 -33.29
CA GLY B 297 -23.53 20.93 -33.55
C GLY B 297 -24.23 22.29 -33.65
N THR B 298 -25.55 22.31 -33.54
CA THR B 298 -26.36 23.50 -33.84
C THR B 298 -26.60 24.39 -32.61
N ARG B 299 -26.79 23.77 -31.45
CA ARG B 299 -27.03 24.50 -30.18
C ARG B 299 -25.75 25.19 -29.71
N LYS B 300 -25.39 26.29 -30.38
CA LYS B 300 -24.07 26.91 -30.19
C LYS B 300 -23.92 27.63 -28.84
N LEU B 301 -22.69 27.62 -28.34
CA LEU B 301 -22.32 28.31 -27.09
C LEU B 301 -22.40 29.84 -27.22
N HIS B 302 -22.34 30.35 -28.44
CA HIS B 302 -22.56 31.78 -28.73
C HIS B 302 -23.94 32.28 -28.25
N ASN B 303 -24.96 31.42 -28.31
CA ASN B 303 -26.33 31.78 -27.93
C ASN B 303 -26.60 31.74 -26.41
N ILE B 304 -26.20 30.66 -25.75
CA ILE B 304 -26.54 30.47 -24.31
C ILE B 304 -25.86 31.51 -23.41
N LEU B 305 -24.60 31.82 -23.70
CA LEU B 305 -23.88 32.91 -23.01
C LEU B 305 -24.42 34.29 -23.38
N GLY B 306 -24.93 34.43 -24.61
CA GLY B 306 -25.60 35.65 -25.07
C GLY B 306 -24.62 36.74 -25.49
N VAL B 307 -23.62 36.36 -26.27
CA VAL B 307 -22.42 37.18 -26.49
C VAL B 307 -22.75 38.48 -27.24
N GLU B 308 -23.63 38.37 -28.24
CA GLU B 308 -24.10 39.51 -29.01
C GLU B 308 -25.50 39.99 -28.58
N THR B 309 -26.23 39.17 -27.82
CA THR B 309 -27.62 39.45 -27.41
C THR B 309 -27.82 39.85 -25.93
N GLY B 310 -26.78 40.41 -25.30
CA GLY B 310 -26.88 40.95 -23.93
C GLY B 310 -27.03 39.93 -22.80
N GLY B 311 -26.37 38.79 -22.94
CA GLY B 311 -26.40 37.76 -21.91
C GLY B 311 -27.65 36.90 -21.95
N PRO B 312 -27.79 35.95 -21.00
CA PRO B 312 -28.97 35.08 -20.90
C PRO B 312 -30.26 35.87 -20.74
N GLY B 313 -31.21 35.64 -21.65
CA GLY B 313 -32.49 36.38 -21.67
C GLY B 313 -32.38 37.88 -21.93
N GLY B 314 -31.22 38.32 -22.43
CA GLY B 314 -30.89 39.74 -22.50
C GLY B 314 -30.79 40.46 -21.17
N ARG B 315 -30.64 39.72 -20.06
CA ARG B 315 -30.70 40.29 -18.71
C ARG B 315 -29.41 40.96 -18.26
N ARG B 316 -28.33 40.83 -19.04
CA ARG B 316 -27.09 41.60 -18.82
C ARG B 316 -26.92 42.73 -19.84
N ALA B 317 -28.02 43.23 -20.42
CA ALA B 317 -27.95 44.28 -21.43
C ALA B 317 -27.52 45.61 -20.80
N GLY B 318 -26.41 46.17 -21.28
CA GLY B 318 -25.90 47.46 -20.80
C GLY B 318 -25.08 47.42 -19.50
N GLU B 319 -24.90 46.24 -18.92
CA GLU B 319 -24.22 46.12 -17.64
C GLU B 319 -22.70 46.25 -17.84
N SER B 320 -22.04 47.03 -16.98
CA SER B 320 -20.59 47.25 -17.11
C SER B 320 -19.85 45.96 -16.80
N GLY B 321 -18.81 45.70 -17.59
CA GLY B 321 -18.10 44.42 -17.59
C GLY B 321 -18.73 43.31 -18.43
N HIS B 322 -19.72 43.65 -19.26
CA HIS B 322 -20.44 42.65 -20.07
C HIS B 322 -20.54 43.06 -21.55
N THR B 323 -19.44 43.59 -22.09
CA THR B 323 -19.38 43.99 -23.50
C THR B 323 -19.29 42.74 -24.37
N VAL B 324 -19.34 42.93 -25.69
CA VAL B 324 -19.17 41.82 -26.62
C VAL B 324 -17.72 41.28 -26.52
N ALA B 325 -16.76 42.19 -26.33
CA ALA B 325 -15.36 41.83 -26.06
C ALA B 325 -15.18 41.00 -24.79
N ASP B 326 -15.84 41.38 -23.70
CA ASP B 326 -15.78 40.64 -22.42
C ASP B 326 -16.34 39.22 -22.53
N TYR B 327 -17.52 39.09 -23.13
CA TYR B 327 -18.14 37.77 -23.39
C TYR B 327 -17.36 36.91 -24.40
N LEU B 328 -16.64 37.54 -25.32
CA LEU B 328 -15.77 36.82 -26.25
C LEU B 328 -14.54 36.26 -25.55
N LYS B 329 -13.85 37.09 -24.75
CA LYS B 329 -12.68 36.60 -23.99
C LYS B 329 -13.06 35.68 -22.83
N PHE B 330 -14.34 35.68 -22.45
CA PHE B 330 -14.88 34.68 -21.54
C PHE B 330 -15.05 33.33 -22.24
N LYS B 331 -15.70 33.33 -23.41
CA LYS B 331 -16.06 32.09 -24.10
C LYS B 331 -14.84 31.33 -24.63
N ASP B 332 -13.85 32.04 -25.16
CA ASP B 332 -12.64 31.40 -25.69
C ASP B 332 -11.92 30.53 -24.64
N LEU B 333 -11.99 30.94 -23.38
CA LEU B 333 -11.47 30.13 -22.27
C LEU B 333 -12.30 28.86 -22.10
N ILE B 334 -13.61 29.03 -22.06
CA ILE B 334 -14.54 27.89 -21.94
C ILE B 334 -14.57 27.01 -23.19
N LEU B 335 -14.31 27.57 -24.37
CA LEU B 335 -14.14 26.75 -25.59
C LEU B 335 -12.90 25.86 -25.52
N ARG B 336 -11.86 26.35 -24.83
CA ARG B 336 -10.64 25.58 -24.60
C ARG B 336 -10.83 24.60 -23.43
N MET B 337 -11.42 25.08 -22.32
CA MET B 337 -11.76 24.24 -21.15
C MET B 337 -12.65 23.02 -21.45
N LEU B 338 -13.41 23.08 -22.54
CA LEU B 338 -14.21 21.95 -23.02
C LEU B 338 -13.69 21.43 -24.39
N ASP B 339 -12.37 21.44 -24.56
CA ASP B 339 -11.74 20.80 -25.72
C ASP B 339 -11.80 19.29 -25.49
N TYR B 340 -12.00 18.53 -26.55
CA TYR B 340 -12.20 17.09 -26.43
C TYR B 340 -10.98 16.31 -25.92
N ASP B 341 -9.77 16.76 -26.26
CA ASP B 341 -8.52 16.04 -25.90
C ASP B 341 -7.88 16.58 -24.60
N PRO B 342 -7.41 15.68 -23.70
CA PRO B 342 -6.81 16.10 -22.42
C PRO B 342 -5.50 16.89 -22.50
N LYS B 343 -4.60 16.51 -23.41
CA LYS B 343 -3.31 17.19 -23.57
C LYS B 343 -3.42 18.56 -24.23
N THR B 344 -4.43 18.76 -25.09
CA THR B 344 -4.68 20.05 -25.74
C THR B 344 -5.88 20.81 -25.13
N ARG B 345 -6.21 20.51 -23.87
CA ARG B 345 -7.03 21.40 -23.03
C ARG B 345 -6.14 22.40 -22.30
N ILE B 346 -6.74 23.53 -21.91
CA ILE B 346 -6.07 24.52 -21.06
C ILE B 346 -5.65 23.86 -19.75
N GLN B 347 -4.46 24.22 -19.25
CA GLN B 347 -3.99 23.77 -17.94
C GLN B 347 -4.07 24.93 -16.96
N PRO B 348 -4.22 24.61 -15.65
CA PRO B 348 -4.37 25.63 -14.61
C PRO B 348 -3.40 26.80 -14.65
N TYR B 349 -2.14 26.57 -15.06
CA TYR B 349 -1.15 27.65 -15.16
C TYR B 349 -1.45 28.66 -16.27
N TYR B 350 -1.61 28.18 -17.51
CA TYR B 350 -1.85 29.06 -18.66
C TYR B 350 -3.25 29.70 -18.64
N ALA B 351 -4.19 29.10 -17.93
CA ALA B 351 -5.51 29.72 -17.72
C ALA B 351 -5.43 31.06 -17.02
N LEU B 352 -4.49 31.22 -16.07
CA LEU B 352 -4.27 32.51 -15.39
C LEU B 352 -3.56 33.56 -16.26
N GLN B 353 -2.90 33.13 -17.33
CA GLN B 353 -2.31 34.05 -18.30
C GLN B 353 -3.37 34.57 -19.29
N HIS B 354 -4.50 33.89 -19.37
CA HIS B 354 -5.60 34.26 -20.29
C HIS B 354 -6.04 35.71 -20.08
N SER B 355 -6.55 36.31 -21.15
CA SER B 355 -6.92 37.74 -21.18
C SER B 355 -8.07 38.10 -20.25
N PHE B 356 -8.93 37.12 -19.99
CA PHE B 356 -10.07 37.25 -19.07
C PHE B 356 -9.68 37.71 -17.66
N PHE B 357 -8.47 37.35 -17.21
CA PHE B 357 -7.95 37.77 -15.91
C PHE B 357 -6.90 38.89 -16.07
N LYS B 358 -7.31 39.99 -16.70
CA LYS B 358 -6.45 41.17 -16.97
C LYS B 358 -5.19 40.81 -17.75
N VAL C 13 32.36 -12.96 7.22
CA VAL C 13 31.80 -14.28 6.80
C VAL C 13 30.27 -14.32 6.98
N TYR C 14 29.55 -14.25 5.85
CA TYR C 14 28.10 -14.03 5.80
C TYR C 14 27.34 -15.26 5.30
N ASN C 15 26.10 -15.42 5.76
CA ASN C 15 25.15 -16.45 5.31
C ASN C 15 25.79 -17.84 5.31
N ASP C 16 26.41 -18.19 6.45
CA ASP C 16 27.17 -19.44 6.62
C ASP C 16 28.30 -19.68 5.56
N GLY C 17 28.77 -18.60 4.92
CA GLY C 17 29.73 -18.67 3.82
C GLY C 17 29.17 -18.74 2.39
N TYR C 18 27.85 -18.59 2.22
CA TYR C 18 27.22 -18.72 0.89
C TYR C 18 27.34 -17.44 0.05
N ASP C 19 27.22 -16.28 0.69
CA ASP C 19 27.32 -14.97 0.01
C ASP C 19 28.71 -14.38 0.20
N ASP C 20 29.01 -13.33 -0.59
CA ASP C 20 30.23 -12.54 -0.44
C ASP C 20 29.93 -11.24 0.31
N ASP C 21 30.93 -10.38 0.50
CA ASP C 21 30.77 -9.15 1.28
C ASP C 21 29.88 -8.09 0.62
N ASN C 22 29.65 -8.22 -0.69
CA ASN C 22 28.67 -7.39 -1.44
C ASN C 22 27.19 -7.89 -1.34
N TYR C 23 26.97 -9.01 -0.66
CA TYR C 23 25.66 -9.70 -0.58
C TYR C 23 25.23 -10.42 -1.86
N ASP C 24 26.13 -10.53 -2.86
CA ASP C 24 25.92 -11.40 -4.03
C ASP C 24 26.08 -12.84 -3.54
N TYR C 25 25.28 -13.76 -4.09
CA TYR C 25 25.51 -15.18 -3.86
C TYR C 25 26.75 -15.60 -4.61
N ILE C 26 27.60 -16.43 -3.99
CA ILE C 26 28.83 -16.88 -4.62
C ILE C 26 28.47 -18.00 -5.60
N VAL C 27 28.41 -17.65 -6.88
CA VAL C 27 28.17 -18.63 -7.95
C VAL C 27 29.34 -19.61 -8.04
N LYS C 28 29.00 -20.88 -8.20
CA LYS C 28 29.95 -21.94 -8.57
C LYS C 28 29.31 -22.71 -9.72
N ASN C 29 30.09 -22.98 -10.76
CA ASN C 29 29.61 -23.71 -11.94
C ASN C 29 29.43 -25.18 -11.57
N GLY C 30 28.48 -25.84 -12.23
CA GLY C 30 28.15 -27.23 -11.95
C GLY C 30 27.49 -27.50 -10.60
N GLU C 31 26.95 -26.47 -9.97
CA GLU C 31 26.31 -26.59 -8.66
C GLU C 31 24.80 -26.74 -8.86
N LYS C 32 24.27 -27.92 -8.55
CA LYS C 32 22.84 -28.22 -8.72
C LYS C 32 22.04 -27.63 -7.56
N TRP C 33 21.03 -26.82 -7.87
CA TRP C 33 20.14 -26.25 -6.86
C TRP C 33 18.85 -27.05 -6.79
N MET C 34 18.63 -27.70 -5.63
CA MET C 34 17.35 -28.32 -5.27
C MET C 34 16.70 -29.14 -6.37
N ASP C 35 17.26 -30.33 -6.57
CA ASP C 35 16.75 -31.34 -7.53
C ASP C 35 16.85 -30.96 -9.02
N ARG C 36 16.94 -29.67 -9.39
CA ARG C 36 16.66 -29.28 -10.79
C ARG C 36 17.43 -28.17 -11.54
N TYR C 37 18.05 -27.20 -10.88
CA TYR C 37 18.82 -26.16 -11.61
C TYR C 37 20.34 -26.34 -11.50
N GLU C 38 20.98 -26.92 -12.53
CA GLU C 38 22.44 -26.93 -12.61
C GLU C 38 22.95 -25.62 -13.19
N ILE C 39 23.82 -24.95 -12.44
CA ILE C 39 24.41 -23.68 -12.88
C ILE C 39 25.53 -23.93 -13.88
N ASP C 40 25.37 -23.42 -15.10
CA ASP C 40 26.37 -23.49 -16.16
C ASP C 40 27.45 -22.42 -15.96
N SER C 41 27.04 -21.15 -16.01
CA SER C 41 27.97 -20.02 -15.92
C SER C 41 27.26 -18.73 -15.52
N LEU C 42 28.04 -17.66 -15.35
CA LEU C 42 27.53 -16.32 -15.10
C LEU C 42 27.43 -15.57 -16.43
N ILE C 43 26.20 -15.15 -16.78
CA ILE C 43 25.93 -14.45 -18.05
C ILE C 43 25.73 -12.93 -17.86
N GLY C 44 26.24 -12.37 -16.77
CA GLY C 44 26.09 -10.93 -16.47
C GLY C 44 26.02 -10.60 -15.00
N LYS C 45 26.25 -9.33 -14.68
CA LYS C 45 26.29 -8.83 -13.30
C LYS C 45 25.72 -7.40 -13.26
N GLY C 46 25.16 -7.04 -12.10
CA GLY C 46 24.50 -5.73 -11.94
C GLY C 46 24.17 -5.32 -10.50
N SER C 47 23.63 -4.11 -10.34
CA SER C 47 23.34 -3.57 -9.00
C SER C 47 22.37 -4.43 -8.22
N PHE C 48 21.37 -4.98 -8.91
CA PHE C 48 20.40 -5.95 -8.33
C PHE C 48 21.02 -7.22 -7.73
N GLY C 49 22.14 -7.67 -8.29
CA GLY C 49 22.73 -8.97 -7.96
C GLY C 49 23.39 -9.60 -9.17
N GLN C 50 23.00 -10.83 -9.51
CA GLN C 50 23.65 -11.58 -10.59
C GLN C 50 22.62 -12.29 -11.46
N VAL C 51 22.94 -12.43 -12.74
CA VAL C 51 22.14 -13.17 -13.71
C VAL C 51 22.97 -14.35 -14.17
N VAL C 52 22.49 -15.58 -13.93
CA VAL C 52 23.19 -16.81 -14.34
C VAL C 52 22.40 -17.68 -15.33
N LYS C 53 23.15 -18.45 -16.12
CA LYS C 53 22.61 -19.41 -17.07
C LYS C 53 22.60 -20.78 -16.41
N ALA C 54 21.55 -21.56 -16.70
CA ALA C 54 21.31 -22.83 -16.02
C ALA C 54 20.37 -23.73 -16.80
N TYR C 55 20.57 -25.04 -16.65
CA TYR C 55 19.69 -26.01 -17.25
C TYR C 55 18.67 -26.51 -16.21
N ASP C 56 17.41 -26.17 -16.46
CA ASP C 56 16.27 -26.76 -15.75
C ASP C 56 16.08 -28.19 -16.25
N ARG C 57 16.37 -29.17 -15.37
CA ARG C 57 16.29 -30.60 -15.73
C ARG C 57 14.94 -31.24 -15.36
N VAL C 58 13.87 -30.47 -15.48
CA VAL C 58 12.50 -30.91 -15.26
C VAL C 58 11.69 -30.51 -16.49
N GLU C 59 11.72 -29.21 -16.81
CA GLU C 59 11.21 -28.70 -18.07
C GLU C 59 12.05 -29.14 -19.29
N GLN C 60 13.34 -29.43 -19.10
CA GLN C 60 14.31 -29.78 -20.17
C GLN C 60 14.55 -28.62 -21.13
N GLU C 61 14.86 -27.47 -20.55
CA GLU C 61 15.17 -26.23 -21.29
C GLU C 61 16.24 -25.42 -20.51
N TRP C 62 16.92 -24.51 -21.22
CA TRP C 62 17.83 -23.54 -20.60
C TRP C 62 17.02 -22.39 -20.07
N VAL C 63 17.39 -21.89 -18.89
CA VAL C 63 16.76 -20.71 -18.31
C VAL C 63 17.81 -19.74 -17.76
N ALA C 64 17.41 -18.48 -17.64
CA ALA C 64 18.22 -17.39 -17.08
C ALA C 64 17.64 -17.00 -15.72
N ILE C 65 18.45 -17.16 -14.67
CA ILE C 65 18.01 -16.98 -13.27
C ILE C 65 18.68 -15.75 -12.63
N LYS C 66 17.87 -14.73 -12.39
CA LYS C 66 18.31 -13.48 -11.78
C LYS C 66 18.32 -13.63 -10.25
N ILE C 67 19.53 -13.71 -9.69
CA ILE C 67 19.72 -13.97 -8.27
C ILE C 67 19.92 -12.62 -7.60
N ILE C 68 18.96 -12.24 -6.75
CA ILE C 68 19.00 -10.93 -6.09
C ILE C 68 19.87 -11.05 -4.84
N LYS C 69 20.52 -9.95 -4.47
CA LYS C 69 21.40 -9.93 -3.29
C LYS C 69 20.63 -10.20 -2.02
N ASN C 70 21.25 -10.93 -1.11
CA ASN C 70 20.67 -11.21 0.22
C ASN C 70 20.83 -9.94 1.08
N LYS C 71 19.96 -8.97 0.83
CA LYS C 71 19.92 -7.72 1.60
C LYS C 71 18.57 -7.04 1.39
N LYS C 72 17.98 -6.52 2.47
CA LYS C 72 16.56 -6.11 2.50
C LYS C 72 16.17 -5.14 1.39
N ALA C 73 16.98 -4.13 1.12
CA ALA C 73 16.66 -3.15 0.08
C ALA C 73 16.52 -3.78 -1.32
N PHE C 74 17.47 -4.63 -1.69
CA PHE C 74 17.47 -5.27 -3.02
C PHE C 74 16.32 -6.26 -3.19
N LEU C 75 16.05 -7.06 -2.16
CA LEU C 75 14.90 -7.95 -2.17
C LEU C 75 13.62 -7.15 -2.43
N ASN C 76 13.44 -6.08 -1.67
CA ASN C 76 12.24 -5.25 -1.78
C ASN C 76 11.92 -4.74 -3.17
N GLN C 77 12.93 -4.28 -3.92
CA GLN C 77 12.68 -3.82 -5.29
C GLN C 77 12.35 -4.99 -6.21
N ALA C 78 12.99 -6.14 -5.99
CA ALA C 78 12.65 -7.38 -6.71
C ALA C 78 11.25 -7.84 -6.38
N GLN C 79 10.85 -7.73 -5.10
CA GLN C 79 9.47 -8.09 -4.71
C GLN C 79 8.50 -7.20 -5.48
N ILE C 80 8.84 -5.92 -5.61
CA ILE C 80 8.11 -4.97 -6.47
C ILE C 80 8.12 -5.46 -7.93
N GLU C 81 9.32 -5.70 -8.47
CA GLU C 81 9.48 -6.09 -9.88
C GLU C 81 8.70 -7.36 -10.16
N VAL C 82 8.83 -8.33 -9.26
CA VAL C 82 8.12 -9.60 -9.39
C VAL C 82 6.63 -9.37 -9.67
N ARG C 83 5.98 -8.53 -8.86
CA ARG C 83 4.53 -8.36 -8.98
C ARG C 83 4.07 -7.39 -10.06
N LEU C 84 4.97 -6.63 -10.67
CA LEU C 84 4.66 -5.93 -11.94
C LEU C 84 4.64 -6.96 -13.05
N LEU C 85 5.67 -7.81 -13.08
CA LEU C 85 5.76 -8.90 -14.05
C LEU C 85 4.57 -9.85 -13.99
N GLU C 86 4.13 -10.18 -12.78
CA GLU C 86 2.91 -10.96 -12.59
C GLU C 86 1.64 -10.16 -12.98
N LEU C 87 1.66 -8.85 -12.77
CA LEU C 87 0.61 -7.97 -13.28
C LEU C 87 0.52 -8.05 -14.82
N MET C 88 1.68 -8.04 -15.49
CA MET C 88 1.74 -8.17 -16.97
C MET C 88 1.23 -9.51 -17.49
N ASN C 89 1.33 -10.58 -16.69
CA ASN C 89 0.78 -11.90 -17.08
C ASN C 89 -0.75 -11.91 -17.15
N LYS C 90 -1.41 -11.23 -16.21
CA LYS C 90 -2.87 -11.17 -16.16
C LYS C 90 -3.48 -10.48 -17.39
N HIS C 91 -2.74 -9.51 -17.94
CA HIS C 91 -3.12 -8.90 -19.22
C HIS C 91 -2.89 -9.88 -20.37
N ASP C 92 -3.98 -10.25 -21.02
CA ASP C 92 -4.04 -11.29 -22.03
C ASP C 92 -4.02 -10.66 -23.43
N THR C 93 -2.84 -10.57 -24.05
CA THR C 93 -2.68 -9.93 -25.38
C THR C 93 -1.39 -10.41 -26.05
N GLU C 94 -1.36 -10.31 -27.39
CA GLU C 94 -0.16 -10.64 -28.18
C GLU C 94 1.01 -9.66 -27.97
N MET C 95 0.70 -8.42 -27.64
CA MET C 95 1.73 -7.43 -27.27
C MET C 95 2.55 -7.81 -26.03
N LYS C 96 1.98 -8.62 -25.14
CA LYS C 96 2.67 -9.13 -23.94
C LYS C 96 3.98 -9.89 -24.19
N TYR C 97 4.06 -10.61 -25.31
CA TYR C 97 5.23 -11.47 -25.60
C TYR C 97 6.55 -10.72 -25.87
N TYR C 98 6.45 -9.43 -26.20
CA TYR C 98 7.62 -8.56 -26.36
C TYR C 98 8.26 -8.13 -25.02
N ILE C 99 7.67 -8.55 -23.89
CA ILE C 99 8.33 -8.51 -22.58
C ILE C 99 8.86 -9.91 -22.28
N VAL C 100 10.06 -9.98 -21.69
CA VAL C 100 10.68 -11.26 -21.33
C VAL C 100 9.88 -11.90 -20.20
N HIS C 101 9.41 -13.12 -20.43
CA HIS C 101 8.53 -13.82 -19.51
C HIS C 101 9.22 -14.31 -18.24
N LEU C 102 8.66 -13.99 -17.09
CA LEU C 102 9.09 -14.53 -15.82
C LEU C 102 8.41 -15.86 -15.63
N LYS C 103 9.18 -16.96 -15.67
CA LYS C 103 8.64 -18.31 -15.53
C LYS C 103 8.05 -18.50 -14.13
N ARG C 104 8.89 -18.26 -13.12
CA ARG C 104 8.54 -18.42 -11.70
C ARG C 104 9.63 -17.77 -10.84
N HIS C 105 9.43 -17.76 -9.52
CA HIS C 105 10.44 -17.32 -8.57
C HIS C 105 10.48 -18.24 -7.36
N PHE C 106 11.58 -18.20 -6.63
CA PHE C 106 11.74 -18.98 -5.41
C PHE C 106 12.87 -18.41 -4.50
N MET C 107 12.92 -18.88 -3.26
CA MET C 107 13.94 -18.48 -2.30
C MET C 107 14.95 -19.61 -2.17
N PHE C 108 16.24 -19.25 -2.24
CA PHE C 108 17.34 -20.22 -2.18
C PHE C 108 18.50 -19.64 -1.39
N ARG C 109 18.83 -20.25 -0.26
CA ARG C 109 19.89 -19.75 0.63
C ARG C 109 19.69 -18.26 0.97
N ASN C 110 18.43 -17.87 1.20
CA ASN C 110 18.02 -16.47 1.51
C ASN C 110 18.23 -15.49 0.36
N HIS C 111 18.23 -15.98 -0.88
CA HIS C 111 18.27 -15.12 -2.07
C HIS C 111 16.99 -15.35 -2.86
N LEU C 112 16.33 -14.27 -3.27
CA LEU C 112 15.22 -14.39 -4.20
C LEU C 112 15.79 -14.64 -5.58
N CYS C 113 15.30 -15.68 -6.25
CA CYS C 113 15.76 -16.04 -7.58
C CYS C 113 14.61 -15.93 -8.58
N LEU C 114 14.66 -14.89 -9.42
CA LEU C 114 13.70 -14.77 -10.51
C LEU C 114 14.18 -15.65 -11.64
N VAL C 115 13.34 -16.57 -12.11
CA VAL C 115 13.65 -17.40 -13.28
C VAL C 115 12.99 -16.83 -14.53
N PHE C 116 13.80 -16.34 -15.47
CA PHE C 116 13.31 -15.91 -16.79
C PHE C 116 13.64 -16.93 -17.85
N GLU C 117 12.93 -16.86 -18.97
CA GLU C 117 13.30 -17.59 -20.19
C GLU C 117 14.67 -17.11 -20.67
N MET C 118 15.52 -18.02 -21.16
CA MET C 118 16.80 -17.61 -21.76
C MET C 118 16.64 -17.25 -23.24
N LEU C 119 17.34 -16.19 -23.63
CA LEU C 119 17.48 -15.75 -25.02
C LEU C 119 18.99 -15.73 -25.35
N SER C 120 19.40 -15.16 -26.48
CA SER C 120 20.81 -15.26 -26.92
C SER C 120 21.72 -14.27 -26.21
N TYR C 121 21.52 -12.98 -26.48
CA TYR C 121 22.31 -11.90 -25.85
C TYR C 121 21.65 -10.52 -26.09
N ASN C 122 22.13 -9.48 -25.41
CA ASN C 122 21.50 -8.14 -25.48
C ASN C 122 21.96 -7.28 -26.67
N LEU C 123 21.25 -6.18 -26.91
CA LEU C 123 21.55 -5.29 -28.04
C LEU C 123 22.92 -4.60 -27.94
N TYR C 124 23.46 -4.45 -26.72
CA TYR C 124 24.83 -3.94 -26.57
C TYR C 124 25.83 -4.99 -27.07
N ASP C 125 25.60 -6.25 -26.71
CA ASP C 125 26.38 -7.36 -27.26
C ASP C 125 26.20 -7.49 -28.76
N LEU C 126 25.01 -7.15 -29.27
CA LEU C 126 24.77 -7.13 -30.72
C LEU C 126 25.49 -5.97 -31.39
N LEU C 127 25.44 -4.81 -30.73
CA LEU C 127 26.14 -3.61 -31.20
C LEU C 127 27.67 -3.77 -31.16
N ARG C 128 28.18 -4.56 -30.22
CA ARG C 128 29.62 -4.86 -30.13
C ARG C 128 30.03 -5.93 -31.15
N ASN C 129 29.13 -6.90 -31.37
CA ASN C 129 29.32 -7.90 -32.43
C ASN C 129 29.45 -7.29 -33.81
N THR C 130 28.77 -6.16 -34.05
CA THR C 130 28.85 -5.42 -35.33
C THR C 130 29.95 -4.32 -35.40
N ASN C 131 30.91 -4.36 -34.47
CA ASN C 131 32.07 -3.44 -34.47
C ASN C 131 31.70 -1.95 -34.42
N PHE C 132 30.57 -1.63 -33.79
CA PHE C 132 30.08 -0.25 -33.64
C PHE C 132 29.83 0.51 -34.96
N ARG C 133 29.43 -0.23 -36.00
CA ARG C 133 28.95 0.36 -37.26
C ARG C 133 27.45 0.11 -37.42
N GLY C 134 26.83 -0.38 -36.34
CA GLY C 134 25.43 -0.65 -36.31
C GLY C 134 25.03 -1.74 -37.28
N VAL C 135 23.72 -1.84 -37.46
CA VAL C 135 23.13 -2.90 -38.24
C VAL C 135 22.21 -2.27 -39.27
N SER C 136 21.67 -3.08 -40.19
CA SER C 136 20.87 -2.56 -41.30
C SER C 136 19.61 -1.81 -40.81
N LEU C 137 19.18 -0.84 -41.62
CA LEU C 137 17.93 -0.11 -41.43
C LEU C 137 16.68 -1.00 -41.51
N ASN C 138 16.78 -2.13 -42.19
CA ASN C 138 15.68 -3.08 -42.26
C ASN C 138 15.55 -3.86 -40.94
N LEU C 139 16.69 -4.14 -40.31
CA LEU C 139 16.70 -4.75 -38.97
C LEU C 139 16.30 -3.74 -37.88
N THR C 140 16.69 -2.48 -38.06
CA THR C 140 16.32 -1.38 -37.16
C THR C 140 14.81 -1.11 -37.23
N ARG C 141 14.25 -1.21 -38.43
CA ARG C 141 12.80 -1.07 -38.66
C ARG C 141 12.03 -2.14 -37.89
N LYS C 142 12.51 -3.38 -37.93
CA LYS C 142 11.93 -4.47 -37.16
C LYS C 142 11.99 -4.22 -35.64
N PHE C 143 13.15 -3.73 -35.14
CA PHE C 143 13.30 -3.39 -33.71
C PHE C 143 12.42 -2.19 -33.31
N ALA C 144 12.40 -1.16 -34.16
CA ALA C 144 11.56 0.02 -33.95
C ALA C 144 10.10 -0.34 -33.80
N GLN C 145 9.62 -1.23 -34.67
CA GLN C 145 8.23 -1.69 -34.66
C GLN C 145 7.91 -2.42 -33.35
N GLN C 146 8.81 -3.31 -32.96
CA GLN C 146 8.60 -4.15 -31.78
C GLN C 146 8.72 -3.35 -30.46
N MET C 147 9.71 -2.46 -30.38
CA MET C 147 9.84 -1.54 -29.24
C MET C 147 8.61 -0.63 -29.10
N CYS C 148 8.11 -0.12 -30.22
CA CYS C 148 6.86 0.64 -30.25
C CYS C 148 5.68 -0.21 -29.76
N THR C 149 5.60 -1.45 -30.24
CA THR C 149 4.60 -2.41 -29.76
C THR C 149 4.74 -2.66 -28.24
N ALA C 150 5.99 -2.74 -27.76
CA ALA C 150 6.26 -2.96 -26.33
C ALA C 150 5.79 -1.80 -25.46
N LEU C 151 6.15 -0.57 -25.85
CA LEU C 151 5.70 0.64 -25.15
C LEU C 151 4.21 0.96 -25.34
N LEU C 152 3.58 0.38 -26.36
CA LEU C 152 2.12 0.42 -26.47
C LEU C 152 1.48 -0.43 -25.36
N PHE C 153 2.08 -1.59 -25.09
CA PHE C 153 1.62 -2.48 -24.02
C PHE C 153 1.66 -1.83 -22.63
N LEU C 154 2.83 -1.28 -22.25
CA LEU C 154 2.99 -0.58 -20.97
C LEU C 154 1.97 0.55 -20.78
N ALA C 155 1.66 1.25 -21.88
CA ALA C 155 0.65 2.31 -21.89
C ALA C 155 -0.80 1.80 -21.97
N THR C 156 -1.03 0.52 -21.68
CA THR C 156 -2.35 0.03 -21.34
C THR C 156 -2.73 0.72 -20.02
N PRO C 157 -3.90 1.40 -19.97
CA PRO C 157 -4.16 2.27 -18.81
C PRO C 157 -4.27 1.57 -17.44
N GLU C 158 -4.71 0.31 -17.44
CA GLU C 158 -4.66 -0.51 -16.21
C GLU C 158 -3.22 -0.70 -15.77
N LEU C 159 -2.35 -0.98 -16.75
CA LEU C 159 -0.91 -1.12 -16.51
C LEU C 159 -0.23 0.23 -16.21
N SER C 160 -0.11 1.09 -17.22
CA SER C 160 0.50 2.43 -17.09
C SER C 160 1.90 2.44 -16.47
N ILE C 161 2.78 1.55 -16.96
CA ILE C 161 4.14 1.38 -16.43
C ILE C 161 5.14 2.22 -17.21
N ILE C 162 6.05 2.88 -16.50
CA ILE C 162 7.27 3.40 -17.13
C ILE C 162 8.38 2.37 -16.89
N HIS C 163 9.02 1.92 -17.97
CA HIS C 163 10.20 1.08 -17.84
C HIS C 163 11.31 1.83 -17.08
N CYS C 164 11.47 3.12 -17.37
CA CYS C 164 12.33 4.03 -16.60
C CYS C 164 13.85 3.88 -16.79
N ASP C 165 14.29 2.93 -17.62
CA ASP C 165 15.72 2.70 -17.90
C ASP C 165 15.89 1.85 -19.16
N LEU C 166 15.39 2.38 -20.27
CA LEU C 166 15.57 1.75 -21.57
C LEU C 166 16.97 2.08 -22.08
N LYS C 167 17.79 1.04 -22.21
CA LYS C 167 19.10 1.15 -22.83
C LYS C 167 19.31 -0.14 -23.66
N PRO C 168 20.32 -0.15 -24.56
CA PRO C 168 20.62 -1.38 -25.33
C PRO C 168 20.91 -2.62 -24.47
N GLU C 169 21.59 -2.43 -23.34
CA GLU C 169 21.93 -3.52 -22.40
C GLU C 169 20.66 -4.23 -21.88
N ASN C 170 19.57 -3.48 -21.69
CA ASN C 170 18.29 -4.04 -21.20
C ASN C 170 17.28 -4.36 -22.32
N ILE C 171 17.78 -4.74 -23.48
CA ILE C 171 16.94 -5.25 -24.56
C ILE C 171 17.63 -6.52 -25.08
N LEU C 172 16.85 -7.59 -25.28
CA LEU C 172 17.39 -8.91 -25.65
C LEU C 172 16.89 -9.40 -27.00
N LEU C 173 17.68 -10.30 -27.60
CA LEU C 173 17.46 -10.87 -28.93
C LEU C 173 17.31 -12.39 -28.81
N CYS C 174 16.31 -12.98 -29.48
CA CYS C 174 15.90 -14.39 -29.27
C CYS C 174 16.82 -15.46 -29.92
N ASN C 175 17.31 -15.21 -31.13
CA ASN C 175 18.49 -15.91 -31.67
C ASN C 175 19.12 -15.10 -32.82
N PRO C 176 20.47 -15.18 -32.98
CA PRO C 176 21.23 -14.21 -33.83
C PRO C 176 20.85 -14.15 -35.32
N LYS C 177 20.25 -15.22 -35.83
CA LYS C 177 19.69 -15.23 -37.19
C LYS C 177 18.41 -14.40 -37.21
N ARG C 178 17.56 -14.61 -36.20
CA ARG C 178 16.22 -14.05 -36.15
C ARG C 178 16.18 -12.56 -35.79
N SER C 179 14.99 -11.96 -35.90
CA SER C 179 14.76 -10.52 -35.68
C SER C 179 13.89 -10.19 -34.45
N ALA C 180 13.54 -11.20 -33.66
CA ALA C 180 12.68 -10.98 -32.48
C ALA C 180 13.48 -10.37 -31.33
N ILE C 181 12.86 -9.44 -30.60
CA ILE C 181 13.48 -8.80 -29.41
C ILE C 181 12.51 -8.59 -28.27
N LYS C 182 13.04 -8.55 -27.05
CA LYS C 182 12.24 -8.34 -25.84
C LYS C 182 12.93 -7.38 -24.86
N ILE C 183 12.13 -6.76 -23.99
CA ILE C 183 12.61 -5.86 -22.93
C ILE C 183 12.87 -6.65 -21.66
N VAL C 184 13.97 -6.33 -20.94
CA VAL C 184 14.29 -6.95 -19.62
C VAL C 184 14.54 -5.92 -18.53
N ASP C 185 14.60 -6.41 -17.29
CA ASP C 185 14.88 -5.63 -16.09
C ASP C 185 13.85 -4.54 -15.85
N PHE C 186 12.88 -4.84 -15.01
CA PHE C 186 11.87 -3.86 -14.58
C PHE C 186 12.09 -3.43 -13.13
N GLY C 187 13.31 -3.61 -12.61
CA GLY C 187 13.66 -3.27 -11.21
C GLY C 187 13.41 -1.82 -10.82
N SER C 188 13.74 -0.90 -11.72
CA SER C 188 13.58 0.55 -11.52
C SER C 188 12.27 1.13 -12.12
N SER C 189 11.32 0.27 -12.46
CA SER C 189 10.08 0.68 -13.13
C SER C 189 8.97 0.96 -12.11
N CYS C 190 8.69 2.23 -11.87
CA CYS C 190 7.49 2.59 -11.10
C CYS C 190 6.27 2.53 -12.03
N GLN C 191 5.08 2.47 -11.44
CA GLN C 191 3.86 2.78 -12.17
C GLN C 191 3.68 4.29 -12.13
N LEU C 192 3.02 4.83 -13.16
CA LEU C 192 2.88 6.28 -13.32
C LEU C 192 2.07 6.87 -12.18
N GLY C 193 2.30 8.15 -11.92
CA GLY C 193 1.51 8.89 -10.95
C GLY C 193 2.23 10.16 -10.54
N GLN C 194 2.08 10.52 -9.27
CA GLN C 194 2.97 11.49 -8.66
C GLN C 194 4.38 10.91 -8.62
N ARG C 195 5.36 11.71 -9.05
CA ARG C 195 6.77 11.30 -9.07
C ARG C 195 7.38 11.48 -7.68
N ILE C 196 8.52 10.83 -7.44
CA ILE C 196 9.22 10.94 -6.15
C ILE C 196 10.75 11.04 -6.34
N TYR C 197 11.35 10.07 -7.04
CA TYR C 197 12.76 10.13 -7.43
C TYR C 197 12.91 10.93 -8.73
N GLN C 198 13.88 11.86 -8.76
CA GLN C 198 14.10 12.75 -9.90
C GLN C 198 15.32 12.42 -10.77
N PTR C 199 16.20 11.55 -10.27
CA PTR C 199 17.40 11.13 -11.00
C PTR C 199 17.07 9.78 -11.54
O PTR C 199 17.23 8.76 -10.82
CB PTR C 199 18.55 11.13 -9.99
CG PTR C 199 19.96 11.02 -10.57
CD1 PTR C 199 20.46 11.93 -11.51
CD2 PTR C 199 20.79 9.98 -10.16
CE1 PTR C 199 21.76 11.78 -12.01
CE2 PTR C 199 22.09 9.83 -10.66
CZ PTR C 199 22.59 10.73 -11.60
OH PTR C 199 23.86 10.59 -12.10
P PTR C 199 24.08 10.10 -13.62
O1P PTR C 199 25.26 9.17 -13.54
O2P PTR C 199 24.33 11.37 -14.38
O3P PTR C 199 22.77 9.41 -13.97
N ILE C 200 16.58 9.72 -12.78
CA ILE C 200 16.15 8.46 -13.41
C ILE C 200 16.57 8.33 -14.88
N GLN C 201 16.58 7.09 -15.36
CA GLN C 201 17.13 6.67 -16.66
C GLN C 201 18.65 6.71 -16.68
N SER C 202 19.22 5.95 -17.62
CA SER C 202 20.65 6.00 -17.89
C SER C 202 21.01 7.28 -18.62
N ARG C 203 22.27 7.69 -18.44
CA ARG C 203 22.77 9.03 -18.79
C ARG C 203 22.55 9.45 -20.24
N PHE C 204 22.97 8.62 -21.20
CA PHE C 204 22.79 8.94 -22.63
C PHE C 204 21.32 9.02 -23.05
N TYR C 205 20.49 8.16 -22.46
CA TYR C 205 19.08 8.03 -22.82
C TYR C 205 18.16 8.77 -21.84
N ARG C 206 18.75 9.61 -20.99
CA ARG C 206 17.98 10.48 -20.11
C ARG C 206 17.25 11.53 -20.97
N SER C 207 15.99 11.79 -20.62
CA SER C 207 15.10 12.65 -21.42
C SER C 207 15.25 14.13 -21.05
N PRO C 208 14.68 15.04 -21.87
CA PRO C 208 14.71 16.46 -21.49
C PRO C 208 14.01 16.73 -20.16
N GLU C 209 12.77 16.25 -20.03
CA GLU C 209 11.91 16.61 -18.91
C GLU C 209 12.30 16.01 -17.56
N VAL C 210 13.26 15.07 -17.52
CA VAL C 210 13.86 14.61 -16.25
C VAL C 210 15.26 15.21 -15.99
N LEU C 211 16.05 15.41 -17.04
CA LEU C 211 17.26 16.23 -16.97
C LEU C 211 16.93 17.57 -16.33
N LEU C 212 15.83 18.14 -16.82
CA LEU C 212 15.35 19.45 -16.42
C LEU C 212 14.62 19.38 -15.05
N GLY C 213 13.76 18.38 -14.89
CA GLY C 213 13.02 18.18 -13.63
C GLY C 213 11.57 18.64 -13.69
N MET C 214 10.86 18.20 -14.72
CA MET C 214 9.43 18.50 -14.92
C MET C 214 8.59 17.25 -14.59
N PRO C 215 7.27 17.30 -14.84
CA PRO C 215 6.49 16.07 -14.77
C PRO C 215 6.87 15.09 -15.91
N TYR C 216 7.23 13.87 -15.53
CA TYR C 216 7.58 12.83 -16.50
C TYR C 216 6.50 11.75 -16.54
N ASP C 217 6.05 11.44 -17.76
CA ASP C 217 5.06 10.40 -18.02
C ASP C 217 5.72 9.32 -18.90
N LEU C 218 4.93 8.31 -19.31
CA LEU C 218 5.44 7.20 -20.15
C LEU C 218 6.28 7.60 -21.38
N ALA C 219 6.07 8.82 -21.86
CA ALA C 219 6.91 9.45 -22.90
C ALA C 219 8.40 9.36 -22.63
N ILE C 220 8.78 9.45 -21.35
CA ILE C 220 10.17 9.21 -20.91
C ILE C 220 10.86 8.01 -21.59
N ASP C 221 10.13 6.92 -21.78
CA ASP C 221 10.63 5.74 -22.51
C ASP C 221 10.80 6.03 -24.01
N MET C 222 9.83 6.77 -24.58
CA MET C 222 9.86 7.11 -26.00
C MET C 222 11.05 7.97 -26.40
N TRP C 223 11.49 8.88 -25.52
CA TRP C 223 12.73 9.64 -25.76
C TRP C 223 13.90 8.69 -25.89
N SER C 224 14.00 7.77 -24.92
CA SER C 224 15.05 6.77 -24.89
C SER C 224 15.05 5.89 -26.13
N LEU C 225 13.85 5.54 -26.62
CA LEU C 225 13.69 4.71 -27.81
C LEU C 225 14.29 5.37 -29.05
N GLY C 226 13.92 6.61 -29.29
CA GLY C 226 14.52 7.40 -30.38
C GLY C 226 16.02 7.47 -30.24
N CYS C 227 16.51 7.67 -29.01
CA CYS C 227 17.94 7.78 -28.72
C CYS C 227 18.73 6.47 -28.97
N ILE C 228 18.07 5.31 -28.90
CA ILE C 228 18.72 4.01 -29.21
C ILE C 228 18.62 3.60 -30.69
N LEU C 229 17.45 3.81 -31.30
CA LEU C 229 17.24 3.44 -32.72
C LEU C 229 18.21 4.14 -33.69
N VAL C 230 18.72 5.30 -33.30
CA VAL C 230 19.86 5.92 -34.00
C VAL C 230 21.11 5.09 -33.75
N GLU C 231 21.41 4.82 -32.48
CA GLU C 231 22.58 4.02 -32.09
C GLU C 231 22.63 2.61 -32.71
N MET C 232 21.46 2.01 -32.95
CA MET C 232 21.41 0.70 -33.60
C MET C 232 21.93 0.70 -35.04
N HIS C 233 21.73 1.82 -35.74
CA HIS C 233 22.16 1.94 -37.13
C HIS C 233 23.56 2.52 -37.26
N THR C 234 23.80 3.62 -36.56
CA THR C 234 25.11 4.29 -36.60
C THR C 234 26.18 3.48 -35.88
N GLY C 235 25.79 2.81 -34.81
CA GLY C 235 26.67 1.91 -34.06
C GLY C 235 27.30 2.48 -32.80
N GLU C 236 27.10 3.77 -32.53
CA GLU C 236 27.58 4.42 -31.33
C GLU C 236 26.46 5.27 -30.70
N PRO C 237 26.56 5.57 -29.38
CA PRO C 237 25.48 6.34 -28.76
C PRO C 237 25.37 7.75 -29.33
N LEU C 238 24.14 8.18 -29.57
CA LEU C 238 23.90 9.49 -30.18
C LEU C 238 24.36 10.62 -29.26
N PHE C 239 23.76 10.71 -28.07
CA PHE C 239 24.12 11.72 -27.07
C PHE C 239 25.02 11.07 -26.02
N SER C 240 26.32 11.05 -26.28
CA SER C 240 27.29 10.31 -25.47
C SER C 240 27.93 11.17 -24.37
N GLY C 241 27.09 11.89 -23.63
CA GLY C 241 27.55 12.89 -22.66
C GLY C 241 28.13 12.34 -21.38
N ALA C 242 29.23 12.95 -20.92
CA ALA C 242 29.95 12.53 -19.71
C ALA C 242 29.44 13.21 -18.41
N ASN C 243 28.41 14.04 -18.52
CA ASN C 243 27.61 14.56 -17.38
C ASN C 243 26.39 15.28 -17.96
N GLU C 244 25.50 15.80 -17.10
CA GLU C 244 24.20 16.31 -17.58
C GLU C 244 24.28 17.61 -18.39
N VAL C 245 25.17 18.52 -18.02
CA VAL C 245 25.36 19.76 -18.81
C VAL C 245 25.89 19.40 -20.21
N ASP C 246 26.82 18.45 -20.27
CA ASP C 246 27.32 17.93 -21.53
C ASP C 246 26.25 17.11 -22.28
N GLN C 247 25.45 16.36 -21.52
CA GLN C 247 24.33 15.60 -22.07
C GLN C 247 23.34 16.52 -22.79
N MET C 248 22.95 17.60 -22.13
CA MET C 248 21.98 18.56 -22.67
C MET C 248 22.53 19.34 -23.87
N ASN C 249 23.81 19.73 -23.79
CA ASN C 249 24.50 20.41 -24.90
C ASN C 249 24.36 19.59 -26.18
N LYS C 250 24.78 18.33 -26.10
CA LYS C 250 24.80 17.43 -27.25
C LYS C 250 23.43 17.22 -27.89
N ILE C 251 22.38 17.34 -27.07
CA ILE C 251 21.00 17.28 -27.55
C ILE C 251 20.60 18.53 -28.34
N VAL C 252 20.88 19.72 -27.80
CA VAL C 252 20.55 20.99 -28.48
C VAL C 252 21.39 21.25 -29.75
N GLU C 253 22.60 20.69 -29.81
CA GLU C 253 23.39 20.67 -31.06
C GLU C 253 22.60 20.09 -32.24
N VAL C 254 21.81 19.05 -31.96
CA VAL C 254 21.03 18.34 -32.97
C VAL C 254 19.65 19.00 -33.20
N LEU C 255 18.88 19.15 -32.12
CA LEU C 255 17.48 19.63 -32.21
C LEU C 255 17.27 21.11 -31.87
N GLY C 256 18.35 21.88 -31.72
CA GLY C 256 18.24 23.33 -31.53
C GLY C 256 17.60 23.73 -30.20
N ILE C 257 17.15 24.98 -30.14
CA ILE C 257 16.55 25.55 -28.91
C ILE C 257 15.18 24.93 -28.60
N PRO C 258 14.88 24.68 -27.30
CA PRO C 258 13.53 24.20 -26.97
C PRO C 258 12.52 25.36 -26.91
N PRO C 259 11.22 25.07 -27.06
CA PRO C 259 10.21 26.13 -27.17
C PRO C 259 9.80 26.75 -25.82
N ALA C 260 9.21 27.94 -25.89
CA ALA C 260 8.86 28.75 -24.70
C ALA C 260 7.97 28.03 -23.67
N HIS C 261 7.07 27.18 -24.14
CA HIS C 261 6.20 26.37 -23.27
C HIS C 261 6.97 25.70 -22.13
N ILE C 262 8.08 25.05 -22.49
CA ILE C 262 8.84 24.19 -21.57
C ILE C 262 9.68 24.99 -20.57
N LEU C 263 10.57 25.85 -21.07
CA LEU C 263 11.57 26.50 -20.22
C LEU C 263 11.01 27.53 -19.22
N ASP C 264 9.78 27.99 -19.43
CA ASP C 264 9.16 28.96 -18.53
C ASP C 264 8.53 28.37 -17.26
N GLN C 265 8.51 27.04 -17.15
CA GLN C 265 8.19 26.34 -15.90
C GLN C 265 9.31 25.34 -15.59
N ALA C 266 10.54 25.85 -15.57
CA ALA C 266 11.75 25.02 -15.53
C ALA C 266 12.55 25.20 -14.22
N PRO C 267 12.44 24.24 -13.28
CA PRO C 267 13.21 24.26 -12.04
C PRO C 267 14.75 24.34 -12.15
N LYS C 268 15.33 23.77 -13.21
CA LYS C 268 16.79 23.62 -13.32
C LYS C 268 17.37 24.14 -14.65
N ALA C 269 16.67 25.06 -15.31
CA ALA C 269 17.14 25.66 -16.56
C ALA C 269 18.44 26.47 -16.39
N ARG C 270 18.62 27.05 -15.21
CA ARG C 270 19.81 27.87 -14.90
C ARG C 270 21.13 27.15 -15.23
N LYS C 271 21.20 25.86 -14.92
CA LYS C 271 22.41 25.06 -15.16
C LYS C 271 22.81 24.96 -16.64
N PHE C 272 21.82 24.96 -17.53
CA PHE C 272 22.04 24.82 -18.98
C PHE C 272 21.89 26.16 -19.70
N PHE C 273 20.76 26.83 -19.46
CA PHE C 273 20.44 28.11 -20.11
C PHE C 273 19.94 29.13 -19.08
N ASP C 278 12.73 40.69 -24.13
CA ASP C 278 12.79 39.92 -25.37
C ASP C 278 12.14 38.54 -25.23
N GLY C 279 12.32 37.91 -24.07
CA GLY C 279 11.64 36.64 -23.73
C GLY C 279 12.14 35.37 -24.43
N THR C 280 13.19 35.49 -25.25
CA THR C 280 13.69 34.36 -26.02
C THR C 280 14.60 33.50 -25.13
N TRP C 281 15.04 32.36 -25.66
CA TRP C 281 15.90 31.43 -24.95
C TRP C 281 17.11 31.04 -25.80
N ASN C 282 18.28 31.00 -25.18
CA ASN C 282 19.49 30.41 -25.78
C ASN C 282 20.44 29.88 -24.69
N LEU C 283 21.21 28.85 -25.02
CA LEU C 283 21.99 28.08 -24.04
C LEU C 283 23.22 28.82 -23.49
N LYS C 284 23.62 28.46 -22.27
CA LYS C 284 24.77 29.04 -21.58
C LYS C 284 26.03 28.21 -21.76
N LYS C 285 27.19 28.82 -21.49
CA LYS C 285 28.51 28.17 -21.60
C LYS C 285 29.06 27.81 -20.22
N ARG C 291 36.82 19.88 -25.52
CA ARG C 291 36.95 20.73 -26.69
C ARG C 291 35.71 21.61 -26.88
N GLU C 292 35.85 22.63 -27.74
CA GLU C 292 34.75 23.55 -28.03
C GLU C 292 33.63 22.85 -28.81
N TYR C 293 32.41 23.32 -28.60
CA TYR C 293 31.19 22.62 -29.03
C TYR C 293 30.73 23.11 -30.41
N LYS C 294 29.66 22.51 -30.93
CA LYS C 294 28.98 22.99 -32.14
C LYS C 294 27.69 23.71 -31.75
N PRO C 295 27.14 24.54 -32.66
CA PRO C 295 25.83 25.18 -32.41
C PRO C 295 24.66 24.28 -32.78
N LYS C 300 24.09 18.98 -36.88
CA LYS C 300 23.60 18.05 -37.87
C LYS C 300 22.27 17.43 -37.44
N LEU C 301 21.44 17.07 -38.42
CA LEU C 301 20.12 16.46 -38.20
C LEU C 301 19.98 15.14 -38.95
N HIS C 302 20.15 15.20 -40.27
CA HIS C 302 20.03 14.02 -41.15
C HIS C 302 21.37 13.60 -41.79
N ASN C 303 22.49 14.13 -41.27
CA ASN C 303 23.84 13.81 -41.78
C ASN C 303 24.51 12.67 -40.99
N ILE C 304 24.28 12.63 -39.68
CA ILE C 304 24.80 11.55 -38.82
C ILE C 304 24.09 10.23 -39.12
N LEU C 305 22.82 10.31 -39.54
CA LEU C 305 22.16 9.18 -40.19
C LEU C 305 22.84 8.93 -41.54
N GLY C 306 22.95 9.98 -42.33
CA GLY C 306 23.54 9.91 -43.66
C GLY C 306 22.45 9.60 -44.67
N VAL C 307 21.40 10.42 -44.66
CA VAL C 307 20.19 10.20 -45.47
C VAL C 307 20.48 10.18 -46.98
N GLU C 308 21.40 11.03 -47.41
CA GLU C 308 21.92 10.96 -48.77
C GLU C 308 23.41 11.36 -48.79
N THR C 309 24.22 10.58 -48.08
CA THR C 309 25.68 10.58 -48.25
C THR C 309 26.28 9.16 -48.08
N GLY C 310 25.48 8.12 -48.33
CA GLY C 310 25.90 6.73 -48.22
C GLY C 310 25.62 6.04 -46.89
N GLY C 311 24.69 6.58 -46.09
CA GLY C 311 24.37 6.01 -44.78
C GLY C 311 25.42 6.35 -43.74
N PRO C 312 25.41 5.64 -42.59
CA PRO C 312 26.46 5.84 -41.58
C PRO C 312 27.85 5.44 -42.08
N GLY C 313 28.75 6.42 -42.18
CA GLY C 313 30.11 6.21 -42.67
C GLY C 313 30.23 5.93 -44.16
N GLY C 314 29.21 6.31 -44.92
CA GLY C 314 29.20 6.05 -46.37
C GLY C 314 29.15 4.59 -46.77
N ARG C 315 28.89 3.71 -45.81
CA ARG C 315 29.08 2.27 -45.98
C ARG C 315 27.92 1.60 -46.72
N ARG C 316 26.73 2.16 -46.57
CA ARG C 316 25.53 1.61 -47.17
C ARG C 316 25.04 2.55 -48.24
N ALA C 317 25.71 2.45 -49.40
CA ALA C 317 25.34 3.17 -50.61
C ALA C 317 25.11 2.13 -51.71
N GLY C 318 23.90 2.11 -52.26
CA GLY C 318 23.52 1.13 -53.27
C GLY C 318 23.22 -0.22 -52.64
N GLU C 319 22.30 -0.23 -51.68
CA GLU C 319 21.86 -1.47 -51.01
C GLU C 319 20.33 -1.61 -51.09
N SER C 320 19.85 -2.85 -51.04
CA SER C 320 18.43 -3.14 -50.98
C SER C 320 17.75 -2.63 -49.69
N GLY C 321 17.06 -1.49 -49.80
CA GLY C 321 16.28 -0.93 -48.70
C GLY C 321 17.03 0.09 -47.85
N HIS C 322 17.79 0.97 -48.52
CA HIS C 322 18.56 2.03 -47.85
C HIS C 322 18.53 3.33 -48.69
N THR C 323 17.43 3.58 -49.40
CA THR C 323 17.33 4.67 -50.39
C THR C 323 17.27 6.07 -49.76
N VAL C 324 17.14 7.12 -50.59
CA VAL C 324 16.95 8.49 -50.10
C VAL C 324 15.60 8.63 -49.38
N ALA C 325 14.56 8.03 -49.96
CA ALA C 325 13.18 8.16 -49.48
C ALA C 325 12.94 7.56 -48.09
N ASP C 326 13.33 6.30 -47.92
CA ASP C 326 13.12 5.58 -46.65
C ASP C 326 14.04 6.07 -45.51
N TYR C 327 15.17 6.69 -45.85
CA TYR C 327 16.07 7.26 -44.83
C TYR C 327 15.53 8.53 -44.19
N LEU C 328 14.76 9.32 -44.95
CA LEU C 328 14.09 10.52 -44.39
C LEU C 328 12.84 10.10 -43.60
N LYS C 329 12.12 9.10 -44.12
CA LYS C 329 11.01 8.47 -43.39
C LYS C 329 11.45 7.93 -42.01
N PHE C 330 12.70 7.48 -41.93
CA PHE C 330 13.34 7.09 -40.66
C PHE C 330 13.56 8.31 -39.76
N LYS C 331 14.19 9.35 -40.32
CA LYS C 331 14.44 10.60 -39.59
C LYS C 331 13.15 11.23 -39.05
N ASP C 332 12.10 11.22 -39.88
CA ASP C 332 10.74 11.65 -39.49
C ASP C 332 10.29 11.08 -38.13
N LEU C 333 10.58 9.81 -37.89
CA LEU C 333 10.29 9.17 -36.58
C LEU C 333 11.24 9.64 -35.47
N ILE C 334 12.54 9.65 -35.76
CA ILE C 334 13.53 10.06 -34.78
C ILE C 334 13.28 11.51 -34.34
N LEU C 335 12.87 12.35 -35.29
CA LEU C 335 12.47 13.73 -34.97
C LEU C 335 11.24 13.78 -34.06
N ARG C 336 10.18 13.06 -34.45
CA ARG C 336 8.94 13.00 -33.64
C ARG C 336 9.12 12.29 -32.28
N MET C 337 10.11 11.39 -32.20
CA MET C 337 10.42 10.69 -30.93
C MET C 337 11.29 11.50 -29.99
N LEU C 338 12.20 12.32 -30.52
CA LEU C 338 13.01 13.24 -29.71
C LEU C 338 12.41 14.65 -29.64
N ASP C 339 11.08 14.75 -29.63
CA ASP C 339 10.38 16.02 -29.52
C ASP C 339 10.63 16.55 -28.11
N TYR C 340 10.84 17.86 -27.99
CA TYR C 340 11.20 18.47 -26.70
C TYR C 340 10.07 18.48 -25.66
N ASP C 341 8.83 18.50 -26.13
CA ASP C 341 7.65 18.39 -25.24
C ASP C 341 7.31 16.93 -24.98
N PRO C 342 6.70 16.62 -23.81
CA PRO C 342 6.07 15.30 -23.64
C PRO C 342 4.68 15.16 -24.28
N LYS C 343 3.90 16.24 -24.29
CA LYS C 343 2.49 16.20 -24.71
C LYS C 343 2.29 15.79 -26.17
N THR C 344 2.86 16.57 -27.10
CA THR C 344 2.69 16.32 -28.54
C THR C 344 3.60 15.20 -29.07
N ARG C 345 4.70 14.92 -28.35
CA ARG C 345 5.62 13.83 -28.71
C ARG C 345 4.88 12.54 -29.04
N ILE C 346 5.36 11.85 -30.07
CA ILE C 346 4.62 10.74 -30.67
C ILE C 346 4.31 9.63 -29.66
N GLN C 347 3.01 9.31 -29.55
CA GLN C 347 2.52 8.23 -28.70
C GLN C 347 2.98 6.88 -29.25
N PRO C 348 3.00 5.83 -28.40
CA PRO C 348 3.29 4.50 -28.93
C PRO C 348 2.22 3.98 -29.92
N TYR C 349 0.98 4.49 -29.84
CA TYR C 349 -0.05 4.16 -30.83
C TYR C 349 0.24 4.83 -32.17
N TYR C 350 0.51 6.13 -32.15
CA TYR C 350 0.76 6.91 -33.37
C TYR C 350 1.99 6.43 -34.16
N ALA C 351 3.01 5.97 -33.43
CA ALA C 351 4.26 5.50 -34.04
C ALA C 351 4.09 4.45 -35.15
N LEU C 352 3.13 3.54 -35.02
CA LEU C 352 2.90 2.50 -36.04
C LEU C 352 2.27 3.01 -37.36
N GLN C 353 1.62 4.18 -37.33
CA GLN C 353 0.97 4.75 -38.53
C GLN C 353 2.00 5.40 -39.48
N HIS C 354 2.74 4.58 -40.24
CA HIS C 354 3.74 5.09 -41.20
C HIS C 354 3.96 4.20 -42.42
N SER C 355 4.49 4.81 -43.48
CA SER C 355 5.06 4.08 -44.62
C SER C 355 6.23 3.22 -44.14
N PHE C 356 7.07 3.83 -43.30
CA PHE C 356 8.17 3.14 -42.60
C PHE C 356 7.75 1.75 -42.12
N PHE C 357 6.73 1.69 -41.26
CA PHE C 357 6.21 0.40 -40.79
C PHE C 357 5.19 -0.17 -41.75
N LYS D 12 33.40 6.79 -16.25
CA LYS D 12 34.25 6.83 -15.01
C LYS D 12 33.55 7.55 -13.85
N VAL D 13 33.27 8.85 -14.03
CA VAL D 13 32.64 9.67 -12.97
C VAL D 13 31.14 9.38 -12.81
N TYR D 14 30.67 9.47 -11.57
CA TYR D 14 29.26 9.20 -11.22
C TYR D 14 28.59 10.48 -10.71
N ASN D 15 27.54 10.92 -11.41
CA ASN D 15 26.72 12.08 -10.99
C ASN D 15 27.56 13.35 -10.80
N ASP D 16 28.16 13.82 -11.90
CA ASP D 16 29.07 14.98 -11.91
C ASP D 16 30.24 14.86 -10.94
N GLY D 17 30.69 13.64 -10.67
CA GLY D 17 31.77 13.41 -9.71
C GLY D 17 31.48 13.83 -8.27
N TYR D 18 30.19 13.92 -7.91
CA TYR D 18 29.77 14.10 -6.54
C TYR D 18 29.77 12.76 -5.83
N ASP D 19 29.57 11.68 -6.58
CA ASP D 19 29.46 10.32 -6.02
C ASP D 19 30.62 9.44 -6.48
N ASP D 20 31.00 8.48 -5.64
CA ASP D 20 31.94 7.41 -6.04
C ASP D 20 31.21 6.33 -6.86
N ASP D 21 31.93 5.28 -7.25
CA ASP D 21 31.34 4.13 -7.95
C ASP D 21 30.33 3.32 -7.10
N ASN D 22 30.50 3.36 -5.77
CA ASN D 22 29.55 2.71 -4.84
C ASN D 22 28.27 3.52 -4.52
N TYR D 23 28.02 4.61 -5.26
CA TYR D 23 26.80 5.43 -5.17
C TYR D 23 26.59 6.20 -3.83
N ASP D 24 27.61 6.21 -2.97
CA ASP D 24 27.66 7.11 -1.82
C ASP D 24 28.07 8.48 -2.32
N TYR D 25 27.88 9.49 -1.47
CA TYR D 25 28.34 10.86 -1.77
C TYR D 25 29.83 10.97 -1.41
N ILE D 26 30.62 11.55 -2.33
CA ILE D 26 32.03 11.86 -2.04
C ILE D 26 32.00 12.96 -1.01
N VAL D 27 32.24 12.61 0.25
CA VAL D 27 32.29 13.60 1.32
C VAL D 27 33.61 14.36 1.26
N LYS D 28 33.56 15.66 1.54
CA LYS D 28 34.76 16.47 1.77
C LYS D 28 34.55 17.27 3.05
N ASN D 29 35.57 17.29 3.90
CA ASN D 29 35.47 17.94 5.21
C ASN D 29 35.39 19.45 5.04
N GLY D 30 34.49 20.09 5.79
CA GLY D 30 34.29 21.54 5.74
C GLY D 30 33.45 22.06 4.58
N GLU D 31 32.76 21.18 3.85
CA GLU D 31 31.88 21.60 2.75
C GLU D 31 30.56 22.09 3.33
N LYS D 32 30.20 23.34 3.01
CA LYS D 32 28.93 23.91 3.47
C LYS D 32 27.83 23.62 2.45
N TRP D 33 26.65 23.22 2.94
CA TRP D 33 25.48 22.90 2.09
C TRP D 33 24.30 23.80 2.43
N MET D 34 23.89 24.64 1.48
CA MET D 34 22.63 25.42 1.56
C MET D 34 22.66 26.53 2.63
N ASP D 35 23.85 27.07 2.90
CA ASP D 35 24.05 28.16 3.89
C ASP D 35 23.57 27.82 5.30
N ARG D 36 23.86 26.59 5.74
CA ARG D 36 23.36 26.08 7.03
C ARG D 36 24.21 24.94 7.59
N TYR D 37 24.30 23.84 6.85
CA TYR D 37 25.02 22.66 7.32
C TYR D 37 26.48 22.72 6.88
N GLU D 38 27.38 22.70 7.87
CA GLU D 38 28.84 22.71 7.67
C GLU D 38 29.39 21.39 8.22
N ILE D 39 29.92 20.54 7.33
CA ILE D 39 30.33 19.17 7.68
C ILE D 39 31.67 19.19 8.40
N ASP D 40 31.75 18.46 9.52
CA ASP D 40 32.98 18.28 10.28
C ASP D 40 33.75 17.04 9.78
N SER D 41 33.13 15.87 9.94
CA SER D 41 33.77 14.59 9.62
C SER D 41 32.77 13.46 9.41
N LEU D 42 33.29 12.35 8.91
CA LEU D 42 32.52 11.12 8.65
C LEU D 42 32.52 10.29 9.93
N ILE D 43 31.33 9.95 10.44
CA ILE D 43 31.22 9.10 11.64
C ILE D 43 31.37 7.62 11.27
N GLY D 44 30.70 7.20 10.22
CA GLY D 44 30.79 5.80 9.78
C GLY D 44 30.05 5.51 8.50
N LYS D 45 30.17 4.27 8.04
CA LYS D 45 29.60 3.83 6.77
C LYS D 45 28.63 2.67 6.94
N GLY D 46 27.94 2.33 5.85
CA GLY D 46 26.99 1.22 5.84
C GLY D 46 26.48 0.92 4.45
N SER D 47 25.52 -0.01 4.38
CA SER D 47 24.88 -0.39 3.13
C SER D 47 23.70 0.54 2.79
N PHE D 48 23.11 1.13 3.83
CA PHE D 48 22.18 2.27 3.68
C PHE D 48 22.83 3.45 2.97
N GLY D 49 24.08 3.74 3.35
CA GLY D 49 24.79 4.94 2.91
C GLY D 49 25.93 5.27 3.84
N GLN D 50 25.96 6.50 4.37
CA GLN D 50 26.97 6.90 5.36
C GLN D 50 26.51 8.07 6.25
N VAL D 51 27.04 8.08 7.48
CA VAL D 51 26.60 8.98 8.56
C VAL D 51 27.68 10.02 8.84
N VAL D 52 27.37 11.31 8.65
CA VAL D 52 28.35 12.39 8.89
C VAL D 52 27.99 13.28 10.08
N LYS D 53 29.04 13.82 10.70
CA LYS D 53 28.94 14.85 11.74
C LYS D 53 28.89 16.20 11.04
N ALA D 54 27.88 17.01 11.34
CA ALA D 54 27.69 18.33 10.74
C ALA D 54 27.22 19.33 11.77
N TYR D 55 27.59 20.61 11.59
CA TYR D 55 27.10 21.69 12.45
C TYR D 55 25.97 22.43 11.74
N ASP D 56 24.80 22.47 12.38
CA ASP D 56 23.69 23.27 11.90
C ASP D 56 23.94 24.70 12.37
N ARG D 57 24.22 25.59 11.43
CA ARG D 57 24.47 27.01 11.73
C ARG D 57 23.22 27.77 12.15
N VAL D 58 22.10 27.45 11.51
CA VAL D 58 20.86 28.21 11.69
C VAL D 58 20.30 28.00 13.09
N GLU D 59 20.08 26.72 13.44
CA GLU D 59 19.64 26.31 14.78
C GLU D 59 20.74 26.44 15.83
N GLN D 60 22.00 26.45 15.38
CA GLN D 60 23.17 26.57 16.25
C GLN D 60 23.31 25.36 17.16
N GLU D 61 23.35 24.18 16.54
CA GLU D 61 23.52 22.90 17.22
C GLU D 61 24.30 21.94 16.33
N TRP D 62 24.70 20.80 16.91
CA TRP D 62 25.27 19.70 16.15
C TRP D 62 24.15 18.75 15.74
N VAL D 63 24.23 18.24 14.50
CA VAL D 63 23.34 17.17 14.03
C VAL D 63 24.15 16.02 13.40
N ALA D 64 23.59 14.81 13.50
CA ALA D 64 24.07 13.66 12.74
C ALA D 64 23.17 13.51 11.52
N ILE D 65 23.77 13.41 10.35
CA ILE D 65 23.01 13.35 9.09
C ILE D 65 23.33 12.06 8.30
N LYS D 66 22.31 11.22 8.16
CA LYS D 66 22.41 9.96 7.42
C LYS D 66 22.25 10.29 5.94
N ILE D 67 23.30 10.04 5.16
CA ILE D 67 23.30 10.35 3.72
C ILE D 67 23.08 9.04 3.00
N ILE D 68 21.93 8.91 2.34
CA ILE D 68 21.52 7.65 1.73
C ILE D 68 21.97 7.62 0.27
N LYS D 69 22.46 6.45 -0.16
CA LYS D 69 23.12 6.30 -1.45
C LYS D 69 22.20 6.75 -2.57
N ASN D 70 22.77 7.34 -3.61
CA ASN D 70 21.99 7.81 -4.76
C ASN D 70 21.53 6.61 -5.63
N LYS D 71 20.55 5.87 -5.11
CA LYS D 71 20.06 4.64 -5.71
C LYS D 71 18.60 4.44 -5.29
N LYS D 72 17.80 3.79 -6.13
CA LYS D 72 16.38 3.56 -5.80
C LYS D 72 16.24 2.64 -4.58
N ALA D 73 16.95 1.52 -4.59
CA ALA D 73 16.84 0.51 -3.52
C ALA D 73 16.96 1.13 -2.14
N PHE D 74 18.04 1.86 -1.91
CA PHE D 74 18.35 2.43 -0.59
C PHE D 74 17.51 3.68 -0.29
N LEU D 75 16.96 4.30 -1.33
CA LEU D 75 15.99 5.39 -1.20
C LEU D 75 14.61 4.87 -0.76
N ASN D 76 14.09 3.88 -1.47
CA ASN D 76 12.83 3.21 -1.08
C ASN D 76 12.87 2.70 0.36
N GLN D 77 14.05 2.20 0.76
CA GLN D 77 14.32 1.73 2.13
C GLN D 77 14.28 2.89 3.13
N ALA D 78 14.90 4.00 2.76
CA ALA D 78 14.97 5.19 3.62
C ALA D 78 13.63 5.92 3.76
N GLN D 79 12.83 5.93 2.69
CA GLN D 79 11.46 6.48 2.75
C GLN D 79 10.60 5.79 3.78
N ILE D 80 10.73 4.47 3.88
CA ILE D 80 10.00 3.69 4.86
C ILE D 80 10.37 4.15 6.27
N GLU D 81 11.68 4.25 6.53
CA GLU D 81 12.18 4.75 7.82
C GLU D 81 11.63 6.15 8.16
N VAL D 82 11.57 7.03 7.17
CA VAL D 82 10.99 8.37 7.35
C VAL D 82 9.51 8.26 7.72
N ARG D 83 8.77 7.38 7.03
CA ARG D 83 7.36 7.20 7.34
C ARG D 83 7.20 6.68 8.75
N LEU D 84 8.03 5.70 9.13
CA LEU D 84 8.04 5.22 10.51
C LEU D 84 8.34 6.36 11.48
N LEU D 85 9.47 7.04 11.28
CA LEU D 85 9.97 8.03 12.25
C LEU D 85 9.03 9.22 12.46
N GLU D 86 8.32 9.61 11.40
CA GLU D 86 7.28 10.63 11.50
C GLU D 86 6.09 10.13 12.34
N LEU D 87 5.76 8.85 12.17
CA LEU D 87 4.65 8.22 12.89
C LEU D 87 4.91 8.11 14.39
N MET D 88 6.19 8.03 14.77
CA MET D 88 6.58 8.03 16.17
C MET D 88 6.53 9.44 16.75
N ASN D 89 6.91 10.44 15.94
CA ASN D 89 6.84 11.86 16.34
C ASN D 89 5.40 12.32 16.62
N LYS D 90 4.43 11.75 15.90
CA LYS D 90 3.00 12.03 16.12
C LYS D 90 2.55 11.83 17.58
N HIS D 91 3.00 10.73 18.18
CA HIS D 91 2.57 10.35 19.53
C HIS D 91 3.23 11.24 20.59
N ASP D 92 2.41 12.05 21.27
CA ASP D 92 2.90 13.08 22.22
C ASP D 92 3.43 12.54 23.56
N THR D 93 3.17 11.27 23.86
CA THR D 93 3.66 10.60 25.08
C THR D 93 5.15 10.84 25.40
N GLU D 94 5.49 10.62 26.67
CA GLU D 94 6.85 10.81 27.20
C GLU D 94 7.84 9.68 26.82
N MET D 95 7.32 8.58 26.26
CA MET D 95 8.11 7.36 26.03
C MET D 95 8.92 7.35 24.73
N LYS D 96 8.72 8.33 23.84
CA LYS D 96 9.50 8.42 22.59
C LYS D 96 10.94 8.90 22.79
N TYR D 97 11.24 9.42 23.98
CA TYR D 97 12.53 10.07 24.28
C TYR D 97 13.73 9.12 24.48
N TYR D 98 13.54 7.82 24.26
CA TYR D 98 14.63 6.86 24.18
C TYR D 98 14.78 6.34 22.74
N ILE D 99 14.20 7.07 21.77
CA ILE D 99 14.35 6.81 20.34
C ILE D 99 14.91 8.10 19.74
N VAL D 100 15.98 7.99 18.95
CA VAL D 100 16.61 9.19 18.37
C VAL D 100 15.70 9.91 17.38
N HIS D 101 15.63 11.23 17.53
CA HIS D 101 14.64 12.04 16.85
C HIS D 101 15.12 12.43 15.46
N LEU D 102 14.20 12.38 14.49
CA LEU D 102 14.45 12.87 13.14
C LEU D 102 13.99 14.32 13.07
N LYS D 103 14.95 15.25 13.10
CA LYS D 103 14.64 16.68 13.07
C LYS D 103 14.01 17.10 11.74
N ARG D 104 14.54 16.57 10.64
CA ARG D 104 13.94 16.74 9.31
C ARG D 104 14.65 15.85 8.28
N HIS D 105 14.14 15.86 7.05
CA HIS D 105 14.82 15.26 5.92
C HIS D 105 14.81 16.22 4.73
N PHE D 106 15.76 16.03 3.81
CA PHE D 106 15.76 16.76 2.54
C PHE D 106 16.50 16.03 1.42
N MET D 107 16.27 16.48 0.19
CA MET D 107 17.02 16.03 -0.98
C MET D 107 18.17 17.02 -1.17
N PHE D 108 19.40 16.52 -1.19
CA PHE D 108 20.57 17.33 -1.46
C PHE D 108 21.43 16.67 -2.54
N ARG D 109 21.43 17.25 -3.74
CA ARG D 109 22.26 16.77 -4.85
C ARG D 109 22.00 15.28 -5.16
N ASN D 110 20.71 14.93 -5.26
CA ASN D 110 20.20 13.57 -5.53
C ASN D 110 20.35 12.54 -4.39
N HIS D 111 20.54 13.01 -3.16
CA HIS D 111 20.63 12.15 -1.96
C HIS D 111 19.58 12.57 -0.93
N LEU D 112 18.72 11.62 -0.54
CA LEU D 112 17.84 11.82 0.62
C LEU D 112 18.73 11.84 1.86
N CYS D 113 18.59 12.90 2.66
CA CYS D 113 19.43 13.14 3.85
C CYS D 113 18.60 13.25 5.13
N LEU D 114 18.75 12.26 6.01
CA LEU D 114 18.00 12.22 7.27
C LEU D 114 18.81 12.90 8.38
N VAL D 115 18.25 13.96 8.97
CA VAL D 115 18.96 14.82 9.95
C VAL D 115 18.51 14.51 11.36
N PHE D 116 19.30 13.74 12.09
CA PHE D 116 18.99 13.32 13.46
C PHE D 116 19.66 14.23 14.49
N GLU D 117 19.19 14.13 15.73
CA GLU D 117 19.88 14.73 16.87
C GLU D 117 21.24 14.05 17.06
N MET D 118 22.27 14.83 17.42
CA MET D 118 23.62 14.30 17.65
C MET D 118 23.77 13.84 19.09
N LEU D 119 24.26 12.60 19.25
CA LEU D 119 24.62 12.04 20.55
C LEU D 119 26.14 11.78 20.57
N SER D 120 26.65 11.13 21.62
CA SER D 120 28.10 10.96 21.79
C SER D 120 28.67 9.79 20.96
N TYR D 121 28.45 8.56 21.43
CA TYR D 121 28.92 7.34 20.73
C TYR D 121 27.96 6.19 20.96
N ASN D 122 28.19 5.08 20.25
CA ASN D 122 27.36 3.87 20.38
C ASN D 122 27.85 2.97 21.53
N LEU D 123 27.16 1.85 21.79
CA LEU D 123 27.53 0.96 22.91
C LEU D 123 28.58 -0.12 22.59
N TYR D 124 28.97 -0.27 21.33
CA TYR D 124 30.16 -1.06 20.98
C TYR D 124 31.40 -0.24 21.37
N ASP D 125 31.36 1.05 21.06
CA ASP D 125 32.39 2.01 21.49
C ASP D 125 32.53 2.08 23.01
N LEU D 126 31.40 2.03 23.71
CA LEU D 126 31.39 2.02 25.17
C LEU D 126 32.18 0.80 25.69
N LEU D 127 31.91 -0.36 25.12
CA LEU D 127 32.64 -1.58 25.50
C LEU D 127 34.15 -1.48 25.28
N ARG D 128 34.57 -0.81 24.20
CA ARG D 128 35.99 -0.60 23.94
C ARG D 128 36.65 0.40 24.89
N ASN D 129 35.88 1.35 25.44
CA ASN D 129 36.35 2.20 26.55
C ASN D 129 36.57 1.43 27.86
N THR D 130 35.91 0.28 28.01
CA THR D 130 36.05 -0.61 29.18
C THR D 130 37.03 -1.79 28.95
N ASN D 131 37.71 -1.79 27.80
CA ASN D 131 38.50 -2.94 27.33
C ASN D 131 37.71 -4.26 27.30
N PHE D 132 36.53 -4.20 26.67
CA PHE D 132 35.60 -5.33 26.55
C PHE D 132 35.39 -6.13 27.84
N ARG D 133 35.44 -5.44 28.98
CA ARG D 133 35.48 -6.09 30.31
C ARG D 133 34.13 -6.06 31.01
N GLY D 134 33.40 -4.96 30.87
CA GLY D 134 32.04 -4.87 31.38
C GLY D 134 31.62 -3.46 31.76
N VAL D 135 30.59 -3.39 32.58
CA VAL D 135 30.10 -2.14 33.15
C VAL D 135 29.27 -2.48 34.39
N SER D 136 29.17 -1.53 35.32
CA SER D 136 28.38 -1.72 36.54
C SER D 136 26.96 -2.26 36.27
N LEU D 137 26.52 -3.20 37.10
CA LEU D 137 25.14 -3.68 37.07
C LEU D 137 24.16 -2.56 37.45
N ASN D 138 24.62 -1.58 38.22
CA ASN D 138 23.82 -0.40 38.53
C ASN D 138 23.56 0.41 37.27
N LEU D 139 24.57 0.53 36.41
CA LEU D 139 24.43 1.16 35.09
C LEU D 139 23.63 0.26 34.14
N THR D 140 23.92 -1.05 34.14
CA THR D 140 23.15 -2.03 33.34
C THR D 140 21.66 -2.06 33.73
N ARG D 141 21.37 -1.80 35.01
CA ARG D 141 19.98 -1.75 35.50
C ARG D 141 19.21 -0.63 34.81
N LYS D 142 19.69 0.61 34.97
CA LYS D 142 19.03 1.76 34.35
C LYS D 142 19.30 1.90 32.85
N PHE D 143 20.24 1.10 32.31
CA PHE D 143 20.29 0.82 30.85
C PHE D 143 19.07 0.01 30.43
N ALA D 144 18.91 -1.15 31.05
CA ALA D 144 17.81 -2.07 30.77
C ALA D 144 16.42 -1.45 30.96
N GLN D 145 16.30 -0.54 31.93
CA GLN D 145 15.02 0.11 32.23
C GLN D 145 14.57 1.00 31.08
N GLN D 146 15.47 1.80 30.56
CA GLN D 146 15.19 2.67 29.42
C GLN D 146 14.86 1.88 28.15
N MET D 147 15.52 0.74 27.95
CA MET D 147 15.24 -0.11 26.80
C MET D 147 13.85 -0.74 26.85
N CYS D 148 13.52 -1.37 27.96
CA CYS D 148 12.19 -1.94 28.16
C CYS D 148 11.10 -0.86 28.00
N THR D 149 11.40 0.37 28.40
CA THR D 149 10.52 1.52 28.18
C THR D 149 10.34 1.88 26.69
N ALA D 150 11.43 1.83 25.92
CA ALA D 150 11.38 2.04 24.47
C ALA D 150 10.61 0.95 23.78
N LEU D 151 10.89 -0.30 24.15
CA LEU D 151 10.17 -1.44 23.56
C LEU D 151 8.69 -1.44 23.91
N LEU D 152 8.32 -0.90 25.07
CA LEU D 152 6.91 -0.64 25.41
C LEU D 152 6.33 0.41 24.45
N PHE D 153 7.09 1.50 24.23
CA PHE D 153 6.70 2.55 23.29
C PHE D 153 6.41 1.96 21.90
N LEU D 154 7.33 1.14 21.39
CA LEU D 154 7.17 0.47 20.09
C LEU D 154 6.03 -0.55 20.12
N ALA D 155 5.84 -1.18 21.28
CA ALA D 155 4.74 -2.13 21.51
C ALA D 155 3.34 -1.52 21.44
N THR D 156 3.24 -0.20 21.61
CA THR D 156 1.98 0.51 21.44
C THR D 156 1.28 0.03 20.16
N PRO D 157 0.00 -0.39 20.25
CA PRO D 157 -0.71 -1.05 19.14
C PRO D 157 -0.75 -0.30 17.81
N GLU D 158 -0.91 1.02 17.86
CA GLU D 158 -1.03 1.83 16.65
C GLU D 158 0.25 1.91 15.82
N LEU D 159 1.38 1.49 16.41
CA LEU D 159 2.67 1.42 15.72
C LEU D 159 3.06 -0.04 15.46
N SER D 160 3.19 -0.82 16.54
CA SER D 160 3.53 -2.25 16.46
C SER D 160 4.81 -2.50 15.64
N ILE D 161 5.82 -1.67 15.90
CA ILE D 161 7.07 -1.71 15.15
C ILE D 161 8.06 -2.64 15.86
N ILE D 162 8.93 -3.27 15.06
CA ILE D 162 10.03 -4.09 15.52
C ILE D 162 11.30 -3.43 15.05
N HIS D 163 12.24 -3.13 15.95
CA HIS D 163 13.54 -2.61 15.51
C HIS D 163 14.23 -3.61 14.58
N CYS D 164 14.28 -4.86 15.03
CA CYS D 164 14.60 -6.00 14.17
C CYS D 164 16.10 -6.15 13.86
N ASP D 165 16.92 -5.28 14.46
CA ASP D 165 18.37 -5.41 14.45
C ASP D 165 19.00 -4.78 15.73
N LEU D 166 18.39 -5.05 16.89
CA LEU D 166 18.93 -4.58 18.16
C LEU D 166 20.30 -5.17 18.44
N LYS D 167 21.29 -4.29 18.58
CA LYS D 167 22.67 -4.66 18.87
C LYS D 167 23.39 -3.44 19.49
N PRO D 168 24.56 -3.65 20.14
CA PRO D 168 25.28 -2.57 20.81
C PRO D 168 25.51 -1.32 19.97
N GLU D 169 25.92 -1.49 18.70
CA GLU D 169 26.26 -0.33 17.87
C GLU D 169 25.07 0.49 17.36
N ASN D 170 23.84 -0.03 17.50
CA ASN D 170 22.59 0.73 17.23
C ASN D 170 21.87 1.22 18.50
N ILE D 171 22.57 1.20 19.63
CA ILE D 171 22.09 1.83 20.86
C ILE D 171 23.10 2.93 21.17
N LEU D 172 22.61 4.16 21.30
CA LEU D 172 23.48 5.32 21.47
C LEU D 172 23.38 5.88 22.87
N LEU D 173 24.51 6.45 23.31
CA LEU D 173 24.70 7.03 24.63
C LEU D 173 24.72 8.55 24.46
N CYS D 174 23.93 9.26 25.26
CA CYS D 174 23.79 10.73 25.12
C CYS D 174 25.09 11.46 25.49
N ASN D 175 25.45 11.40 26.78
CA ASN D 175 26.64 12.05 27.30
C ASN D 175 27.36 11.02 28.18
N PRO D 176 28.72 10.97 28.16
CA PRO D 176 29.48 10.08 29.07
C PRO D 176 29.08 10.19 30.54
N LYS D 177 28.82 11.41 31.00
CA LYS D 177 28.39 11.66 32.38
C LYS D 177 27.07 10.97 32.73
N ARG D 178 25.99 11.35 32.03
CA ARG D 178 24.67 10.80 32.29
C ARG D 178 24.57 9.36 31.77
N SER D 179 23.66 8.59 32.37
CA SER D 179 23.45 7.20 31.94
C SER D 179 22.56 7.04 30.69
N ALA D 180 21.84 8.10 30.30
CA ALA D 180 20.72 7.97 29.36
C ALA D 180 21.11 7.44 27.97
N ILE D 181 20.24 6.62 27.39
CA ILE D 181 20.46 6.00 26.07
C ILE D 181 19.28 6.19 25.13
N LYS D 182 19.52 5.92 23.86
CA LYS D 182 18.52 6.01 22.79
C LYS D 182 18.81 4.98 21.68
N ILE D 183 17.75 4.41 21.10
CA ILE D 183 17.88 3.43 20.01
C ILE D 183 17.83 4.13 18.66
N VAL D 184 18.65 3.65 17.72
CA VAL D 184 18.79 4.25 16.38
C VAL D 184 18.62 3.26 15.25
N ASP D 185 18.54 3.80 14.04
CA ASP D 185 18.49 3.01 12.81
C ASP D 185 17.31 2.04 12.76
N PHE D 186 16.17 2.55 12.28
CA PHE D 186 15.01 1.74 11.94
C PHE D 186 14.94 1.48 10.43
N GLY D 187 16.10 1.50 9.77
CA GLY D 187 16.22 1.16 8.35
C GLY D 187 16.03 -0.31 8.06
N SER D 188 16.18 -1.17 9.07
CA SER D 188 15.89 -2.60 8.96
C SER D 188 14.71 -2.95 9.85
N SER D 189 13.59 -2.23 9.69
CA SER D 189 12.43 -2.37 10.56
C SER D 189 11.11 -2.27 9.81
N CYS D 190 10.10 -3.00 10.28
CA CYS D 190 8.74 -2.82 9.78
C CYS D 190 7.73 -2.93 10.92
N GLN D 191 6.49 -2.57 10.59
CA GLN D 191 5.35 -2.80 11.48
C GLN D 191 4.87 -4.24 11.38
N LEU D 192 4.07 -4.65 12.36
CA LEU D 192 3.69 -6.05 12.54
C LEU D 192 2.92 -6.62 11.36
N GLY D 193 2.99 -7.95 11.21
CA GLY D 193 2.15 -8.66 10.25
C GLY D 193 2.84 -9.72 9.45
N GLN D 194 2.19 -10.09 8.33
CA GLN D 194 2.71 -10.96 7.27
C GLN D 194 4.22 -11.18 7.28
N ARG D 195 4.63 -12.44 7.22
CA ARG D 195 6.04 -12.76 7.18
C ARG D 195 6.53 -12.76 5.72
N ILE D 196 7.37 -11.78 5.39
CA ILE D 196 8.10 -11.74 4.10
C ILE D 196 9.65 -11.61 4.27
N TYR D 197 10.17 -11.51 5.50
CA TYR D 197 11.62 -11.53 5.75
C TYR D 197 11.94 -12.64 6.75
N GLN D 198 12.61 -13.68 6.28
CA GLN D 198 13.05 -14.77 7.16
C GLN D 198 14.51 -14.69 7.65
N PTR D 199 15.36 -13.95 6.94
CA PTR D 199 16.76 -13.79 7.33
C PTR D 199 16.87 -12.37 7.82
O PTR D 199 17.18 -11.45 7.03
CB PTR D 199 17.66 -14.09 6.12
CG PTR D 199 19.15 -14.17 6.43
CD1 PTR D 199 20.00 -13.26 5.79
CD2 PTR D 199 19.69 -15.10 7.31
CE1 PTR D 199 21.37 -13.27 6.02
CE2 PTR D 199 21.06 -15.12 7.54
CZ PTR D 199 21.90 -14.21 6.90
OH PTR D 199 23.25 -14.23 7.14
P PTR D 199 23.82 -14.02 8.63
O1P PTR D 199 23.96 -15.42 9.17
O2P PTR D 199 22.74 -13.20 9.31
O3P PTR D 199 25.12 -13.29 8.42
N ILE D 200 16.64 -12.18 9.11
CA ILE D 200 16.65 -10.86 9.75
C ILE D 200 17.40 -10.87 11.06
N GLN D 201 17.76 -9.68 11.54
CA GLN D 201 18.58 -9.49 12.74
C GLN D 201 20.03 -9.84 12.45
N SER D 202 20.92 -9.28 13.27
CA SER D 202 22.33 -9.70 13.31
C SER D 202 22.41 -11.09 13.92
N ARG D 203 23.48 -11.82 13.60
CA ARG D 203 23.58 -13.24 13.95
C ARG D 203 23.62 -13.49 15.44
N PHE D 204 24.44 -12.72 16.15
CA PHE D 204 24.63 -12.87 17.61
C PHE D 204 23.34 -12.59 18.38
N TYR D 205 22.50 -11.71 17.83
CA TYR D 205 21.30 -11.23 18.51
C TYR D 205 20.03 -11.85 17.90
N ARG D 206 20.21 -12.99 17.23
CA ARG D 206 19.15 -13.62 16.47
C ARG D 206 18.32 -14.50 17.40
N SER D 207 17.00 -14.37 17.29
CA SER D 207 16.05 -15.10 18.13
C SER D 207 15.81 -16.52 17.61
N PRO D 208 15.40 -17.45 18.50
CA PRO D 208 15.05 -18.81 18.07
C PRO D 208 13.96 -18.88 17.00
N GLU D 209 12.97 -17.99 17.08
CA GLU D 209 11.92 -17.92 16.06
C GLU D 209 12.52 -17.92 14.67
N VAL D 210 13.35 -16.91 14.39
CA VAL D 210 13.83 -16.71 13.03
C VAL D 210 14.88 -17.75 12.65
N LEU D 211 15.75 -18.17 13.59
CA LEU D 211 16.68 -19.31 13.35
C LEU D 211 15.92 -20.56 12.83
N LEU D 212 14.81 -20.89 13.50
CA LEU D 212 13.97 -22.05 13.15
C LEU D 212 12.94 -21.78 12.03
N GLY D 213 12.99 -20.60 11.44
CA GLY D 213 12.11 -20.23 10.34
C GLY D 213 10.66 -20.20 10.74
N MET D 214 10.40 -19.81 12.00
CA MET D 214 9.06 -19.80 12.57
C MET D 214 8.50 -18.37 12.59
N PRO D 215 7.16 -18.21 12.73
CA PRO D 215 6.54 -16.89 12.89
C PRO D 215 7.20 -16.04 13.98
N TYR D 216 7.14 -14.72 13.82
CA TYR D 216 7.73 -13.80 14.79
C TYR D 216 6.97 -12.49 14.97
N ASP D 217 6.83 -12.09 16.22
CA ASP D 217 6.08 -10.88 16.62
C ASP D 217 7.11 -9.85 17.08
N LEU D 218 6.68 -8.81 17.80
CA LEU D 218 7.60 -7.83 18.45
C LEU D 218 8.62 -8.35 19.49
N ALA D 219 8.50 -9.58 19.97
CA ALA D 219 9.39 -10.12 21.02
C ALA D 219 10.66 -10.81 20.51
N ILE D 220 11.14 -10.44 19.33
CA ILE D 220 12.49 -10.82 18.87
C ILE D 220 13.48 -9.77 19.37
N ASP D 221 13.02 -8.51 19.40
CA ASP D 221 13.75 -7.41 20.03
C ASP D 221 14.01 -7.75 21.50
N MET D 222 12.98 -8.30 22.17
CA MET D 222 13.11 -8.70 23.58
C MET D 222 14.14 -9.81 23.77
N TRP D 223 14.22 -10.76 22.84
CA TRP D 223 15.30 -11.75 22.86
C TRP D 223 16.67 -11.06 22.77
N SER D 224 16.83 -10.22 21.75
CA SER D 224 18.08 -9.52 21.50
C SER D 224 18.49 -8.70 22.71
N LEU D 225 17.53 -7.98 23.29
CA LEU D 225 17.82 -7.20 24.50
C LEU D 225 18.51 -8.03 25.56
N GLY D 226 18.08 -9.28 25.72
CA GLY D 226 18.73 -10.23 26.62
C GLY D 226 20.18 -10.38 26.25
N CYS D 227 20.42 -10.97 25.09
CA CYS D 227 21.78 -11.08 24.56
C CYS D 227 22.59 -9.79 24.83
N ILE D 228 21.95 -8.64 24.54
CA ILE D 228 22.56 -7.32 24.69
C ILE D 228 22.83 -6.98 26.16
N LEU D 229 21.83 -7.16 27.02
CA LEU D 229 21.92 -6.81 28.44
C LEU D 229 23.08 -7.53 29.06
N VAL D 230 23.10 -8.84 28.84
CA VAL D 230 24.22 -9.67 29.28
C VAL D 230 25.55 -9.05 28.85
N GLU D 231 25.76 -8.86 27.55
CA GLU D 231 27.07 -8.42 27.07
C GLU D 231 27.42 -6.97 27.41
N MET D 232 26.46 -6.16 27.86
CA MET D 232 26.80 -4.86 28.45
C MET D 232 27.47 -5.04 29.82
N HIS D 233 26.95 -5.95 30.64
CA HIS D 233 27.57 -6.26 31.92
C HIS D 233 28.86 -7.08 31.77
N THR D 234 28.90 -7.99 30.80
CA THR D 234 30.05 -8.89 30.60
C THR D 234 31.14 -8.30 29.70
N GLY D 235 30.75 -7.43 28.77
CA GLY D 235 31.65 -6.96 27.73
C GLY D 235 32.01 -7.97 26.64
N GLU D 236 31.24 -9.06 26.51
CA GLU D 236 31.46 -10.06 25.45
C GLU D 236 30.15 -10.73 25.01
N PRO D 237 29.97 -10.95 23.68
CA PRO D 237 28.71 -11.54 23.24
C PRO D 237 28.36 -12.84 23.96
N LEU D 238 27.11 -12.93 24.42
CA LEU D 238 26.59 -14.11 25.10
C LEU D 238 26.56 -15.33 24.18
N PHE D 239 26.30 -15.10 22.90
CA PHE D 239 26.22 -16.15 21.90
C PHE D 239 27.04 -15.72 20.68
N SER D 240 28.30 -16.14 20.66
CA SER D 240 29.27 -15.77 19.61
C SER D 240 29.24 -16.73 18.39
N GLY D 241 28.08 -16.85 17.74
CA GLY D 241 27.93 -17.79 16.62
C GLY D 241 28.55 -17.31 15.32
N ALA D 242 29.49 -18.08 14.78
CA ALA D 242 30.19 -17.73 13.52
C ALA D 242 29.31 -17.98 12.27
N ASN D 243 28.41 -18.96 12.38
CA ASN D 243 27.35 -19.25 11.40
C ASN D 243 26.11 -19.67 12.19
N GLU D 244 24.93 -19.57 11.60
CA GLU D 244 23.71 -19.72 12.43
C GLU D 244 23.54 -21.11 13.09
N VAL D 245 24.10 -22.15 12.46
CA VAL D 245 24.13 -23.51 13.05
C VAL D 245 24.86 -23.44 14.39
N ASP D 246 26.05 -22.84 14.35
CA ASP D 246 26.91 -22.66 15.51
C ASP D 246 26.29 -21.71 16.58
N GLN D 247 25.60 -20.67 16.12
CA GLN D 247 24.81 -19.75 16.98
C GLN D 247 23.70 -20.47 17.77
N MET D 248 23.03 -21.45 17.16
CA MET D 248 21.99 -22.26 17.85
C MET D 248 22.57 -23.17 18.92
N ASN D 249 23.75 -23.74 18.66
CA ASN D 249 24.45 -24.59 19.64
C ASN D 249 24.89 -23.79 20.87
N LYS D 250 25.45 -22.61 20.66
CA LYS D 250 25.87 -21.74 21.76
C LYS D 250 24.70 -21.28 22.63
N ILE D 251 23.50 -21.21 22.04
CA ILE D 251 22.27 -20.99 22.81
C ILE D 251 21.95 -22.22 23.66
N VAL D 252 21.98 -23.40 23.01
CA VAL D 252 21.65 -24.68 23.66
C VAL D 252 22.53 -24.95 24.89
N GLU D 253 23.82 -24.63 24.79
CA GLU D 253 24.74 -24.68 25.93
C GLU D 253 24.15 -24.00 27.15
N VAL D 254 23.65 -22.79 26.95
CA VAL D 254 23.11 -21.98 28.03
C VAL D 254 21.72 -22.44 28.46
N LEU D 255 20.84 -22.69 27.49
CA LEU D 255 19.40 -22.83 27.77
C LEU D 255 18.81 -24.22 27.51
N GLY D 256 19.66 -25.19 27.23
CA GLY D 256 19.23 -26.58 27.00
C GLY D 256 18.65 -26.78 25.63
N ILE D 257 18.07 -27.96 25.42
CA ILE D 257 17.36 -28.27 24.17
C ILE D 257 16.05 -27.45 24.19
N PRO D 258 15.53 -27.05 23.01
CA PRO D 258 14.24 -26.35 23.03
C PRO D 258 13.08 -27.28 23.34
N PRO D 259 11.89 -26.72 23.70
CA PRO D 259 10.69 -27.56 23.90
C PRO D 259 10.36 -28.33 22.64
N ALA D 260 9.86 -29.56 22.79
CA ALA D 260 9.42 -30.35 21.64
C ALA D 260 8.35 -29.61 20.82
N HIS D 261 7.35 -29.03 21.50
CA HIS D 261 6.24 -28.36 20.83
C HIS D 261 6.64 -27.22 19.89
N ILE D 262 7.73 -26.52 20.21
CA ILE D 262 8.33 -25.54 19.28
C ILE D 262 9.03 -26.27 18.12
N LEU D 263 9.79 -27.32 18.43
CA LEU D 263 10.55 -28.05 17.41
C LEU D 263 9.68 -28.89 16.48
N ASP D 264 8.57 -29.42 16.97
CA ASP D 264 7.63 -30.17 16.11
C ASP D 264 6.97 -29.28 15.07
N GLN D 265 6.87 -27.97 15.35
CA GLN D 265 6.28 -26.98 14.44
C GLN D 265 7.30 -26.27 13.53
N ALA D 266 8.60 -26.56 13.63
CA ALA D 266 9.61 -25.71 13.00
C ALA D 266 10.04 -26.23 11.62
N PRO D 267 9.90 -25.39 10.56
CA PRO D 267 10.43 -25.72 9.22
C PRO D 267 11.91 -26.10 9.21
N LYS D 268 12.72 -25.29 9.88
CA LYS D 268 14.18 -25.46 9.88
C LYS D 268 14.72 -26.16 11.14
N ALA D 269 13.87 -26.90 11.85
CA ALA D 269 14.32 -27.73 12.97
C ALA D 269 15.42 -28.72 12.57
N ARG D 270 15.37 -29.19 11.32
CA ARG D 270 16.31 -30.17 10.79
C ARG D 270 17.77 -29.70 10.64
N LYS D 271 17.99 -28.38 10.57
CA LYS D 271 19.34 -27.85 10.43
C LYS D 271 20.21 -28.06 11.69
N PHE D 272 19.57 -28.00 12.85
CA PHE D 272 20.26 -28.03 14.14
C PHE D 272 19.97 -29.34 14.85
N PHE D 273 18.69 -29.63 15.04
CA PHE D 273 18.25 -30.77 15.85
C PHE D 273 17.81 -31.97 15.02
N GLU D 274 17.66 -33.11 15.70
CA GLU D 274 17.41 -34.40 15.08
C GLU D 274 16.39 -35.15 15.94
N LYS D 275 15.29 -35.58 15.33
CA LYS D 275 14.23 -36.27 16.05
C LYS D 275 14.55 -37.77 16.13
N LEU D 276 14.36 -38.35 17.32
CA LEU D 276 14.43 -39.79 17.54
C LEU D 276 13.02 -40.35 17.73
N PRO D 277 12.76 -41.61 17.27
CA PRO D 277 11.38 -42.15 17.21
C PRO D 277 10.63 -42.24 18.55
N ASP D 278 11.35 -42.28 19.67
CA ASP D 278 10.74 -42.16 21.01
C ASP D 278 10.05 -40.80 21.28
N GLY D 279 10.28 -39.81 20.42
CA GLY D 279 9.57 -38.53 20.44
C GLY D 279 10.47 -37.35 20.77
N THR D 280 11.60 -37.65 21.42
CA THR D 280 12.49 -36.63 21.97
C THR D 280 13.50 -36.15 20.92
N TRP D 281 13.90 -34.88 21.02
CA TRP D 281 14.90 -34.29 20.13
C TRP D 281 16.25 -34.21 20.83
N ASN D 282 17.31 -34.31 20.03
CA ASN D 282 18.65 -33.90 20.45
C ASN D 282 19.44 -33.44 19.22
N LEU D 283 20.65 -32.94 19.44
CA LEU D 283 21.38 -32.16 18.43
C LEU D 283 21.98 -33.03 17.31
N LYS D 284 22.33 -32.38 16.20
CA LYS D 284 23.23 -32.95 15.20
C LYS D 284 24.65 -32.52 15.57
N LYS D 285 25.52 -33.50 15.82
CA LYS D 285 26.93 -33.24 16.16
C LYS D 285 27.79 -33.34 14.90
N TYR D 293 31.53 -28.71 21.44
CA TYR D 293 30.50 -28.01 22.22
C TYR D 293 30.43 -28.50 23.66
N LYS D 294 29.75 -27.72 24.49
CA LYS D 294 29.38 -28.12 25.85
C LYS D 294 27.97 -28.69 25.74
N PRO D 295 27.61 -29.64 26.62
CA PRO D 295 26.31 -30.31 26.47
C PRO D 295 25.12 -29.43 26.94
N PRO D 296 23.93 -29.61 26.35
CA PRO D 296 22.77 -28.75 26.60
C PRO D 296 22.52 -28.37 28.06
N GLY D 297 22.35 -27.07 28.32
CA GLY D 297 21.97 -26.57 29.65
C GLY D 297 23.06 -26.38 30.72
N THR D 298 24.28 -26.84 30.46
CA THR D 298 25.35 -26.85 31.47
C THR D 298 26.06 -25.50 31.66
N ARG D 299 26.20 -24.69 30.60
CA ARG D 299 26.81 -23.36 30.71
C ARG D 299 25.81 -22.34 31.28
N LYS D 300 25.54 -22.45 32.58
CA LYS D 300 24.42 -21.71 33.18
C LYS D 300 24.68 -20.22 33.30
N LEU D 301 23.64 -19.42 33.05
CA LEU D 301 23.69 -17.96 33.19
C LEU D 301 24.10 -17.56 34.62
N HIS D 302 23.71 -18.38 35.58
CA HIS D 302 24.23 -18.35 36.95
C HIS D 302 25.76 -18.21 36.99
N ASN D 303 26.45 -19.03 36.21
CA ASN D 303 27.91 -18.97 36.06
C ASN D 303 28.33 -17.82 35.13
N ILE D 304 27.61 -17.62 34.01
CA ILE D 304 27.88 -16.51 33.07
C ILE D 304 28.00 -15.19 33.85
N LEU D 305 26.96 -14.89 34.61
CA LEU D 305 26.86 -13.65 35.37
C LEU D 305 27.79 -13.58 36.59
N GLY D 306 28.25 -14.74 37.07
CA GLY D 306 29.13 -14.81 38.24
C GLY D 306 28.39 -14.42 39.49
N VAL D 307 27.19 -15.00 39.66
CA VAL D 307 26.22 -14.55 40.68
C VAL D 307 26.78 -14.75 42.08
N GLU D 308 27.20 -15.99 42.35
CA GLU D 308 27.71 -16.37 43.66
C GLU D 308 29.05 -15.68 44.00
N THR D 309 29.84 -15.37 42.97
CA THR D 309 31.19 -14.81 43.14
C THR D 309 31.26 -13.30 42.80
N GLY D 310 30.24 -12.53 43.20
CA GLY D 310 30.21 -11.07 42.99
C GLY D 310 30.58 -10.56 41.61
N GLY D 311 30.20 -11.32 40.58
CA GLY D 311 30.58 -11.06 39.19
C GLY D 311 31.98 -11.57 38.84
N PRO D 312 32.26 -11.82 37.54
CA PRO D 312 33.64 -12.15 37.17
C PRO D 312 34.58 -10.99 37.51
N GLY D 313 35.47 -11.20 38.48
CA GLY D 313 36.28 -10.12 39.06
C GLY D 313 35.43 -9.30 40.01
N GLY D 314 35.37 -7.99 39.79
CA GLY D 314 34.52 -7.10 40.60
C GLY D 314 34.26 -5.76 39.94
N THR D 323 26.27 -8.00 45.20
CA THR D 323 25.02 -8.18 45.92
C THR D 323 24.18 -9.29 45.28
N VAL D 324 24.28 -10.50 45.84
CA VAL D 324 23.74 -11.70 45.18
C VAL D 324 22.21 -11.74 45.00
N ALA D 325 21.48 -11.11 45.93
CA ALA D 325 20.02 -10.99 45.81
C ALA D 325 19.67 -10.25 44.53
N ASP D 326 20.27 -9.06 44.37
CA ASP D 326 20.13 -8.25 43.15
C ASP D 326 20.58 -9.00 41.88
N TYR D 327 21.60 -9.85 42.00
CA TYR D 327 22.05 -10.70 40.88
C TYR D 327 21.05 -11.81 40.49
N LEU D 328 20.35 -12.40 41.45
CA LEU D 328 19.27 -13.36 41.18
C LEU D 328 18.08 -12.69 40.47
N LYS D 329 17.81 -11.44 40.84
CA LYS D 329 16.78 -10.64 40.15
C LYS D 329 17.24 -10.29 38.72
N PHE D 330 18.54 -10.08 38.53
CA PHE D 330 19.11 -9.92 37.18
C PHE D 330 19.11 -11.23 36.38
N LYS D 331 19.39 -12.33 37.07
CA LYS D 331 19.43 -13.65 36.42
C LYS D 331 18.04 -14.11 36.00
N ASP D 332 17.05 -13.94 36.87
CA ASP D 332 15.66 -14.29 36.55
C ASP D 332 15.15 -13.48 35.37
N LEU D 333 15.43 -12.18 35.38
CA LEU D 333 14.95 -11.27 34.33
C LEU D 333 15.45 -11.69 32.95
N ILE D 334 16.76 -11.83 32.82
CA ILE D 334 17.39 -12.25 31.58
C ILE D 334 16.77 -13.58 31.08
N LEU D 335 16.51 -14.52 31.99
CA LEU D 335 15.83 -15.79 31.64
C LEU D 335 14.37 -15.60 31.18
N ARG D 336 13.70 -14.59 31.71
CA ARG D 336 12.36 -14.19 31.24
C ARG D 336 12.39 -13.59 29.81
N MET D 337 13.52 -12.97 29.45
CA MET D 337 13.73 -12.40 28.11
C MET D 337 14.33 -13.42 27.14
N LEU D 338 14.97 -14.48 27.65
CA LEU D 338 15.55 -15.53 26.81
C LEU D 338 14.69 -16.80 26.74
N ASP D 339 13.41 -16.70 27.13
CA ASP D 339 12.46 -17.81 27.01
C ASP D 339 12.32 -18.21 25.53
N TYR D 340 12.53 -19.49 25.23
CA TYR D 340 12.41 -20.03 23.87
C TYR D 340 11.04 -19.78 23.24
N ASP D 341 9.99 -19.86 24.04
CA ASP D 341 8.62 -19.62 23.57
C ASP D 341 8.35 -18.11 23.60
N PRO D 342 8.12 -17.48 22.42
CA PRO D 342 7.87 -16.03 22.41
C PRO D 342 6.53 -15.61 23.00
N LYS D 343 5.55 -16.51 23.04
CA LYS D 343 4.22 -16.23 23.56
C LYS D 343 4.28 -15.96 25.06
N THR D 344 5.01 -16.81 25.78
CA THR D 344 5.14 -16.74 27.24
C THR D 344 6.25 -15.76 27.69
N ARG D 345 7.39 -15.79 26.98
CA ARG D 345 8.46 -14.78 27.08
C ARG D 345 7.98 -13.38 27.44
N ILE D 346 8.67 -12.73 28.37
CA ILE D 346 8.21 -11.48 28.98
C ILE D 346 8.00 -10.33 27.98
N GLN D 347 7.03 -9.47 28.26
CA GLN D 347 6.76 -8.28 27.43
C GLN D 347 7.15 -7.02 28.20
N PRO D 348 7.27 -5.87 27.50
CA PRO D 348 7.60 -4.58 28.13
C PRO D 348 6.78 -4.19 29.37
N TYR D 349 5.45 -4.11 29.24
CA TYR D 349 4.56 -3.75 30.37
C TYR D 349 4.93 -4.48 31.65
N TYR D 350 5.17 -5.79 31.55
CA TYR D 350 5.52 -6.63 32.72
C TYR D 350 7.01 -6.59 33.11
N ALA D 351 7.92 -6.44 32.14
CA ALA D 351 9.37 -6.39 32.41
C ALA D 351 9.77 -5.20 33.31
N LEU D 352 9.17 -4.05 33.05
CA LEU D 352 9.33 -2.84 33.88
C LEU D 352 8.75 -2.94 35.32
N GLN D 353 7.96 -3.96 35.61
CA GLN D 353 7.48 -4.26 36.97
C GLN D 353 8.29 -5.37 37.65
N HIS D 354 9.38 -5.82 37.05
CA HIS D 354 10.19 -6.89 37.64
C HIS D 354 10.91 -6.36 38.87
N SER D 355 11.09 -7.24 39.86
CA SER D 355 11.75 -6.92 41.14
C SER D 355 13.16 -6.36 40.98
N PHE D 356 13.82 -6.73 39.89
CA PHE D 356 15.11 -6.15 39.49
C PHE D 356 15.10 -4.61 39.49
N PHE D 357 14.01 -4.02 38.99
CA PHE D 357 13.85 -2.58 38.98
C PHE D 357 13.16 -2.11 40.26
CAC B7W E . -26.73 -19.60 -0.29
CAB B7W E . -27.97 -19.63 0.38
NAA B7W E . -29.04 -20.12 -0.24
CAG B7W E . -28.08 -19.17 1.68
CAF B7W E . -26.95 -18.67 2.33
CAE B7W E . -25.72 -18.63 1.67
CAD B7W E . -25.59 -19.08 0.35
CAH B7W E . -24.34 -19.05 -0.29
CAP B7W E . -23.49 -17.95 -0.19
CAO B7W E . -22.29 -17.95 -0.81
CAI B7W E . -23.90 -20.15 -1.02
NAJ B7W E . -22.64 -20.10 -1.63
CAK B7W E . -21.87 -19.01 -1.51
NAL B7W E . -20.66 -18.76 -2.00
CAM B7W E . -20.30 -17.54 -1.61
CAN B7W E . -21.30 -17.05 -0.88
CAQ B7W E . -21.27 -15.83 -0.33
CAV B7W E . -21.52 -15.66 1.04
CAU B7W E . -21.49 -14.41 1.63
CAT B7W E . -21.20 -13.28 0.86
NAS B7W E . -20.95 -13.43 -0.52
CAR B7W E . -20.99 -14.71 -1.11
CAC B7W F . -22.61 24.26 5.13
CAB B7W F . -24.00 24.36 4.99
NAA B7W F . -24.57 25.52 4.67
CAG B7W F . -24.79 23.23 5.19
CAF B7W F . -24.20 22.02 5.53
CAE B7W F . -22.81 21.92 5.68
CAD B7W F . -22.01 23.04 5.47
CAH B7W F . -20.62 22.96 5.62
CAP B7W F . -19.88 21.89 5.08
CAO B7W F . -18.55 21.81 5.24
CAI B7W F . -19.92 23.93 6.32
NAJ B7W F . -18.53 23.82 6.45
CAK B7W F . -17.88 22.77 5.91
NAL B7W F . -16.59 22.47 5.91
CAM B7W F . -16.43 21.33 5.24
CAN B7W F . -17.63 20.93 4.82
CAQ B7W F . -17.82 19.80 4.11
CAV B7W F . -18.62 19.79 2.96
CAU B7W F . -18.82 18.62 2.23
CAT B7W F . -18.21 17.43 2.63
NAS B7W F . -17.40 17.42 3.77
CAR B7W F . -17.21 18.61 4.50
CAC B7W G . 22.83 -13.59 -22.02
CAB B7W G . 24.11 -13.25 -22.46
NAA B7W G . 25.01 -14.19 -22.71
CAG B7W G . 24.44 -11.90 -22.64
CAF B7W G . 23.49 -10.91 -22.38
CAE B7W G . 22.21 -11.26 -21.94
CAD B7W G . 21.87 -12.61 -21.75
CAH B7W G . 20.59 -12.96 -21.30
CAP B7W G . 19.97 -12.31 -20.23
CAO B7W G . 18.74 -12.67 -19.81
CAI B7W G . 19.89 -13.98 -21.94
NAJ B7W G . 18.62 -14.32 -21.48
CAK B7W G . 18.07 -13.66 -20.43
NAL B7W G . 16.89 -13.81 -19.84
CAM B7W G . 16.80 -12.93 -18.85
CAN B7W G . 17.94 -12.23 -18.83
CAQ B7W G . 18.16 -11.23 -17.95
CAV B7W G . 18.55 -9.96 -18.38
CAU B7W G . 18.78 -8.92 -17.48
CAT B7W G . 18.57 -9.12 -16.11
NAS B7W G . 18.16 -10.39 -15.66
CAR B7W G . 17.95 -11.43 -16.58
CAC B7W H . 28.84 9.12 16.78
CAB B7W H . 30.10 8.53 16.95
NAA B7W H . 31.18 9.30 17.12
CAG B7W H . 30.23 7.15 16.94
CAF B7W H . 29.10 6.35 16.77
CAE B7W H . 27.85 6.94 16.60
CAD B7W H . 27.70 8.33 16.60
CAH B7W H . 26.43 8.91 16.44
CAP B7W H . 25.48 8.43 15.51
CAO B7W H . 24.27 9.00 15.38
CAI B7W H . 26.04 9.98 17.24
NAJ B7W H . 24.77 10.54 17.08
CAK B7W H . 23.93 10.05 16.16
NAL B7W H . 22.68 10.43 15.85
CAM B7W H . 22.24 9.62 14.89
CAN B7W H . 23.21 8.76 14.60
CAQ B7W H . 23.07 7.79 13.67
CAV B7W H . 23.40 6.45 13.99
CAU B7W H . 23.25 5.43 13.06
CAT B7W H . 22.74 5.70 11.80
NAS B7W H . 22.37 7.02 11.46
CAR B7W H . 22.53 8.06 12.41
#